data_5F6A
# 
_entry.id   5F6A 
# 
_audit_conform.dict_name       mmcif_pdbx.dic 
_audit_conform.dict_version    5.387 
_audit_conform.dict_location   http://mmcif.pdb.org/dictionaries/ascii/mmcif_pdbx.dic 
# 
loop_
_database_2.database_id 
_database_2.database_code 
_database_2.pdbx_database_accession 
_database_2.pdbx_DOI 
PDB   5F6A         pdb_00005f6a 10.2210/pdb5f6a/pdb 
WWPDB D_1000216098 ?            ?                   
# 
loop_
_pdbx_audit_revision_history.ordinal 
_pdbx_audit_revision_history.data_content_type 
_pdbx_audit_revision_history.major_revision 
_pdbx_audit_revision_history.minor_revision 
_pdbx_audit_revision_history.revision_date 
1 'Structure model' 1 0 2016-12-07 
2 'Structure model' 1 1 2024-03-06 
# 
_pdbx_audit_revision_details.ordinal             1 
_pdbx_audit_revision_details.revision_ordinal    1 
_pdbx_audit_revision_details.data_content_type   'Structure model' 
_pdbx_audit_revision_details.provider            repository 
_pdbx_audit_revision_details.type                'Initial release' 
_pdbx_audit_revision_details.description         ? 
_pdbx_audit_revision_details.details             ? 
# 
loop_
_pdbx_audit_revision_group.ordinal 
_pdbx_audit_revision_group.revision_ordinal 
_pdbx_audit_revision_group.data_content_type 
_pdbx_audit_revision_group.group 
1 2 'Structure model' 'Data collection'     
2 2 'Structure model' 'Database references' 
# 
loop_
_pdbx_audit_revision_category.ordinal 
_pdbx_audit_revision_category.revision_ordinal 
_pdbx_audit_revision_category.data_content_type 
_pdbx_audit_revision_category.category 
1 2 'Structure model' chem_comp_atom 
2 2 'Structure model' chem_comp_bond 
3 2 'Structure model' database_2     
# 
loop_
_pdbx_audit_revision_item.ordinal 
_pdbx_audit_revision_item.revision_ordinal 
_pdbx_audit_revision_item.data_content_type 
_pdbx_audit_revision_item.item 
1 2 'Structure model' '_database_2.pdbx_DOI'                
2 2 'Structure model' '_database_2.pdbx_database_accession' 
# 
_pdbx_database_status.status_code                     REL 
_pdbx_database_status.status_code_sf                  REL 
_pdbx_database_status.status_code_mr                  ? 
_pdbx_database_status.entry_id                        5F6A 
_pdbx_database_status.recvd_initial_deposition_date   2015-12-05 
_pdbx_database_status.SG_entry                        N 
_pdbx_database_status.deposit_site                    RCSB 
_pdbx_database_status.process_site                    RCSB 
_pdbx_database_status.status_code_cs                  ? 
_pdbx_database_status.methods_development_category    ? 
_pdbx_database_status.pdb_format_compatible           Y 
_pdbx_database_status.status_code_nmr_data            ? 
# 
loop_
_pdbx_database_related.content_type 
_pdbx_database_related.db_id 
_pdbx_database_related.db_name 
_pdbx_database_related.details 
unspecified 5F69 PDB . 
unspecified 5F68 PDB . 
unspecified 5F5Y PDB . 
# 
loop_
_audit_author.name 
_audit_author.pdbx_ordinal 
'Manahan, C.C.' 1 
'Crane, B.R.'   2 
# 
_citation.abstract                  ? 
_citation.abstract_id_CAS           ? 
_citation.book_id_ISBN              ? 
_citation.book_publisher            ? 
_citation.book_publisher_city       ? 
_citation.book_title                ? 
_citation.coordinate_linkage        ? 
_citation.country                   ? 
_citation.database_id_Medline       ? 
_citation.details                   ? 
_citation.id                        primary 
_citation.journal_abbrev            'To Be Published' 
_citation.journal_id_ASTM           ? 
_citation.journal_id_CSD            0353 
_citation.journal_id_ISSN           ? 
_citation.journal_full              ? 
_citation.journal_issue             ? 
_citation.journal_volume            ? 
_citation.language                  ? 
_citation.page_first                ? 
_citation.page_last                 ? 
_citation.title                     'Drosophila Melanogaster Cycle PAS-B' 
_citation.year                      ? 
_citation.database_id_CSD           ? 
_citation.pdbx_database_id_DOI      ? 
_citation.pdbx_database_id_PubMed   ? 
_citation.unpublished_flag          ? 
# 
loop_
_citation_author.citation_id 
_citation_author.name 
_citation_author.ordinal 
_citation_author.identifier_ORCID 
primary 'Manahan, C.C.' 1 ? 
primary 'Crane, B.R.'   2 ? 
# 
loop_
_entity.id 
_entity.type 
_entity.src_method 
_entity.pdbx_description 
_entity.formula_weight 
_entity.pdbx_number_of_molecules 
_entity.pdbx_ec 
_entity.pdbx_mutation 
_entity.pdbx_fragment 
_entity.details 
1 polymer man 'Protein cycle' 12106.827 1  ? ? ? ? 
2 water   nat water           18.015    29 ? ? ? ? 
# 
_entity_name_com.entity_id   1 
_entity_name_com.name        'Brain and muscle ARNT-like 1,BMAL1,MOP3' 
# 
_entity_poly.entity_id                      1 
_entity_poly.type                           'polypeptide(L)' 
_entity_poly.nstd_linkage                   no 
_entity_poly.nstd_monomer                   no 
_entity_poly.pdbx_seq_one_letter_code       
;MFISRHSGEGKFLFIDQRATLVIGFLPQEILGTSFYEYFHNEDIAALMESHKMVMQVPEKVTTQVYRFRCKDNSYIQLQS
EWRAFKNPATSEIDYIIAKNSVF
;
_entity_poly.pdbx_seq_one_letter_code_can   
;MFISRHSGEGKFLFIDQRATLVIGFLPQEILGTSFYEYFHNEDIAALMESHKMVMQVPEKVTTQVYRFRCKDNSYIQLQS
EWRAFKNPATSEIDYIIAKNSVF
;
_entity_poly.pdbx_strand_id                 A 
_entity_poly.pdbx_target_identifier         ? 
# 
_pdbx_entity_nonpoly.entity_id   2 
_pdbx_entity_nonpoly.name        water 
_pdbx_entity_nonpoly.comp_id     HOH 
# 
loop_
_entity_poly_seq.entity_id 
_entity_poly_seq.num 
_entity_poly_seq.mon_id 
_entity_poly_seq.hetero 
1 1   MET n 
1 2   PHE n 
1 3   ILE n 
1 4   SER n 
1 5   ARG n 
1 6   HIS n 
1 7   SER n 
1 8   GLY n 
1 9   GLU n 
1 10  GLY n 
1 11  LYS n 
1 12  PHE n 
1 13  LEU n 
1 14  PHE n 
1 15  ILE n 
1 16  ASP n 
1 17  GLN n 
1 18  ARG n 
1 19  ALA n 
1 20  THR n 
1 21  LEU n 
1 22  VAL n 
1 23  ILE n 
1 24  GLY n 
1 25  PHE n 
1 26  LEU n 
1 27  PRO n 
1 28  GLN n 
1 29  GLU n 
1 30  ILE n 
1 31  LEU n 
1 32  GLY n 
1 33  THR n 
1 34  SER n 
1 35  PHE n 
1 36  TYR n 
1 37  GLU n 
1 38  TYR n 
1 39  PHE n 
1 40  HIS n 
1 41  ASN n 
1 42  GLU n 
1 43  ASP n 
1 44  ILE n 
1 45  ALA n 
1 46  ALA n 
1 47  LEU n 
1 48  MET n 
1 49  GLU n 
1 50  SER n 
1 51  HIS n 
1 52  LYS n 
1 53  MET n 
1 54  VAL n 
1 55  MET n 
1 56  GLN n 
1 57  VAL n 
1 58  PRO n 
1 59  GLU n 
1 60  LYS n 
1 61  VAL n 
1 62  THR n 
1 63  THR n 
1 64  GLN n 
1 65  VAL n 
1 66  TYR n 
1 67  ARG n 
1 68  PHE n 
1 69  ARG n 
1 70  CYS n 
1 71  LYS n 
1 72  ASP n 
1 73  ASN n 
1 74  SER n 
1 75  TYR n 
1 76  ILE n 
1 77  GLN n 
1 78  LEU n 
1 79  GLN n 
1 80  SER n 
1 81  GLU n 
1 82  TRP n 
1 83  ARG n 
1 84  ALA n 
1 85  PHE n 
1 86  LYS n 
1 87  ASN n 
1 88  PRO n 
1 89  ALA n 
1 90  THR n 
1 91  SER n 
1 92  GLU n 
1 93  ILE n 
1 94  ASP n 
1 95  TYR n 
1 96  ILE n 
1 97  ILE n 
1 98  ALA n 
1 99  LYS n 
1 100 ASN n 
1 101 SER n 
1 102 VAL n 
1 103 PHE n 
# 
_entity_src_gen.entity_id                          1 
_entity_src_gen.pdbx_src_id                        1 
_entity_src_gen.pdbx_alt_source_flag               sample 
_entity_src_gen.pdbx_seq_type                      'Biological sequence' 
_entity_src_gen.pdbx_beg_seq_num                   1 
_entity_src_gen.pdbx_end_seq_num                   103 
_entity_src_gen.gene_src_common_name               'Fruit fly' 
_entity_src_gen.gene_src_genus                     ? 
_entity_src_gen.pdbx_gene_src_gene                 'cyc, CG8727' 
_entity_src_gen.gene_src_species                   ? 
_entity_src_gen.gene_src_strain                    ? 
_entity_src_gen.gene_src_tissue                    ? 
_entity_src_gen.gene_src_tissue_fraction           ? 
_entity_src_gen.gene_src_details                   ? 
_entity_src_gen.pdbx_gene_src_fragment             ? 
_entity_src_gen.pdbx_gene_src_scientific_name      'Drosophila melanogaster' 
_entity_src_gen.pdbx_gene_src_ncbi_taxonomy_id     7227 
_entity_src_gen.pdbx_gene_src_variant              ? 
_entity_src_gen.pdbx_gene_src_cell_line            ? 
_entity_src_gen.pdbx_gene_src_atcc                 ? 
_entity_src_gen.pdbx_gene_src_organ                ? 
_entity_src_gen.pdbx_gene_src_organelle            ? 
_entity_src_gen.pdbx_gene_src_cell                 ? 
_entity_src_gen.pdbx_gene_src_cellular_location    ? 
_entity_src_gen.host_org_common_name               ? 
_entity_src_gen.pdbx_host_org_scientific_name      'Escherichia coli' 
_entity_src_gen.pdbx_host_org_ncbi_taxonomy_id     562 
_entity_src_gen.host_org_genus                     ? 
_entity_src_gen.pdbx_host_org_gene                 ? 
_entity_src_gen.pdbx_host_org_organ                ? 
_entity_src_gen.host_org_species                   ? 
_entity_src_gen.pdbx_host_org_tissue               ? 
_entity_src_gen.pdbx_host_org_tissue_fraction      ? 
_entity_src_gen.pdbx_host_org_strain               ? 
_entity_src_gen.pdbx_host_org_variant              ? 
_entity_src_gen.pdbx_host_org_cell_line            ? 
_entity_src_gen.pdbx_host_org_atcc                 ? 
_entity_src_gen.pdbx_host_org_culture_collection   ? 
_entity_src_gen.pdbx_host_org_cell                 ? 
_entity_src_gen.pdbx_host_org_organelle            ? 
_entity_src_gen.pdbx_host_org_cellular_location    ? 
_entity_src_gen.pdbx_host_org_vector_type          ? 
_entity_src_gen.pdbx_host_org_vector               ? 
_entity_src_gen.host_org_details                   ? 
_entity_src_gen.expression_system_id               ? 
_entity_src_gen.plasmid_name                       ? 
_entity_src_gen.plasmid_details                    ? 
_entity_src_gen.pdbx_description                   ? 
# 
loop_
_chem_comp.id 
_chem_comp.type 
_chem_comp.mon_nstd_flag 
_chem_comp.name 
_chem_comp.pdbx_synonyms 
_chem_comp.formula 
_chem_comp.formula_weight 
ALA 'L-peptide linking' y ALANINE         ? 'C3 H7 N O2'     89.093  
ARG 'L-peptide linking' y ARGININE        ? 'C6 H15 N4 O2 1' 175.209 
ASN 'L-peptide linking' y ASPARAGINE      ? 'C4 H8 N2 O3'    132.118 
ASP 'L-peptide linking' y 'ASPARTIC ACID' ? 'C4 H7 N O4'     133.103 
CYS 'L-peptide linking' y CYSTEINE        ? 'C3 H7 N O2 S'   121.158 
GLN 'L-peptide linking' y GLUTAMINE       ? 'C5 H10 N2 O3'   146.144 
GLU 'L-peptide linking' y 'GLUTAMIC ACID' ? 'C5 H9 N O4'     147.129 
GLY 'peptide linking'   y GLYCINE         ? 'C2 H5 N O2'     75.067  
HIS 'L-peptide linking' y HISTIDINE       ? 'C6 H10 N3 O2 1' 156.162 
HOH non-polymer         . WATER           ? 'H2 O'           18.015  
ILE 'L-peptide linking' y ISOLEUCINE      ? 'C6 H13 N O2'    131.173 
LEU 'L-peptide linking' y LEUCINE         ? 'C6 H13 N O2'    131.173 
LYS 'L-peptide linking' y LYSINE          ? 'C6 H15 N2 O2 1' 147.195 
MET 'L-peptide linking' y METHIONINE      ? 'C5 H11 N O2 S'  149.211 
PHE 'L-peptide linking' y PHENYLALANINE   ? 'C9 H11 N O2'    165.189 
PRO 'L-peptide linking' y PROLINE         ? 'C5 H9 N O2'     115.130 
SER 'L-peptide linking' y SERINE          ? 'C3 H7 N O3'     105.093 
THR 'L-peptide linking' y THREONINE       ? 'C4 H9 N O3'     119.119 
TRP 'L-peptide linking' y TRYPTOPHAN      ? 'C11 H12 N2 O2'  204.225 
TYR 'L-peptide linking' y TYROSINE        ? 'C9 H11 N O3'    181.189 
VAL 'L-peptide linking' y VALINE          ? 'C5 H11 N O2'    117.146 
# 
loop_
_pdbx_poly_seq_scheme.asym_id 
_pdbx_poly_seq_scheme.entity_id 
_pdbx_poly_seq_scheme.seq_id 
_pdbx_poly_seq_scheme.mon_id 
_pdbx_poly_seq_scheme.ndb_seq_num 
_pdbx_poly_seq_scheme.pdb_seq_num 
_pdbx_poly_seq_scheme.auth_seq_num 
_pdbx_poly_seq_scheme.pdb_mon_id 
_pdbx_poly_seq_scheme.auth_mon_id 
_pdbx_poly_seq_scheme.pdb_strand_id 
_pdbx_poly_seq_scheme.pdb_ins_code 
_pdbx_poly_seq_scheme.hetero 
A 1 1   MET 1   310 310 MET MET A . n 
A 1 2   PHE 2   311 311 PHE PHE A . n 
A 1 3   ILE 3   312 312 ILE ILE A . n 
A 1 4   SER 4   313 313 SER SER A . n 
A 1 5   ARG 5   314 314 ARG ARG A . n 
A 1 6   HIS 6   315 315 HIS HIS A . n 
A 1 7   SER 7   316 316 SER SER A . n 
A 1 8   GLY 8   317 317 GLY GLY A . n 
A 1 9   GLU 9   318 318 GLU GLU A . n 
A 1 10  GLY 10  319 319 GLY GLY A . n 
A 1 11  LYS 11  320 320 LYS LYS A . n 
A 1 12  PHE 12  321 321 PHE PHE A . n 
A 1 13  LEU 13  322 322 LEU LEU A . n 
A 1 14  PHE 14  323 323 PHE PHE A . n 
A 1 15  ILE 15  324 324 ILE ILE A . n 
A 1 16  ASP 16  325 325 ASP ASP A . n 
A 1 17  GLN 17  326 326 GLN GLN A . n 
A 1 18  ARG 18  327 327 ARG ARG A . n 
A 1 19  ALA 19  328 328 ALA ALA A . n 
A 1 20  THR 20  329 329 THR THR A . n 
A 1 21  LEU 21  330 330 LEU LEU A . n 
A 1 22  VAL 22  331 331 VAL VAL A . n 
A 1 23  ILE 23  332 332 ILE ILE A . n 
A 1 24  GLY 24  333 333 GLY GLY A . n 
A 1 25  PHE 25  334 334 PHE PHE A . n 
A 1 26  LEU 26  335 335 LEU LEU A . n 
A 1 27  PRO 27  336 336 PRO PRO A . n 
A 1 28  GLN 28  337 337 GLN GLN A . n 
A 1 29  GLU 29  338 338 GLU GLU A . n 
A 1 30  ILE 30  339 339 ILE ILE A . n 
A 1 31  LEU 31  340 340 LEU LEU A . n 
A 1 32  GLY 32  341 341 GLY GLY A . n 
A 1 33  THR 33  342 342 THR THR A . n 
A 1 34  SER 34  343 343 SER SER A . n 
A 1 35  PHE 35  344 344 PHE PHE A . n 
A 1 36  TYR 36  345 345 TYR TYR A . n 
A 1 37  GLU 37  346 346 GLU GLU A . n 
A 1 38  TYR 38  347 347 TYR TYR A . n 
A 1 39  PHE 39  348 348 PHE PHE A . n 
A 1 40  HIS 40  349 349 HIS HIS A . n 
A 1 41  ASN 41  350 350 ASN ASN A . n 
A 1 42  GLU 42  351 351 GLU GLU A . n 
A 1 43  ASP 43  352 352 ASP ASP A . n 
A 1 44  ILE 44  353 353 ILE ILE A . n 
A 1 45  ALA 45  354 354 ALA ALA A . n 
A 1 46  ALA 46  355 355 ALA ALA A . n 
A 1 47  LEU 47  356 356 LEU LEU A . n 
A 1 48  MET 48  357 357 MET MET A . n 
A 1 49  GLU 49  358 358 GLU GLU A . n 
A 1 50  SER 50  359 359 SER SER A . n 
A 1 51  HIS 51  360 360 HIS HIS A . n 
A 1 52  LYS 52  361 361 LYS LYS A . n 
A 1 53  MET 53  362 362 MET MET A . n 
A 1 54  VAL 54  363 363 VAL VAL A . n 
A 1 55  MET 55  364 364 MET MET A . n 
A 1 56  GLN 56  365 365 GLN GLN A . n 
A 1 57  VAL 57  366 366 VAL VAL A . n 
A 1 58  PRO 58  367 367 PRO PRO A . n 
A 1 59  GLU 59  368 368 GLU GLU A . n 
A 1 60  LYS 60  369 369 LYS LYS A . n 
A 1 61  VAL 61  370 370 VAL VAL A . n 
A 1 62  THR 62  371 371 THR THR A . n 
A 1 63  THR 63  372 372 THR THR A . n 
A 1 64  GLN 64  373 373 GLN GLN A . n 
A 1 65  VAL 65  374 374 VAL VAL A . n 
A 1 66  TYR 66  375 375 TYR TYR A . n 
A 1 67  ARG 67  376 376 ARG ARG A . n 
A 1 68  PHE 68  377 377 PHE PHE A . n 
A 1 69  ARG 69  378 378 ARG ARG A . n 
A 1 70  CYS 70  379 379 CYS CYS A . n 
A 1 71  LYS 71  380 380 LYS LYS A . n 
A 1 72  ASP 72  381 381 ASP ASP A . n 
A 1 73  ASN 73  382 382 ASN ASN A . n 
A 1 74  SER 74  383 383 SER SER A . n 
A 1 75  TYR 75  384 384 TYR TYR A . n 
A 1 76  ILE 76  385 385 ILE ILE A . n 
A 1 77  GLN 77  386 386 GLN GLN A . n 
A 1 78  LEU 78  387 387 LEU LEU A . n 
A 1 79  GLN 79  388 388 GLN GLN A . n 
A 1 80  SER 80  389 389 SER SER A . n 
A 1 81  GLU 81  390 390 GLU GLU A . n 
A 1 82  TRP 82  391 391 TRP TRP A . n 
A 1 83  ARG 83  392 392 ARG ARG A . n 
A 1 84  ALA 84  393 393 ALA ALA A . n 
A 1 85  PHE 85  394 394 PHE PHE A . n 
A 1 86  LYS 86  395 395 LYS LYS A . n 
A 1 87  ASN 87  396 396 ASN ASN A . n 
A 1 88  PRO 88  397 397 PRO PRO A . n 
A 1 89  ALA 89  398 398 ALA ALA A . n 
A 1 90  THR 90  399 399 THR THR A . n 
A 1 91  SER 91  400 400 SER SER A . n 
A 1 92  GLU 92  401 401 GLU GLU A . n 
A 1 93  ILE 93  402 402 ILE ILE A . n 
A 1 94  ASP 94  403 403 ASP ASP A . n 
A 1 95  TYR 95  404 404 TYR TYR A . n 
A 1 96  ILE 96  405 405 ILE ILE A . n 
A 1 97  ILE 97  406 406 ILE ILE A . n 
A 1 98  ALA 98  407 407 ALA ALA A . n 
A 1 99  LYS 99  408 408 LYS LYS A . n 
A 1 100 ASN 100 409 409 ASN ASN A . n 
A 1 101 SER 101 410 410 SER SER A . n 
A 1 102 VAL 102 411 411 VAL VAL A . n 
A 1 103 PHE 103 412 412 PHE PHE A . n 
# 
loop_
_pdbx_nonpoly_scheme.asym_id 
_pdbx_nonpoly_scheme.entity_id 
_pdbx_nonpoly_scheme.mon_id 
_pdbx_nonpoly_scheme.ndb_seq_num 
_pdbx_nonpoly_scheme.pdb_seq_num 
_pdbx_nonpoly_scheme.auth_seq_num 
_pdbx_nonpoly_scheme.pdb_mon_id 
_pdbx_nonpoly_scheme.auth_mon_id 
_pdbx_nonpoly_scheme.pdb_strand_id 
_pdbx_nonpoly_scheme.pdb_ins_code 
B 2 HOH 1  501 3  HOH HOH A . 
B 2 HOH 2  502 18 HOH HOH A . 
B 2 HOH 3  503 13 HOH HOH A . 
B 2 HOH 4  504 26 HOH HOH A . 
B 2 HOH 5  505 9  HOH HOH A . 
B 2 HOH 6  506 10 HOH HOH A . 
B 2 HOH 7  507 16 HOH HOH A . 
B 2 HOH 8  508 17 HOH HOH A . 
B 2 HOH 9  509 4  HOH HOH A . 
B 2 HOH 10 510 15 HOH HOH A . 
B 2 HOH 11 511 21 HOH HOH A . 
B 2 HOH 12 512 2  HOH HOH A . 
B 2 HOH 13 513 8  HOH HOH A . 
B 2 HOH 14 514 34 HOH HOH A . 
B 2 HOH 15 515 7  HOH HOH A . 
B 2 HOH 16 516 12 HOH HOH A . 
B 2 HOH 17 517 6  HOH HOH A . 
B 2 HOH 18 518 23 HOH HOH A . 
B 2 HOH 19 519 5  HOH HOH A . 
B 2 HOH 20 520 11 HOH HOH A . 
B 2 HOH 21 521 35 HOH HOH A . 
B 2 HOH 22 522 27 HOH HOH A . 
B 2 HOH 23 523 32 HOH HOH A . 
B 2 HOH 24 524 20 HOH HOH A . 
B 2 HOH 25 525 33 HOH HOH A . 
B 2 HOH 26 526 31 HOH HOH A . 
B 2 HOH 27 527 30 HOH HOH A . 
B 2 HOH 28 528 28 HOH HOH A . 
B 2 HOH 29 529 29 HOH HOH A . 
# 
loop_
_software.citation_id 
_software.classification 
_software.compiler_name 
_software.compiler_version 
_software.contact_author 
_software.contact_author_email 
_software.date 
_software.description 
_software.dependencies 
_software.hardware 
_software.language 
_software.location 
_software.mods 
_software.name 
_software.os 
_software.os_version 
_software.type 
_software.version 
_software.pdbx_ordinal 
? 'data scaling'    ? ? ? ? ? ? ? ? ? ? ? HKL-2000    ? ? ? .    1 
? refinement        ? ? ? ? ? ? ? ? ? ? ? PHENIX      ? ? ? .    2 
? 'data extraction' ? ? ? ? ? ? ? ? ? ? ? PDB_EXTRACT ? ? ? 3.15 3 
? 'model building'  ? ? ? ? ? ? ? ? ? ? ? Coot        ? ? ? .    4 
# 
_cell.angle_alpha                  90.000 
_cell.angle_alpha_esd              ? 
_cell.angle_beta                   115.320 
_cell.angle_beta_esd               ? 
_cell.angle_gamma                  90.000 
_cell.angle_gamma_esd              ? 
_cell.entry_id                     5F6A 
_cell.details                      ? 
_cell.formula_units_Z              ? 
_cell.length_a                     72.999 
_cell.length_a_esd                 ? 
_cell.length_b                     44.523 
_cell.length_b_esd                 ? 
_cell.length_c                     38.185 
_cell.length_c_esd                 ? 
_cell.volume                       ? 
_cell.volume_esd                   ? 
_cell.Z_PDB                        4 
_cell.reciprocal_angle_alpha       ? 
_cell.reciprocal_angle_beta        ? 
_cell.reciprocal_angle_gamma       ? 
_cell.reciprocal_angle_alpha_esd   ? 
_cell.reciprocal_angle_beta_esd    ? 
_cell.reciprocal_angle_gamma_esd   ? 
_cell.reciprocal_length_a          ? 
_cell.reciprocal_length_b          ? 
_cell.reciprocal_length_c          ? 
_cell.reciprocal_length_a_esd      ? 
_cell.reciprocal_length_b_esd      ? 
_cell.reciprocal_length_c_esd      ? 
_cell.pdbx_unique_axis             ? 
# 
_symmetry.entry_id                         5F6A 
_symmetry.cell_setting                     ? 
_symmetry.Int_Tables_number                5 
_symmetry.space_group_name_Hall            ? 
_symmetry.space_group_name_H-M             'C 1 2 1' 
_symmetry.pdbx_full_space_group_name_H-M   ? 
# 
_exptl.absorpt_coefficient_mu     ? 
_exptl.absorpt_correction_T_max   ? 
_exptl.absorpt_correction_T_min   ? 
_exptl.absorpt_correction_type    ? 
_exptl.absorpt_process_details    ? 
_exptl.entry_id                   5F6A 
_exptl.crystals_number            1 
_exptl.details                    ? 
_exptl.method                     'X-RAY DIFFRACTION' 
_exptl.method_details             ? 
# 
_exptl_crystal.colour                      ? 
_exptl_crystal.density_diffrn              ? 
_exptl_crystal.density_Matthews            2.32 
_exptl_crystal.density_method              ? 
_exptl_crystal.density_percent_sol         46.90 
_exptl_crystal.description                 ? 
_exptl_crystal.F_000                       ? 
_exptl_crystal.id                          1 
_exptl_crystal.preparation                 ? 
_exptl_crystal.size_max                    ? 
_exptl_crystal.size_mid                    ? 
_exptl_crystal.size_min                    ? 
_exptl_crystal.size_rad                    ? 
_exptl_crystal.colour_lustre               ? 
_exptl_crystal.colour_modifier             ? 
_exptl_crystal.colour_primary              ? 
_exptl_crystal.density_meas                ? 
_exptl_crystal.density_meas_esd            ? 
_exptl_crystal.density_meas_gt             ? 
_exptl_crystal.density_meas_lt             ? 
_exptl_crystal.density_meas_temp           ? 
_exptl_crystal.density_meas_temp_esd       ? 
_exptl_crystal.density_meas_temp_gt        ? 
_exptl_crystal.density_meas_temp_lt        ? 
_exptl_crystal.pdbx_crystal_image_url      ? 
_exptl_crystal.pdbx_crystal_image_format   ? 
_exptl_crystal.pdbx_mosaicity              ? 
_exptl_crystal.pdbx_mosaicity_esd          ? 
# 
_exptl_crystal_grow.apparatus       ? 
_exptl_crystal_grow.atmosphere      ? 
_exptl_crystal_grow.crystal_id      1 
_exptl_crystal_grow.details         ? 
_exptl_crystal_grow.method          'VAPOR DIFFUSION, HANGING DROP' 
_exptl_crystal_grow.method_ref      ? 
_exptl_crystal_grow.pH              ? 
_exptl_crystal_grow.pressure        ? 
_exptl_crystal_grow.pressure_esd    ? 
_exptl_crystal_grow.seeding         ? 
_exptl_crystal_grow.seeding_ref     ? 
_exptl_crystal_grow.temp            298 
_exptl_crystal_grow.temp_details    ? 
_exptl_crystal_grow.temp_esd        ? 
_exptl_crystal_grow.time            ? 
_exptl_crystal_grow.pdbx_details    'Ammonium Sulfate' 
_exptl_crystal_grow.pdbx_pH_range   ? 
# 
_diffrn.ambient_environment    ? 
_diffrn.ambient_temp           100 
_diffrn.ambient_temp_details   ? 
_diffrn.ambient_temp_esd       ? 
_diffrn.crystal_id             1 
_diffrn.crystal_support        ? 
_diffrn.crystal_treatment      ? 
_diffrn.details                ? 
_diffrn.id                     1 
_diffrn.ambient_pressure       ? 
_diffrn.ambient_pressure_esd   ? 
_diffrn.ambient_pressure_gt    ? 
_diffrn.ambient_pressure_lt    ? 
_diffrn.ambient_temp_gt        ? 
_diffrn.ambient_temp_lt        ? 
# 
_diffrn_detector.details                      ? 
_diffrn_detector.detector                     PIXEL 
_diffrn_detector.diffrn_id                    1 
_diffrn_detector.type                         'DECTRIS PILATUS3 R 100K-A' 
_diffrn_detector.area_resol_mean              ? 
_diffrn_detector.dtime                        ? 
_diffrn_detector.pdbx_frames_total            ? 
_diffrn_detector.pdbx_collection_time_total   ? 
_diffrn_detector.pdbx_collection_date         2015-11-05 
# 
_diffrn_radiation.collimation                      ? 
_diffrn_radiation.diffrn_id                        1 
_diffrn_radiation.filter_edge                      ? 
_diffrn_radiation.inhomogeneity                    ? 
_diffrn_radiation.monochromator                    ? 
_diffrn_radiation.polarisn_norm                    ? 
_diffrn_radiation.polarisn_ratio                   ? 
_diffrn_radiation.probe                            ? 
_diffrn_radiation.type                             ? 
_diffrn_radiation.xray_symbol                      ? 
_diffrn_radiation.wavelength_id                    1 
_diffrn_radiation.pdbx_monochromatic_or_laue_m_l   M 
_diffrn_radiation.pdbx_wavelength_list             ? 
_diffrn_radiation.pdbx_wavelength                  ? 
_diffrn_radiation.pdbx_diffrn_protocol             'SINGLE WAVELENGTH' 
_diffrn_radiation.pdbx_analyzer                    ? 
_diffrn_radiation.pdbx_scattering_type             x-ray 
# 
_diffrn_radiation_wavelength.id           1 
_diffrn_radiation_wavelength.wavelength   .987 
_diffrn_radiation_wavelength.wt           1.0 
# 
_diffrn_source.current                     ? 
_diffrn_source.details                     ? 
_diffrn_source.diffrn_id                   1 
_diffrn_source.power                       ? 
_diffrn_source.size                        ? 
_diffrn_source.source                      SYNCHROTRON 
_diffrn_source.target                      ? 
_diffrn_source.type                        'CHESS BEAMLINE F1' 
_diffrn_source.voltage                     ? 
_diffrn_source.take-off_angle              ? 
_diffrn_source.pdbx_wavelength_list        .987 
_diffrn_source.pdbx_wavelength             ? 
_diffrn_source.pdbx_synchrotron_beamline   F1 
_diffrn_source.pdbx_synchrotron_site       CHESS 
# 
_reflns.B_iso_Wilson_estimate            26.380 
_reflns.entry_id                         5F6A 
_reflns.data_reduction_details           ? 
_reflns.data_reduction_method            ? 
_reflns.d_resolution_high                1.930 
_reflns.d_resolution_low                 50.000 
_reflns.details                          ? 
_reflns.limit_h_max                      ? 
_reflns.limit_h_min                      ? 
_reflns.limit_k_max                      ? 
_reflns.limit_k_min                      ? 
_reflns.limit_l_max                      ? 
_reflns.limit_l_min                      ? 
_reflns.number_all                       ? 
_reflns.number_obs                       6663 
_reflns.observed_criterion               ? 
_reflns.observed_criterion_F_max         ? 
_reflns.observed_criterion_F_min         ? 
_reflns.observed_criterion_I_max         ? 
_reflns.observed_criterion_I_min         ? 
_reflns.observed_criterion_sigma_F       ? 
_reflns.observed_criterion_sigma_I       ? 
_reflns.percent_possible_obs             78.500 
_reflns.R_free_details                   ? 
_reflns.Rmerge_F_all                     ? 
_reflns.Rmerge_F_obs                     ? 
_reflns.Friedel_coverage                 ? 
_reflns.number_gt                        ? 
_reflns.threshold_expression             ? 
_reflns.pdbx_redundancy                  2.900 
_reflns.pdbx_Rmerge_I_obs                0.097 
_reflns.pdbx_Rmerge_I_all                ? 
_reflns.pdbx_Rsym_value                  ? 
_reflns.pdbx_netI_over_av_sigmaI         9.476 
_reflns.pdbx_netI_over_sigmaI            4.300 
_reflns.pdbx_res_netI_over_av_sigmaI_2   ? 
_reflns.pdbx_res_netI_over_sigmaI_2      ? 
_reflns.pdbx_chi_squared                 0.962 
_reflns.pdbx_scaling_rejects             ? 
_reflns.pdbx_d_res_high_opt              ? 
_reflns.pdbx_d_res_low_opt               ? 
_reflns.pdbx_d_res_opt_method            ? 
_reflns.phase_calculation_details        ? 
_reflns.pdbx_Rrim_I_all                  0.117 
_reflns.pdbx_Rpim_I_all                  0.064 
_reflns.pdbx_d_opt                       ? 
_reflns.pdbx_number_measured_all         19318 
_reflns.pdbx_diffrn_id                   1 
_reflns.pdbx_ordinal                     1 
_reflns.pdbx_CC_half                     ? 
_reflns.pdbx_R_split                     ? 
# 
loop_
_reflns_shell.d_res_high 
_reflns_shell.d_res_low 
_reflns_shell.meanI_over_sigI_all 
_reflns_shell.meanI_over_sigI_obs 
_reflns_shell.number_measured_all 
_reflns_shell.number_measured_obs 
_reflns_shell.number_possible 
_reflns_shell.number_unique_all 
_reflns_shell.number_unique_obs 
_reflns_shell.percent_possible_all 
_reflns_shell.percent_possible_obs 
_reflns_shell.Rmerge_F_all 
_reflns_shell.Rmerge_F_obs 
_reflns_shell.Rmerge_I_all 
_reflns_shell.Rmerge_I_obs 
_reflns_shell.meanI_over_sigI_gt 
_reflns_shell.meanI_over_uI_all 
_reflns_shell.meanI_over_uI_gt 
_reflns_shell.number_measured_gt 
_reflns_shell.number_unique_gt 
_reflns_shell.percent_possible_gt 
_reflns_shell.Rmerge_F_gt 
_reflns_shell.Rmerge_I_gt 
_reflns_shell.pdbx_redundancy 
_reflns_shell.pdbx_Rsym_value 
_reflns_shell.pdbx_chi_squared 
_reflns_shell.pdbx_netI_over_sigmaI_all 
_reflns_shell.pdbx_netI_over_sigmaI_obs 
_reflns_shell.pdbx_Rrim_I_all 
_reflns_shell.pdbx_Rpim_I_all 
_reflns_shell.pdbx_rejects 
_reflns_shell.pdbx_ordinal 
_reflns_shell.pdbx_diffrn_id 
_reflns_shell.pdbx_CC_half 
_reflns_shell.pdbx_R_split 
1.930 1.960  ? ? ? ? ? 148 ? 34.700  ? ? ? ? 0.486 ? ? ? ? ? ? ? ? 1.600 ? 0.646 ? ? 0.629 0.395 0 1  1 0.596 ? 
1.960 2.000  ? ? ? ? ? 180 ? 43.400  ? ? ? ? 0.524 ? ? ? ? ? ? ? ? 1.800 ? 0.535 ? ? 0.680 0.427 0 2  1 0.561 ? 
2.000 2.040  ? ? ? ? ? 210 ? 49.800  ? ? ? ? 0.396 ? ? ? ? ? ? ? ? 2.100 ? 0.534 ? ? 0.493 0.290 0 3  1 0.694 ? 
2.040 2.080  ? ? ? ? ? 203 ? 49.200  ? ? ? ? 0.348 ? ? ? ? ? ? ? ? 2.300 ? 0.649 ? ? 0.434 0.256 0 4  1 0.790 ? 
2.080 2.120  ? ? ? ? ? 228 ? 54.400  ? ? ? ? 0.404 ? ? ? ? ? ? ? ? 2.400 ? 0.688 ? ? 0.495 0.282 0 5  1 0.760 ? 
2.120 2.170  ? ? ? ? ? 254 ? 58.500  ? ? ? ? 0.372 ? ? ? ? ? ? ? ? 2.500 ? 0.899 ? ? 0.454 0.258 0 6  1 0.456 ? 
2.170 2.230  ? ? ? ? ? 265 ? 64.200  ? ? ? ? 0.329 ? ? ? ? ? ? ? ? 2.600 ? 0.610 ? ? 0.405 0.232 0 7  1 0.842 ? 
2.230 2.290  ? ? ? ? ? 288 ? 68.900  ? ? ? ? 0.291 ? ? ? ? ? ? ? ? 2.500 ? 0.672 ? ? 0.361 0.209 0 8  1 0.866 ? 
2.290 2.360  ? ? ? ? ? 330 ? 78.000  ? ? ? ? 0.261 ? ? ? ? ? ? ? ? 2.600 ? 0.599 ? ? 0.322 0.185 0 9  1 0.919 ? 
2.360 2.430  ? ? ? ? ? 335 ? 80.300  ? ? ? ? 0.257 ? ? ? ? ? ? ? ? 2.800 ? 0.642 ? ? 0.310 0.171 0 10 1 0.940 ? 
2.430 2.520  ? ? ? ? ? 387 ? 90.200  ? ? ? ? 0.233 ? ? ? ? ? ? ? ? 2.900 ? 0.666 ? ? 0.281 0.155 0 11 1 0.916 ? 
2.520 2.620  ? ? ? ? ? 406 ? 97.100  ? ? ? ? 0.205 ? ? ? ? ? ? ? ? 2.900 ? 0.667 ? ? 0.247 0.135 0 12 1 0.950 ? 
2.620 2.740  ? ? ? ? ? 414 ? 97.600  ? ? ? ? 0.195 ? ? ? ? ? ? ? ? 3.000 ? 0.647 ? ? 0.235 0.130 0 13 1 0.967 ? 
2.740 2.880  ? ? ? ? ? 434 ? 99.500  ? ? ? ? 0.160 ? ? ? ? ? ? ? ? 3.100 ? 0.683 ? ? 0.193 0.107 0 14 1 0.977 ? 
2.880 3.060  ? ? ? ? ? 422 ? 100.000 ? ? ? ? 0.133 ? ? ? ? ? ? ? ? 3.400 ? 0.846 ? ? 0.158 0.084 0 15 1 0.975 ? 
3.060 3.300  ? ? ? ? ? 425 ? 100.000 ? ? ? ? 0.110 ? ? ? ? ? ? ? ? 3.400 ? 0.903 ? ? 0.130 0.070 0 16 1 0.983 ? 
3.300 3.630  ? ? ? ? ? 422 ? 100.000 ? ? ? ? 0.086 ? ? ? ? ? ? ? ? 3.200 ? 0.947 ? ? 0.103 0.057 0 17 1 0.985 ? 
3.630 4.160  ? ? ? ? ? 432 ? 100.000 ? ? ? ? 0.073 ? ? ? ? ? ? ? ? 3.400 ? 0.974 ? ? 0.087 0.047 0 18 1 0.992 ? 
4.160 5.240  ? ? ? ? ? 430 ? 99.800  ? ? ? ? 0.060 ? ? ? ? ? ? ? ? 3.300 ? 1.085 ? ? 0.071 0.038 0 19 1 0.992 ? 
5.240 50.000 ? ? ? ? ? 450 ? 100.000 ? ? ? ? 0.058 ? ? ? ? ? ? ? ? 3.200 ? 3.037 ? ? 0.070 0.038 0 20 1 0.987 ? 
# 
_refine.aniso_B[1][1]                            ? 
_refine.aniso_B[1][2]                            ? 
_refine.aniso_B[1][3]                            ? 
_refine.aniso_B[2][2]                            ? 
_refine.aniso_B[2][3]                            ? 
_refine.aniso_B[3][3]                            ? 
_refine.B_iso_max                                76.330 
_refine.B_iso_mean                               32.6755 
_refine.B_iso_min                                17.440 
_refine.correlation_coeff_Fo_to_Fc               ? 
_refine.correlation_coeff_Fo_to_Fc_free          ? 
_refine.details                                  ? 
_refine.diff_density_max                         ? 
_refine.diff_density_max_esd                     ? 
_refine.diff_density_min                         ? 
_refine.diff_density_min_esd                     ? 
_refine.diff_density_rms                         ? 
_refine.diff_density_rms_esd                     ? 
_refine.entry_id                                 5F6A 
_refine.pdbx_refine_id                           'X-RAY DIFFRACTION' 
_refine.ls_abs_structure_details                 ? 
_refine.ls_abs_structure_Flack                   ? 
_refine.ls_abs_structure_Flack_esd               ? 
_refine.ls_abs_structure_Rogers                  ? 
_refine.ls_abs_structure_Rogers_esd              ? 
_refine.ls_d_res_high                            1.930 
_refine.ls_d_res_low                             34.5160 
_refine.ls_extinction_coef                       ? 
_refine.ls_extinction_coef_esd                   ? 
_refine.ls_extinction_expression                 ? 
_refine.ls_extinction_method                     ? 
_refine.ls_goodness_of_fit_all                   ? 
_refine.ls_goodness_of_fit_all_esd               ? 
_refine.ls_goodness_of_fit_obs                   ? 
_refine.ls_goodness_of_fit_obs_esd               ? 
_refine.ls_hydrogen_treatment                    ? 
_refine.ls_matrix_type                           ? 
_refine.ls_number_constraints                    ? 
_refine.ls_number_parameters                     ? 
_refine.ls_number_reflns_all                     ? 
_refine.ls_number_reflns_obs                     6649 
_refine.ls_number_reflns_R_free                  665 
_refine.ls_number_reflns_R_work                  5984 
_refine.ls_number_restraints                     ? 
_refine.ls_percent_reflns_obs                    78.1600 
_refine.ls_percent_reflns_R_free                 10.0000 
_refine.ls_R_factor_all                          ? 
_refine.ls_R_factor_obs                          0.2257 
_refine.ls_R_factor_R_free                       0.2504 
_refine.ls_R_factor_R_free_error                 ? 
_refine.ls_R_factor_R_free_error_details         ? 
_refine.ls_R_factor_R_work                       0.2231 
_refine.ls_R_Fsqd_factor_obs                     ? 
_refine.ls_R_I_factor_obs                        ? 
_refine.ls_redundancy_reflns_all                 ? 
_refine.ls_redundancy_reflns_obs                 ? 
_refine.ls_restrained_S_all                      ? 
_refine.ls_restrained_S_obs                      ? 
_refine.ls_shift_over_esd_max                    ? 
_refine.ls_shift_over_esd_mean                   ? 
_refine.ls_structure_factor_coef                 ? 
_refine.ls_weighting_details                     ? 
_refine.ls_weighting_scheme                      ? 
_refine.ls_wR_factor_all                         ? 
_refine.ls_wR_factor_obs                         ? 
_refine.ls_wR_factor_R_free                      ? 
_refine.ls_wR_factor_R_work                      ? 
_refine.occupancy_max                            ? 
_refine.occupancy_min                            ? 
_refine.solvent_model_details                    'FLAT BULK SOLVENT MODEL' 
_refine.solvent_model_param_bsol                 ? 
_refine.solvent_model_param_ksol                 ? 
_refine.ls_R_factor_gt                           ? 
_refine.ls_goodness_of_fit_gt                    ? 
_refine.ls_goodness_of_fit_ref                   ? 
_refine.ls_shift_over_su_max                     ? 
_refine.ls_shift_over_su_max_lt                  ? 
_refine.ls_shift_over_su_mean                    ? 
_refine.ls_shift_over_su_mean_lt                 ? 
_refine.pdbx_ls_sigma_I                          ? 
_refine.pdbx_ls_sigma_F                          1.380 
_refine.pdbx_ls_sigma_Fsqd                       ? 
_refine.pdbx_data_cutoff_high_absF               ? 
_refine.pdbx_data_cutoff_high_rms_absF           ? 
_refine.pdbx_data_cutoff_low_absF                ? 
_refine.pdbx_isotropic_thermal_model             ? 
_refine.pdbx_ls_cross_valid_method               'FREE R-VALUE' 
_refine.pdbx_method_to_determine_struct          ? 
_refine.pdbx_starting_model                      ? 
_refine.pdbx_stereochemistry_target_values       ML 
_refine.pdbx_R_Free_selection_details            ? 
_refine.pdbx_stereochem_target_val_spec_case     ? 
_refine.pdbx_overall_ESU_R                       ? 
_refine.pdbx_overall_ESU_R_Free                  ? 
_refine.pdbx_solvent_vdw_probe_radii             1.1100 
_refine.pdbx_solvent_ion_probe_radii             ? 
_refine.pdbx_solvent_shrinkage_radii             0.9000 
_refine.pdbx_real_space_R                        ? 
_refine.pdbx_density_correlation                 ? 
_refine.pdbx_pd_number_of_powder_patterns        ? 
_refine.pdbx_pd_number_of_points                 ? 
_refine.pdbx_pd_meas_number_of_points            ? 
_refine.pdbx_pd_proc_ls_prof_R_factor            ? 
_refine.pdbx_pd_proc_ls_prof_wR_factor           ? 
_refine.pdbx_pd_Marquardt_correlation_coeff      ? 
_refine.pdbx_pd_Fsqrd_R_factor                   ? 
_refine.pdbx_pd_ls_matrix_band_width             ? 
_refine.pdbx_overall_phase_error                 31.9100 
_refine.pdbx_overall_SU_R_free_Cruickshank_DPI   ? 
_refine.pdbx_overall_SU_R_free_Blow_DPI          ? 
_refine.pdbx_overall_SU_R_Blow_DPI               ? 
_refine.pdbx_TLS_residual_ADP_flag               ? 
_refine.pdbx_diffrn_id                           1 
_refine.overall_SU_B                             ? 
_refine.overall_SU_ML                            0.2300 
_refine.overall_SU_R_Cruickshank_DPI             ? 
_refine.overall_SU_R_free                        ? 
_refine.overall_FOM_free_R_set                   ? 
_refine.overall_FOM_work_R_set                   ? 
_refine.pdbx_average_fsc_overall                 ? 
_refine.pdbx_average_fsc_work                    ? 
_refine.pdbx_average_fsc_free                    ? 
# 
_refine_hist.cycle_id                         final 
_refine_hist.pdbx_refine_id                   'X-RAY DIFFRACTION' 
_refine_hist.d_res_high                       1.930 
_refine_hist.d_res_low                        34.5160 
_refine_hist.pdbx_number_atoms_ligand         0 
_refine_hist.number_atoms_solvent             29 
_refine_hist.number_atoms_total               881 
_refine_hist.pdbx_number_residues_total       103 
_refine_hist.pdbx_B_iso_mean_solvent          34.77 
_refine_hist.pdbx_number_atoms_protein        852 
_refine_hist.pdbx_number_atoms_nucleic_acid   0 
# 
loop_
_refine_ls_restr.pdbx_refine_id 
_refine_ls_restr.criterion 
_refine_ls_restr.dev_ideal 
_refine_ls_restr.dev_ideal_target 
_refine_ls_restr.number 
_refine_ls_restr.rejects 
_refine_ls_restr.type 
_refine_ls_restr.weight 
_refine_ls_restr.pdbx_restraint_function 
'X-RAY DIFFRACTION' ? 0.004  ? 873  ? f_bond_d           ? ? 
'X-RAY DIFFRACTION' ? 0.645  ? 1176 ? f_angle_d          ? ? 
'X-RAY DIFFRACTION' ? 0.046  ? 125  ? f_chiral_restr     ? ? 
'X-RAY DIFFRACTION' ? 0.003  ? 150  ? f_plane_restr      ? ? 
'X-RAY DIFFRACTION' ? 15.747 ? 519  ? f_dihedral_angle_d ? ? 
# 
loop_
_refine_ls_shell.pdbx_refine_id 
_refine_ls_shell.d_res_high 
_refine_ls_shell.d_res_low 
_refine_ls_shell.number_reflns_all 
_refine_ls_shell.number_reflns_obs 
_refine_ls_shell.number_reflns_R_free 
_refine_ls_shell.number_reflns_R_work 
_refine_ls_shell.percent_reflns_obs 
_refine_ls_shell.percent_reflns_R_free 
_refine_ls_shell.R_factor_all 
_refine_ls_shell.R_factor_obs 
_refine_ls_shell.R_factor_R_free 
_refine_ls_shell.R_factor_R_free_error 
_refine_ls_shell.R_factor_R_work 
_refine_ls_shell.redundancy_reflns_all 
_refine_ls_shell.redundancy_reflns_obs 
_refine_ls_shell.wR_factor_all 
_refine_ls_shell.wR_factor_obs 
_refine_ls_shell.wR_factor_R_free 
_refine_ls_shell.wR_factor_R_work 
_refine_ls_shell.pdbx_total_number_of_bins_used 
_refine_ls_shell.pdbx_phase_error 
_refine_ls_shell.pdbx_fsc_work 
_refine_ls_shell.pdbx_fsc_free 
'X-RAY DIFFRACTION' 1.9247 2.0733  728  . 73  655  43.0000 . . . 0.3078 . 0.3025 . . . . . . 5 . . . 
'X-RAY DIFFRACTION' 2.0733 2.2819  1047 . 104 943  62.0000 . . . 0.2967 . 0.2732 . . . . . . 5 . . . 
'X-RAY DIFFRACTION' 2.2819 2.6120  1449 . 144 1305 86.0000 . . . 0.2873 . 0.2450 . . . . . . 5 . . . 
'X-RAY DIFFRACTION' 2.6120 3.2904  1700 . 171 1529 99.0000 . . . 0.2503 . 0.2240 . . . . . . 5 . . . 
'X-RAY DIFFRACTION' 3.2904 34.5217 1725 . 173 1552 99.0000 . . . 0.2273 . 0.2022 . . . . . . 5 . . . 
# 
_struct.entry_id                     5F6A 
_struct.title                        'Drosophila Melanogaster Cycle W398A PAS-B with Empty Pocket' 
_struct.pdbx_model_details           ? 
_struct.pdbx_formula_weight          ? 
_struct.pdbx_formula_weight_method   ? 
_struct.pdbx_model_type_details      ? 
_struct.pdbx_CASP_flag               ? 
# 
_struct_keywords.entry_id        5F6A 
_struct_keywords.text            'PAS, Glycerol, Clock, BMAL, CIRCADIAN CLOCK PROTEIN' 
_struct_keywords.pdbx_keywords   'CIRCADIAN CLOCK PROTEIN' 
# 
loop_
_struct_asym.id 
_struct_asym.pdbx_blank_PDB_chainid_flag 
_struct_asym.pdbx_modified 
_struct_asym.entity_id 
_struct_asym.details 
A N N 1 ? 
B N N 2 ? 
# 
_struct_ref.id                         1 
_struct_ref.db_name                    UNP 
_struct_ref.db_code                    CYCL_DROME 
_struct_ref.pdbx_db_accession          O61734 
_struct_ref.pdbx_db_isoform            ? 
_struct_ref.entity_id                  1 
_struct_ref.pdbx_seq_one_letter_code   
;FISRHSGEGKFLFIDQRATLVIGFLPQEILGTSFYEYFHNEDIAALMESHKMVMQVPEKVTTQVYRFRCKDNSYIQLQSE
WRAFKNPWTSEIDYIIAKNSVF
;
_struct_ref.pdbx_align_begin           311 
# 
_struct_ref_seq.align_id                      1 
_struct_ref_seq.ref_id                        1 
_struct_ref_seq.pdbx_PDB_id_code              5F6A 
_struct_ref_seq.pdbx_strand_id                A 
_struct_ref_seq.seq_align_beg                 2 
_struct_ref_seq.pdbx_seq_align_beg_ins_code   ? 
_struct_ref_seq.seq_align_end                 103 
_struct_ref_seq.pdbx_seq_align_end_ins_code   ? 
_struct_ref_seq.pdbx_db_accession             O61734 
_struct_ref_seq.db_align_beg                  311 
_struct_ref_seq.pdbx_db_align_beg_ins_code    ? 
_struct_ref_seq.db_align_end                  412 
_struct_ref_seq.pdbx_db_align_end_ins_code    ? 
_struct_ref_seq.pdbx_auth_seq_align_beg       311 
_struct_ref_seq.pdbx_auth_seq_align_end       412 
# 
loop_
_struct_ref_seq_dif.align_id 
_struct_ref_seq_dif.pdbx_pdb_id_code 
_struct_ref_seq_dif.mon_id 
_struct_ref_seq_dif.pdbx_pdb_strand_id 
_struct_ref_seq_dif.seq_num 
_struct_ref_seq_dif.pdbx_pdb_ins_code 
_struct_ref_seq_dif.pdbx_seq_db_name 
_struct_ref_seq_dif.pdbx_seq_db_accession_code 
_struct_ref_seq_dif.db_mon_id 
_struct_ref_seq_dif.pdbx_seq_db_seq_num 
_struct_ref_seq_dif.details 
_struct_ref_seq_dif.pdbx_auth_seq_num 
_struct_ref_seq_dif.pdbx_ordinal 
1 5F6A MET A 1  ? UNP O61734 ?   ?   'initiating methionine' 310 1 
1 5F6A ALA A 89 ? UNP O61734 TRP 398 'engineered mutation'   398 2 
# 
_pdbx_struct_assembly.id                   1 
_pdbx_struct_assembly.details              software_defined_assembly 
_pdbx_struct_assembly.method_details       PISA 
_pdbx_struct_assembly.oligomeric_details   monomeric 
_pdbx_struct_assembly.oligomeric_count     1 
# 
loop_
_pdbx_struct_assembly_prop.biol_id 
_pdbx_struct_assembly_prop.type 
_pdbx_struct_assembly_prop.value 
_pdbx_struct_assembly_prop.details 
1 'ABSA (A^2)' 0    ? 
1 MORE         0    ? 
1 'SSA (A^2)'  5940 ? 
# 
_pdbx_struct_assembly_gen.assembly_id       1 
_pdbx_struct_assembly_gen.oper_expression   1 
_pdbx_struct_assembly_gen.asym_id_list      A,B 
# 
_pdbx_struct_oper_list.id                   1 
_pdbx_struct_oper_list.type                 'identity operation' 
_pdbx_struct_oper_list.name                 1_555 
_pdbx_struct_oper_list.symmetry_operation   x,y,z 
_pdbx_struct_oper_list.matrix[1][1]         1.0000000000 
_pdbx_struct_oper_list.matrix[1][2]         0.0000000000 
_pdbx_struct_oper_list.matrix[1][3]         0.0000000000 
_pdbx_struct_oper_list.vector[1]            0.0000000000 
_pdbx_struct_oper_list.matrix[2][1]         0.0000000000 
_pdbx_struct_oper_list.matrix[2][2]         1.0000000000 
_pdbx_struct_oper_list.matrix[2][3]         0.0000000000 
_pdbx_struct_oper_list.vector[2]            0.0000000000 
_pdbx_struct_oper_list.matrix[3][1]         0.0000000000 
_pdbx_struct_oper_list.matrix[3][2]         0.0000000000 
_pdbx_struct_oper_list.matrix[3][3]         1.0000000000 
_pdbx_struct_oper_list.vector[3]            0.0000000000 
# 
loop_
_struct_conf.conf_type_id 
_struct_conf.id 
_struct_conf.pdbx_PDB_helix_id 
_struct_conf.beg_label_comp_id 
_struct_conf.beg_label_asym_id 
_struct_conf.beg_label_seq_id 
_struct_conf.pdbx_beg_PDB_ins_code 
_struct_conf.end_label_comp_id 
_struct_conf.end_label_asym_id 
_struct_conf.end_label_seq_id 
_struct_conf.pdbx_end_PDB_ins_code 
_struct_conf.beg_auth_comp_id 
_struct_conf.beg_auth_asym_id 
_struct_conf.beg_auth_seq_id 
_struct_conf.end_auth_comp_id 
_struct_conf.end_auth_asym_id 
_struct_conf.end_auth_seq_id 
_struct_conf.pdbx_PDB_helix_class 
_struct_conf.details 
_struct_conf.pdbx_PDB_helix_length 
HELX_P HELX_P1 AA1 ARG A 18 ? GLY A 24 ? ARG A 327 GLY A 333 1 ? 7  
HELX_P HELX_P2 AA2 LEU A 26 ? LEU A 31 ? LEU A 335 LEU A 340 1 ? 6  
HELX_P HELX_P3 AA3 SER A 34 ? TYR A 38 ? SER A 343 TYR A 347 5 ? 5  
HELX_P HELX_P4 AA4 ASP A 43 ? VAL A 57 ? ASP A 352 VAL A 366 1 ? 15 
# 
_struct_conf_type.id          HELX_P 
_struct_conf_type.criteria    ? 
_struct_conf_type.reference   ? 
# 
loop_
_struct_sheet.id 
_struct_sheet.type 
_struct_sheet.number_strands 
_struct_sheet.details 
AA1 ? 5 ? 
AA2 ? 5 ? 
# 
loop_
_struct_sheet_order.sheet_id 
_struct_sheet_order.range_id_1 
_struct_sheet_order.range_id_2 
_struct_sheet_order.offset 
_struct_sheet_order.sense 
AA1 1 2 ? anti-parallel 
AA1 2 3 ? anti-parallel 
AA1 3 4 ? anti-parallel 
AA1 4 5 ? anti-parallel 
AA2 1 2 ? anti-parallel 
AA2 2 3 ? anti-parallel 
AA2 3 4 ? anti-parallel 
AA2 4 5 ? anti-parallel 
# 
loop_
_struct_sheet_range.sheet_id 
_struct_sheet_range.id 
_struct_sheet_range.beg_label_comp_id 
_struct_sheet_range.beg_label_asym_id 
_struct_sheet_range.beg_label_seq_id 
_struct_sheet_range.pdbx_beg_PDB_ins_code 
_struct_sheet_range.end_label_comp_id 
_struct_sheet_range.end_label_asym_id 
_struct_sheet_range.end_label_seq_id 
_struct_sheet_range.pdbx_end_PDB_ins_code 
_struct_sheet_range.beg_auth_comp_id 
_struct_sheet_range.beg_auth_asym_id 
_struct_sheet_range.beg_auth_seq_id 
_struct_sheet_range.end_auth_comp_id 
_struct_sheet_range.end_auth_asym_id 
_struct_sheet_range.end_auth_seq_id 
AA1 1 PHE A 12 ? ILE A 15  ? PHE A 321 ILE A 324 
AA1 2 PHE A 2  ? HIS A 6   ? PHE A 311 HIS A 315 
AA1 3 ILE A 93 ? PHE A 103 ? ILE A 402 PHE A 412 
AA1 4 TYR A 75 ? LYS A 86  ? TYR A 384 LYS A 395 
AA1 5 VAL A 61 ? THR A 62  ? VAL A 370 THR A 371 
AA2 1 PHE A 12 ? ILE A 15  ? PHE A 321 ILE A 324 
AA2 2 PHE A 2  ? HIS A 6   ? PHE A 311 HIS A 315 
AA2 3 ILE A 93 ? PHE A 103 ? ILE A 402 PHE A 412 
AA2 4 TYR A 75 ? LYS A 86  ? TYR A 384 LYS A 395 
AA2 5 TYR A 66 ? ARG A 69  ? TYR A 375 ARG A 378 
# 
loop_
_pdbx_struct_sheet_hbond.sheet_id 
_pdbx_struct_sheet_hbond.range_id_1 
_pdbx_struct_sheet_hbond.range_id_2 
_pdbx_struct_sheet_hbond.range_1_label_atom_id 
_pdbx_struct_sheet_hbond.range_1_label_comp_id 
_pdbx_struct_sheet_hbond.range_1_label_asym_id 
_pdbx_struct_sheet_hbond.range_1_label_seq_id 
_pdbx_struct_sheet_hbond.range_1_PDB_ins_code 
_pdbx_struct_sheet_hbond.range_1_auth_atom_id 
_pdbx_struct_sheet_hbond.range_1_auth_comp_id 
_pdbx_struct_sheet_hbond.range_1_auth_asym_id 
_pdbx_struct_sheet_hbond.range_1_auth_seq_id 
_pdbx_struct_sheet_hbond.range_2_label_atom_id 
_pdbx_struct_sheet_hbond.range_2_label_comp_id 
_pdbx_struct_sheet_hbond.range_2_label_asym_id 
_pdbx_struct_sheet_hbond.range_2_label_seq_id 
_pdbx_struct_sheet_hbond.range_2_PDB_ins_code 
_pdbx_struct_sheet_hbond.range_2_auth_atom_id 
_pdbx_struct_sheet_hbond.range_2_auth_comp_id 
_pdbx_struct_sheet_hbond.range_2_auth_asym_id 
_pdbx_struct_sheet_hbond.range_2_auth_seq_id 
AA1 1 2 O LEU A 13  ? O LEU A 322 N ARG A 5   ? N ARG A 314 
AA1 2 3 N PHE A 2   ? N PHE A 311 O ASN A 100 ? O ASN A 409 
AA1 3 4 O SER A 101 ? O SER A 410 N GLN A 79  ? N GLN A 388 
AA1 4 5 O TRP A 82  ? O TRP A 391 N VAL A 61  ? N VAL A 370 
AA2 1 2 O LEU A 13  ? O LEU A 322 N ARG A 5   ? N ARG A 314 
AA2 2 3 N PHE A 2   ? N PHE A 311 O ASN A 100 ? O ASN A 409 
AA2 3 4 O SER A 101 ? O SER A 410 N GLN A 79  ? N GLN A 388 
AA2 4 5 O ILE A 76  ? O ILE A 385 N PHE A 68  ? N PHE A 377 
# 
loop_
_pdbx_validate_rmsd_bond.id 
_pdbx_validate_rmsd_bond.PDB_model_num 
_pdbx_validate_rmsd_bond.auth_atom_id_1 
_pdbx_validate_rmsd_bond.auth_asym_id_1 
_pdbx_validate_rmsd_bond.auth_comp_id_1 
_pdbx_validate_rmsd_bond.auth_seq_id_1 
_pdbx_validate_rmsd_bond.PDB_ins_code_1 
_pdbx_validate_rmsd_bond.label_alt_id_1 
_pdbx_validate_rmsd_bond.auth_atom_id_2 
_pdbx_validate_rmsd_bond.auth_asym_id_2 
_pdbx_validate_rmsd_bond.auth_comp_id_2 
_pdbx_validate_rmsd_bond.auth_seq_id_2 
_pdbx_validate_rmsd_bond.PDB_ins_code_2 
_pdbx_validate_rmsd_bond.label_alt_id_2 
_pdbx_validate_rmsd_bond.bond_value 
_pdbx_validate_rmsd_bond.bond_target_value 
_pdbx_validate_rmsd_bond.bond_deviation 
_pdbx_validate_rmsd_bond.bond_standard_deviation 
_pdbx_validate_rmsd_bond.linker_flag 
1 1 CD A GLU 351 ? ? OE2 A GLU 351 ? ? 1.157 1.252 -0.095 0.011 N 
2 1 CD A PRO 367 ? ? N   A PRO 367 ? ? 1.647 1.474 0.173  0.014 N 
# 
_pdbx_refine_tls.id               1 
_pdbx_refine_tls.pdbx_refine_id   'X-RAY DIFFRACTION' 
_pdbx_refine_tls.details          ? 
_pdbx_refine_tls.method           refined 
_pdbx_refine_tls.origin_x         0.2417 
_pdbx_refine_tls.origin_y         -0.1120 
_pdbx_refine_tls.origin_z         0.5745 
_pdbx_refine_tls.T[1][1]          0.2046 
_pdbx_refine_tls.T[1][1]_esd      ? 
_pdbx_refine_tls.T[1][2]          0.0553 
_pdbx_refine_tls.T[1][2]_esd      ? 
_pdbx_refine_tls.T[1][3]          -0.0200 
_pdbx_refine_tls.T[1][3]_esd      ? 
_pdbx_refine_tls.T[2][2]          0.1407 
_pdbx_refine_tls.T[2][2]_esd      ? 
_pdbx_refine_tls.T[2][3]          -0.0161 
_pdbx_refine_tls.T[2][3]_esd      ? 
_pdbx_refine_tls.T[3][3]          0.1590 
_pdbx_refine_tls.T[3][3]_esd      ? 
_pdbx_refine_tls.L[1][1]          0.7218 
_pdbx_refine_tls.L[1][1]_esd      ? 
_pdbx_refine_tls.L[1][2]          0.5145 
_pdbx_refine_tls.L[1][2]_esd      ? 
_pdbx_refine_tls.L[1][3]          0.0189 
_pdbx_refine_tls.L[1][3]_esd      ? 
_pdbx_refine_tls.L[2][2]          0.7448 
_pdbx_refine_tls.L[2][2]_esd      ? 
_pdbx_refine_tls.L[2][3]          -0.3312 
_pdbx_refine_tls.L[2][3]_esd      ? 
_pdbx_refine_tls.L[3][3]          1.2015 
_pdbx_refine_tls.L[3][3]_esd      ? 
_pdbx_refine_tls.S[1][1]          0.2430 
_pdbx_refine_tls.S[1][1]_esd      ? 
_pdbx_refine_tls.S[1][2]          0.3523 
_pdbx_refine_tls.S[1][2]_esd      ? 
_pdbx_refine_tls.S[1][3]          -0.1338 
_pdbx_refine_tls.S[1][3]_esd      ? 
_pdbx_refine_tls.S[2][1]          -0.0394 
_pdbx_refine_tls.S[2][1]_esd      ? 
_pdbx_refine_tls.S[2][2]          0.3318 
_pdbx_refine_tls.S[2][2]_esd      ? 
_pdbx_refine_tls.S[2][3]          -0.1278 
_pdbx_refine_tls.S[2][3]_esd      ? 
_pdbx_refine_tls.S[3][1]          0.0312 
_pdbx_refine_tls.S[3][1]_esd      ? 
_pdbx_refine_tls.S[3][2]          0.0594 
_pdbx_refine_tls.S[3][2]_esd      ? 
_pdbx_refine_tls.S[3][3]          0.0553 
_pdbx_refine_tls.S[3][3]_esd      ? 
# 
loop_
_pdbx_refine_tls_group.id 
_pdbx_refine_tls_group.pdbx_refine_id 
_pdbx_refine_tls_group.refine_tls_id 
_pdbx_refine_tls_group.beg_label_asym_id 
_pdbx_refine_tls_group.beg_label_seq_id 
_pdbx_refine_tls_group.beg_auth_asym_id 
_pdbx_refine_tls_group.beg_auth_seq_id 
_pdbx_refine_tls_group.end_label_asym_id 
_pdbx_refine_tls_group.end_label_seq_id 
_pdbx_refine_tls_group.end_auth_asym_id 
_pdbx_refine_tls_group.end_auth_seq_id 
_pdbx_refine_tls_group.selection 
_pdbx_refine_tls_group.selection_details 
1 'X-RAY DIFFRACTION' 1 ? ? A 310 ? ? A 412 ? all 
2 'X-RAY DIFFRACTION' 1 ? ? S 2   ? ? S 33  ? all 
3 'X-RAY DIFFRACTION' 1 ? ? S 34  ? ? S 35  ? all 
# 
loop_
_chem_comp_atom.comp_id 
_chem_comp_atom.atom_id 
_chem_comp_atom.type_symbol 
_chem_comp_atom.pdbx_aromatic_flag 
_chem_comp_atom.pdbx_stereo_config 
_chem_comp_atom.pdbx_ordinal 
ALA N    N N N 1   
ALA CA   C N S 2   
ALA C    C N N 3   
ALA O    O N N 4   
ALA CB   C N N 5   
ALA OXT  O N N 6   
ALA H    H N N 7   
ALA H2   H N N 8   
ALA HA   H N N 9   
ALA HB1  H N N 10  
ALA HB2  H N N 11  
ALA HB3  H N N 12  
ALA HXT  H N N 13  
ARG N    N N N 14  
ARG CA   C N S 15  
ARG C    C N N 16  
ARG O    O N N 17  
ARG CB   C N N 18  
ARG CG   C N N 19  
ARG CD   C N N 20  
ARG NE   N N N 21  
ARG CZ   C N N 22  
ARG NH1  N N N 23  
ARG NH2  N N N 24  
ARG OXT  O N N 25  
ARG H    H N N 26  
ARG H2   H N N 27  
ARG HA   H N N 28  
ARG HB2  H N N 29  
ARG HB3  H N N 30  
ARG HG2  H N N 31  
ARG HG3  H N N 32  
ARG HD2  H N N 33  
ARG HD3  H N N 34  
ARG HE   H N N 35  
ARG HH11 H N N 36  
ARG HH12 H N N 37  
ARG HH21 H N N 38  
ARG HH22 H N N 39  
ARG HXT  H N N 40  
ASN N    N N N 41  
ASN CA   C N S 42  
ASN C    C N N 43  
ASN O    O N N 44  
ASN CB   C N N 45  
ASN CG   C N N 46  
ASN OD1  O N N 47  
ASN ND2  N N N 48  
ASN OXT  O N N 49  
ASN H    H N N 50  
ASN H2   H N N 51  
ASN HA   H N N 52  
ASN HB2  H N N 53  
ASN HB3  H N N 54  
ASN HD21 H N N 55  
ASN HD22 H N N 56  
ASN HXT  H N N 57  
ASP N    N N N 58  
ASP CA   C N S 59  
ASP C    C N N 60  
ASP O    O N N 61  
ASP CB   C N N 62  
ASP CG   C N N 63  
ASP OD1  O N N 64  
ASP OD2  O N N 65  
ASP OXT  O N N 66  
ASP H    H N N 67  
ASP H2   H N N 68  
ASP HA   H N N 69  
ASP HB2  H N N 70  
ASP HB3  H N N 71  
ASP HD2  H N N 72  
ASP HXT  H N N 73  
CYS N    N N N 74  
CYS CA   C N R 75  
CYS C    C N N 76  
CYS O    O N N 77  
CYS CB   C N N 78  
CYS SG   S N N 79  
CYS OXT  O N N 80  
CYS H    H N N 81  
CYS H2   H N N 82  
CYS HA   H N N 83  
CYS HB2  H N N 84  
CYS HB3  H N N 85  
CYS HG   H N N 86  
CYS HXT  H N N 87  
GLN N    N N N 88  
GLN CA   C N S 89  
GLN C    C N N 90  
GLN O    O N N 91  
GLN CB   C N N 92  
GLN CG   C N N 93  
GLN CD   C N N 94  
GLN OE1  O N N 95  
GLN NE2  N N N 96  
GLN OXT  O N N 97  
GLN H    H N N 98  
GLN H2   H N N 99  
GLN HA   H N N 100 
GLN HB2  H N N 101 
GLN HB3  H N N 102 
GLN HG2  H N N 103 
GLN HG3  H N N 104 
GLN HE21 H N N 105 
GLN HE22 H N N 106 
GLN HXT  H N N 107 
GLU N    N N N 108 
GLU CA   C N S 109 
GLU C    C N N 110 
GLU O    O N N 111 
GLU CB   C N N 112 
GLU CG   C N N 113 
GLU CD   C N N 114 
GLU OE1  O N N 115 
GLU OE2  O N N 116 
GLU OXT  O N N 117 
GLU H    H N N 118 
GLU H2   H N N 119 
GLU HA   H N N 120 
GLU HB2  H N N 121 
GLU HB3  H N N 122 
GLU HG2  H N N 123 
GLU HG3  H N N 124 
GLU HE2  H N N 125 
GLU HXT  H N N 126 
GLY N    N N N 127 
GLY CA   C N N 128 
GLY C    C N N 129 
GLY O    O N N 130 
GLY OXT  O N N 131 
GLY H    H N N 132 
GLY H2   H N N 133 
GLY HA2  H N N 134 
GLY HA3  H N N 135 
GLY HXT  H N N 136 
HIS N    N N N 137 
HIS CA   C N S 138 
HIS C    C N N 139 
HIS O    O N N 140 
HIS CB   C N N 141 
HIS CG   C Y N 142 
HIS ND1  N Y N 143 
HIS CD2  C Y N 144 
HIS CE1  C Y N 145 
HIS NE2  N Y N 146 
HIS OXT  O N N 147 
HIS H    H N N 148 
HIS H2   H N N 149 
HIS HA   H N N 150 
HIS HB2  H N N 151 
HIS HB3  H N N 152 
HIS HD1  H N N 153 
HIS HD2  H N N 154 
HIS HE1  H N N 155 
HIS HE2  H N N 156 
HIS HXT  H N N 157 
HOH O    O N N 158 
HOH H1   H N N 159 
HOH H2   H N N 160 
ILE N    N N N 161 
ILE CA   C N S 162 
ILE C    C N N 163 
ILE O    O N N 164 
ILE CB   C N S 165 
ILE CG1  C N N 166 
ILE CG2  C N N 167 
ILE CD1  C N N 168 
ILE OXT  O N N 169 
ILE H    H N N 170 
ILE H2   H N N 171 
ILE HA   H N N 172 
ILE HB   H N N 173 
ILE HG12 H N N 174 
ILE HG13 H N N 175 
ILE HG21 H N N 176 
ILE HG22 H N N 177 
ILE HG23 H N N 178 
ILE HD11 H N N 179 
ILE HD12 H N N 180 
ILE HD13 H N N 181 
ILE HXT  H N N 182 
LEU N    N N N 183 
LEU CA   C N S 184 
LEU C    C N N 185 
LEU O    O N N 186 
LEU CB   C N N 187 
LEU CG   C N N 188 
LEU CD1  C N N 189 
LEU CD2  C N N 190 
LEU OXT  O N N 191 
LEU H    H N N 192 
LEU H2   H N N 193 
LEU HA   H N N 194 
LEU HB2  H N N 195 
LEU HB3  H N N 196 
LEU HG   H N N 197 
LEU HD11 H N N 198 
LEU HD12 H N N 199 
LEU HD13 H N N 200 
LEU HD21 H N N 201 
LEU HD22 H N N 202 
LEU HD23 H N N 203 
LEU HXT  H N N 204 
LYS N    N N N 205 
LYS CA   C N S 206 
LYS C    C N N 207 
LYS O    O N N 208 
LYS CB   C N N 209 
LYS CG   C N N 210 
LYS CD   C N N 211 
LYS CE   C N N 212 
LYS NZ   N N N 213 
LYS OXT  O N N 214 
LYS H    H N N 215 
LYS H2   H N N 216 
LYS HA   H N N 217 
LYS HB2  H N N 218 
LYS HB3  H N N 219 
LYS HG2  H N N 220 
LYS HG3  H N N 221 
LYS HD2  H N N 222 
LYS HD3  H N N 223 
LYS HE2  H N N 224 
LYS HE3  H N N 225 
LYS HZ1  H N N 226 
LYS HZ2  H N N 227 
LYS HZ3  H N N 228 
LYS HXT  H N N 229 
MET N    N N N 230 
MET CA   C N S 231 
MET C    C N N 232 
MET O    O N N 233 
MET CB   C N N 234 
MET CG   C N N 235 
MET SD   S N N 236 
MET CE   C N N 237 
MET OXT  O N N 238 
MET H    H N N 239 
MET H2   H N N 240 
MET HA   H N N 241 
MET HB2  H N N 242 
MET HB3  H N N 243 
MET HG2  H N N 244 
MET HG3  H N N 245 
MET HE1  H N N 246 
MET HE2  H N N 247 
MET HE3  H N N 248 
MET HXT  H N N 249 
PHE N    N N N 250 
PHE CA   C N S 251 
PHE C    C N N 252 
PHE O    O N N 253 
PHE CB   C N N 254 
PHE CG   C Y N 255 
PHE CD1  C Y N 256 
PHE CD2  C Y N 257 
PHE CE1  C Y N 258 
PHE CE2  C Y N 259 
PHE CZ   C Y N 260 
PHE OXT  O N N 261 
PHE H    H N N 262 
PHE H2   H N N 263 
PHE HA   H N N 264 
PHE HB2  H N N 265 
PHE HB3  H N N 266 
PHE HD1  H N N 267 
PHE HD2  H N N 268 
PHE HE1  H N N 269 
PHE HE2  H N N 270 
PHE HZ   H N N 271 
PHE HXT  H N N 272 
PRO N    N N N 273 
PRO CA   C N S 274 
PRO C    C N N 275 
PRO O    O N N 276 
PRO CB   C N N 277 
PRO CG   C N N 278 
PRO CD   C N N 279 
PRO OXT  O N N 280 
PRO H    H N N 281 
PRO HA   H N N 282 
PRO HB2  H N N 283 
PRO HB3  H N N 284 
PRO HG2  H N N 285 
PRO HG3  H N N 286 
PRO HD2  H N N 287 
PRO HD3  H N N 288 
PRO HXT  H N N 289 
SER N    N N N 290 
SER CA   C N S 291 
SER C    C N N 292 
SER O    O N N 293 
SER CB   C N N 294 
SER OG   O N N 295 
SER OXT  O N N 296 
SER H    H N N 297 
SER H2   H N N 298 
SER HA   H N N 299 
SER HB2  H N N 300 
SER HB3  H N N 301 
SER HG   H N N 302 
SER HXT  H N N 303 
THR N    N N N 304 
THR CA   C N S 305 
THR C    C N N 306 
THR O    O N N 307 
THR CB   C N R 308 
THR OG1  O N N 309 
THR CG2  C N N 310 
THR OXT  O N N 311 
THR H    H N N 312 
THR H2   H N N 313 
THR HA   H N N 314 
THR HB   H N N 315 
THR HG1  H N N 316 
THR HG21 H N N 317 
THR HG22 H N N 318 
THR HG23 H N N 319 
THR HXT  H N N 320 
TRP N    N N N 321 
TRP CA   C N S 322 
TRP C    C N N 323 
TRP O    O N N 324 
TRP CB   C N N 325 
TRP CG   C Y N 326 
TRP CD1  C Y N 327 
TRP CD2  C Y N 328 
TRP NE1  N Y N 329 
TRP CE2  C Y N 330 
TRP CE3  C Y N 331 
TRP CZ2  C Y N 332 
TRP CZ3  C Y N 333 
TRP CH2  C Y N 334 
TRP OXT  O N N 335 
TRP H    H N N 336 
TRP H2   H N N 337 
TRP HA   H N N 338 
TRP HB2  H N N 339 
TRP HB3  H N N 340 
TRP HD1  H N N 341 
TRP HE1  H N N 342 
TRP HE3  H N N 343 
TRP HZ2  H N N 344 
TRP HZ3  H N N 345 
TRP HH2  H N N 346 
TRP HXT  H N N 347 
TYR N    N N N 348 
TYR CA   C N S 349 
TYR C    C N N 350 
TYR O    O N N 351 
TYR CB   C N N 352 
TYR CG   C Y N 353 
TYR CD1  C Y N 354 
TYR CD2  C Y N 355 
TYR CE1  C Y N 356 
TYR CE2  C Y N 357 
TYR CZ   C Y N 358 
TYR OH   O N N 359 
TYR OXT  O N N 360 
TYR H    H N N 361 
TYR H2   H N N 362 
TYR HA   H N N 363 
TYR HB2  H N N 364 
TYR HB3  H N N 365 
TYR HD1  H N N 366 
TYR HD2  H N N 367 
TYR HE1  H N N 368 
TYR HE2  H N N 369 
TYR HH   H N N 370 
TYR HXT  H N N 371 
VAL N    N N N 372 
VAL CA   C N S 373 
VAL C    C N N 374 
VAL O    O N N 375 
VAL CB   C N N 376 
VAL CG1  C N N 377 
VAL CG2  C N N 378 
VAL OXT  O N N 379 
VAL H    H N N 380 
VAL H2   H N N 381 
VAL HA   H N N 382 
VAL HB   H N N 383 
VAL HG11 H N N 384 
VAL HG12 H N N 385 
VAL HG13 H N N 386 
VAL HG21 H N N 387 
VAL HG22 H N N 388 
VAL HG23 H N N 389 
VAL HXT  H N N 390 
# 
loop_
_chem_comp_bond.comp_id 
_chem_comp_bond.atom_id_1 
_chem_comp_bond.atom_id_2 
_chem_comp_bond.value_order 
_chem_comp_bond.pdbx_aromatic_flag 
_chem_comp_bond.pdbx_stereo_config 
_chem_comp_bond.pdbx_ordinal 
ALA N   CA   sing N N 1   
ALA N   H    sing N N 2   
ALA N   H2   sing N N 3   
ALA CA  C    sing N N 4   
ALA CA  CB   sing N N 5   
ALA CA  HA   sing N N 6   
ALA C   O    doub N N 7   
ALA C   OXT  sing N N 8   
ALA CB  HB1  sing N N 9   
ALA CB  HB2  sing N N 10  
ALA CB  HB3  sing N N 11  
ALA OXT HXT  sing N N 12  
ARG N   CA   sing N N 13  
ARG N   H    sing N N 14  
ARG N   H2   sing N N 15  
ARG CA  C    sing N N 16  
ARG CA  CB   sing N N 17  
ARG CA  HA   sing N N 18  
ARG C   O    doub N N 19  
ARG C   OXT  sing N N 20  
ARG CB  CG   sing N N 21  
ARG CB  HB2  sing N N 22  
ARG CB  HB3  sing N N 23  
ARG CG  CD   sing N N 24  
ARG CG  HG2  sing N N 25  
ARG CG  HG3  sing N N 26  
ARG CD  NE   sing N N 27  
ARG CD  HD2  sing N N 28  
ARG CD  HD3  sing N N 29  
ARG NE  CZ   sing N N 30  
ARG NE  HE   sing N N 31  
ARG CZ  NH1  sing N N 32  
ARG CZ  NH2  doub N N 33  
ARG NH1 HH11 sing N N 34  
ARG NH1 HH12 sing N N 35  
ARG NH2 HH21 sing N N 36  
ARG NH2 HH22 sing N N 37  
ARG OXT HXT  sing N N 38  
ASN N   CA   sing N N 39  
ASN N   H    sing N N 40  
ASN N   H2   sing N N 41  
ASN CA  C    sing N N 42  
ASN CA  CB   sing N N 43  
ASN CA  HA   sing N N 44  
ASN C   O    doub N N 45  
ASN C   OXT  sing N N 46  
ASN CB  CG   sing N N 47  
ASN CB  HB2  sing N N 48  
ASN CB  HB3  sing N N 49  
ASN CG  OD1  doub N N 50  
ASN CG  ND2  sing N N 51  
ASN ND2 HD21 sing N N 52  
ASN ND2 HD22 sing N N 53  
ASN OXT HXT  sing N N 54  
ASP N   CA   sing N N 55  
ASP N   H    sing N N 56  
ASP N   H2   sing N N 57  
ASP CA  C    sing N N 58  
ASP CA  CB   sing N N 59  
ASP CA  HA   sing N N 60  
ASP C   O    doub N N 61  
ASP C   OXT  sing N N 62  
ASP CB  CG   sing N N 63  
ASP CB  HB2  sing N N 64  
ASP CB  HB3  sing N N 65  
ASP CG  OD1  doub N N 66  
ASP CG  OD2  sing N N 67  
ASP OD2 HD2  sing N N 68  
ASP OXT HXT  sing N N 69  
CYS N   CA   sing N N 70  
CYS N   H    sing N N 71  
CYS N   H2   sing N N 72  
CYS CA  C    sing N N 73  
CYS CA  CB   sing N N 74  
CYS CA  HA   sing N N 75  
CYS C   O    doub N N 76  
CYS C   OXT  sing N N 77  
CYS CB  SG   sing N N 78  
CYS CB  HB2  sing N N 79  
CYS CB  HB3  sing N N 80  
CYS SG  HG   sing N N 81  
CYS OXT HXT  sing N N 82  
GLN N   CA   sing N N 83  
GLN N   H    sing N N 84  
GLN N   H2   sing N N 85  
GLN CA  C    sing N N 86  
GLN CA  CB   sing N N 87  
GLN CA  HA   sing N N 88  
GLN C   O    doub N N 89  
GLN C   OXT  sing N N 90  
GLN CB  CG   sing N N 91  
GLN CB  HB2  sing N N 92  
GLN CB  HB3  sing N N 93  
GLN CG  CD   sing N N 94  
GLN CG  HG2  sing N N 95  
GLN CG  HG3  sing N N 96  
GLN CD  OE1  doub N N 97  
GLN CD  NE2  sing N N 98  
GLN NE2 HE21 sing N N 99  
GLN NE2 HE22 sing N N 100 
GLN OXT HXT  sing N N 101 
GLU N   CA   sing N N 102 
GLU N   H    sing N N 103 
GLU N   H2   sing N N 104 
GLU CA  C    sing N N 105 
GLU CA  CB   sing N N 106 
GLU CA  HA   sing N N 107 
GLU C   O    doub N N 108 
GLU C   OXT  sing N N 109 
GLU CB  CG   sing N N 110 
GLU CB  HB2  sing N N 111 
GLU CB  HB3  sing N N 112 
GLU CG  CD   sing N N 113 
GLU CG  HG2  sing N N 114 
GLU CG  HG3  sing N N 115 
GLU CD  OE1  doub N N 116 
GLU CD  OE2  sing N N 117 
GLU OE2 HE2  sing N N 118 
GLU OXT HXT  sing N N 119 
GLY N   CA   sing N N 120 
GLY N   H    sing N N 121 
GLY N   H2   sing N N 122 
GLY CA  C    sing N N 123 
GLY CA  HA2  sing N N 124 
GLY CA  HA3  sing N N 125 
GLY C   O    doub N N 126 
GLY C   OXT  sing N N 127 
GLY OXT HXT  sing N N 128 
HIS N   CA   sing N N 129 
HIS N   H    sing N N 130 
HIS N   H2   sing N N 131 
HIS CA  C    sing N N 132 
HIS CA  CB   sing N N 133 
HIS CA  HA   sing N N 134 
HIS C   O    doub N N 135 
HIS C   OXT  sing N N 136 
HIS CB  CG   sing N N 137 
HIS CB  HB2  sing N N 138 
HIS CB  HB3  sing N N 139 
HIS CG  ND1  sing Y N 140 
HIS CG  CD2  doub Y N 141 
HIS ND1 CE1  doub Y N 142 
HIS ND1 HD1  sing N N 143 
HIS CD2 NE2  sing Y N 144 
HIS CD2 HD2  sing N N 145 
HIS CE1 NE2  sing Y N 146 
HIS CE1 HE1  sing N N 147 
HIS NE2 HE2  sing N N 148 
HIS OXT HXT  sing N N 149 
HOH O   H1   sing N N 150 
HOH O   H2   sing N N 151 
ILE N   CA   sing N N 152 
ILE N   H    sing N N 153 
ILE N   H2   sing N N 154 
ILE CA  C    sing N N 155 
ILE CA  CB   sing N N 156 
ILE CA  HA   sing N N 157 
ILE C   O    doub N N 158 
ILE C   OXT  sing N N 159 
ILE CB  CG1  sing N N 160 
ILE CB  CG2  sing N N 161 
ILE CB  HB   sing N N 162 
ILE CG1 CD1  sing N N 163 
ILE CG1 HG12 sing N N 164 
ILE CG1 HG13 sing N N 165 
ILE CG2 HG21 sing N N 166 
ILE CG2 HG22 sing N N 167 
ILE CG2 HG23 sing N N 168 
ILE CD1 HD11 sing N N 169 
ILE CD1 HD12 sing N N 170 
ILE CD1 HD13 sing N N 171 
ILE OXT HXT  sing N N 172 
LEU N   CA   sing N N 173 
LEU N   H    sing N N 174 
LEU N   H2   sing N N 175 
LEU CA  C    sing N N 176 
LEU CA  CB   sing N N 177 
LEU CA  HA   sing N N 178 
LEU C   O    doub N N 179 
LEU C   OXT  sing N N 180 
LEU CB  CG   sing N N 181 
LEU CB  HB2  sing N N 182 
LEU CB  HB3  sing N N 183 
LEU CG  CD1  sing N N 184 
LEU CG  CD2  sing N N 185 
LEU CG  HG   sing N N 186 
LEU CD1 HD11 sing N N 187 
LEU CD1 HD12 sing N N 188 
LEU CD1 HD13 sing N N 189 
LEU CD2 HD21 sing N N 190 
LEU CD2 HD22 sing N N 191 
LEU CD2 HD23 sing N N 192 
LEU OXT HXT  sing N N 193 
LYS N   CA   sing N N 194 
LYS N   H    sing N N 195 
LYS N   H2   sing N N 196 
LYS CA  C    sing N N 197 
LYS CA  CB   sing N N 198 
LYS CA  HA   sing N N 199 
LYS C   O    doub N N 200 
LYS C   OXT  sing N N 201 
LYS CB  CG   sing N N 202 
LYS CB  HB2  sing N N 203 
LYS CB  HB3  sing N N 204 
LYS CG  CD   sing N N 205 
LYS CG  HG2  sing N N 206 
LYS CG  HG3  sing N N 207 
LYS CD  CE   sing N N 208 
LYS CD  HD2  sing N N 209 
LYS CD  HD3  sing N N 210 
LYS CE  NZ   sing N N 211 
LYS CE  HE2  sing N N 212 
LYS CE  HE3  sing N N 213 
LYS NZ  HZ1  sing N N 214 
LYS NZ  HZ2  sing N N 215 
LYS NZ  HZ3  sing N N 216 
LYS OXT HXT  sing N N 217 
MET N   CA   sing N N 218 
MET N   H    sing N N 219 
MET N   H2   sing N N 220 
MET CA  C    sing N N 221 
MET CA  CB   sing N N 222 
MET CA  HA   sing N N 223 
MET C   O    doub N N 224 
MET C   OXT  sing N N 225 
MET CB  CG   sing N N 226 
MET CB  HB2  sing N N 227 
MET CB  HB3  sing N N 228 
MET CG  SD   sing N N 229 
MET CG  HG2  sing N N 230 
MET CG  HG3  sing N N 231 
MET SD  CE   sing N N 232 
MET CE  HE1  sing N N 233 
MET CE  HE2  sing N N 234 
MET CE  HE3  sing N N 235 
MET OXT HXT  sing N N 236 
PHE N   CA   sing N N 237 
PHE N   H    sing N N 238 
PHE N   H2   sing N N 239 
PHE CA  C    sing N N 240 
PHE CA  CB   sing N N 241 
PHE CA  HA   sing N N 242 
PHE C   O    doub N N 243 
PHE C   OXT  sing N N 244 
PHE CB  CG   sing N N 245 
PHE CB  HB2  sing N N 246 
PHE CB  HB3  sing N N 247 
PHE CG  CD1  doub Y N 248 
PHE CG  CD2  sing Y N 249 
PHE CD1 CE1  sing Y N 250 
PHE CD1 HD1  sing N N 251 
PHE CD2 CE2  doub Y N 252 
PHE CD2 HD2  sing N N 253 
PHE CE1 CZ   doub Y N 254 
PHE CE1 HE1  sing N N 255 
PHE CE2 CZ   sing Y N 256 
PHE CE2 HE2  sing N N 257 
PHE CZ  HZ   sing N N 258 
PHE OXT HXT  sing N N 259 
PRO N   CA   sing N N 260 
PRO N   CD   sing N N 261 
PRO N   H    sing N N 262 
PRO CA  C    sing N N 263 
PRO CA  CB   sing N N 264 
PRO CA  HA   sing N N 265 
PRO C   O    doub N N 266 
PRO C   OXT  sing N N 267 
PRO CB  CG   sing N N 268 
PRO CB  HB2  sing N N 269 
PRO CB  HB3  sing N N 270 
PRO CG  CD   sing N N 271 
PRO CG  HG2  sing N N 272 
PRO CG  HG3  sing N N 273 
PRO CD  HD2  sing N N 274 
PRO CD  HD3  sing N N 275 
PRO OXT HXT  sing N N 276 
SER N   CA   sing N N 277 
SER N   H    sing N N 278 
SER N   H2   sing N N 279 
SER CA  C    sing N N 280 
SER CA  CB   sing N N 281 
SER CA  HA   sing N N 282 
SER C   O    doub N N 283 
SER C   OXT  sing N N 284 
SER CB  OG   sing N N 285 
SER CB  HB2  sing N N 286 
SER CB  HB3  sing N N 287 
SER OG  HG   sing N N 288 
SER OXT HXT  sing N N 289 
THR N   CA   sing N N 290 
THR N   H    sing N N 291 
THR N   H2   sing N N 292 
THR CA  C    sing N N 293 
THR CA  CB   sing N N 294 
THR CA  HA   sing N N 295 
THR C   O    doub N N 296 
THR C   OXT  sing N N 297 
THR CB  OG1  sing N N 298 
THR CB  CG2  sing N N 299 
THR CB  HB   sing N N 300 
THR OG1 HG1  sing N N 301 
THR CG2 HG21 sing N N 302 
THR CG2 HG22 sing N N 303 
THR CG2 HG23 sing N N 304 
THR OXT HXT  sing N N 305 
TRP N   CA   sing N N 306 
TRP N   H    sing N N 307 
TRP N   H2   sing N N 308 
TRP CA  C    sing N N 309 
TRP CA  CB   sing N N 310 
TRP CA  HA   sing N N 311 
TRP C   O    doub N N 312 
TRP C   OXT  sing N N 313 
TRP CB  CG   sing N N 314 
TRP CB  HB2  sing N N 315 
TRP CB  HB3  sing N N 316 
TRP CG  CD1  doub Y N 317 
TRP CG  CD2  sing Y N 318 
TRP CD1 NE1  sing Y N 319 
TRP CD1 HD1  sing N N 320 
TRP CD2 CE2  doub Y N 321 
TRP CD2 CE3  sing Y N 322 
TRP NE1 CE2  sing Y N 323 
TRP NE1 HE1  sing N N 324 
TRP CE2 CZ2  sing Y N 325 
TRP CE3 CZ3  doub Y N 326 
TRP CE3 HE3  sing N N 327 
TRP CZ2 CH2  doub Y N 328 
TRP CZ2 HZ2  sing N N 329 
TRP CZ3 CH2  sing Y N 330 
TRP CZ3 HZ3  sing N N 331 
TRP CH2 HH2  sing N N 332 
TRP OXT HXT  sing N N 333 
TYR N   CA   sing N N 334 
TYR N   H    sing N N 335 
TYR N   H2   sing N N 336 
TYR CA  C    sing N N 337 
TYR CA  CB   sing N N 338 
TYR CA  HA   sing N N 339 
TYR C   O    doub N N 340 
TYR C   OXT  sing N N 341 
TYR CB  CG   sing N N 342 
TYR CB  HB2  sing N N 343 
TYR CB  HB3  sing N N 344 
TYR CG  CD1  doub Y N 345 
TYR CG  CD2  sing Y N 346 
TYR CD1 CE1  sing Y N 347 
TYR CD1 HD1  sing N N 348 
TYR CD2 CE2  doub Y N 349 
TYR CD2 HD2  sing N N 350 
TYR CE1 CZ   doub Y N 351 
TYR CE1 HE1  sing N N 352 
TYR CE2 CZ   sing Y N 353 
TYR CE2 HE2  sing N N 354 
TYR CZ  OH   sing N N 355 
TYR OH  HH   sing N N 356 
TYR OXT HXT  sing N N 357 
VAL N   CA   sing N N 358 
VAL N   H    sing N N 359 
VAL N   H2   sing N N 360 
VAL CA  C    sing N N 361 
VAL CA  CB   sing N N 362 
VAL CA  HA   sing N N 363 
VAL C   O    doub N N 364 
VAL C   OXT  sing N N 365 
VAL CB  CG1  sing N N 366 
VAL CB  CG2  sing N N 367 
VAL CB  HB   sing N N 368 
VAL CG1 HG11 sing N N 369 
VAL CG1 HG12 sing N N 370 
VAL CG1 HG13 sing N N 371 
VAL CG2 HG21 sing N N 372 
VAL CG2 HG22 sing N N 373 
VAL CG2 HG23 sing N N 374 
VAL OXT HXT  sing N N 375 
# 
_atom_sites.entry_id                    5F6A 
_atom_sites.fract_transf_matrix[1][1]   -0.01407906 
_atom_sites.fract_transf_matrix[1][2]   -0.00206817 
_atom_sites.fract_transf_matrix[1][3]   -0.00521360 
_atom_sites.fract_transf_matrix[2][1]   0.00815252 
_atom_sites.fract_transf_matrix[2][2]   -0.01161966 
_atom_sites.fract_transf_matrix[2][3]   -0.01740608 
_atom_sites.fract_transf_matrix[3][1]   -0.01340295 
_atom_sites.fract_transf_matrix[3][2]   -0.02381550 
_atom_sites.fract_transf_matrix[3][3]   0.00962078 
_atom_sites.fract_transf_vector[1]      2.206970 
_atom_sites.fract_transf_vector[2]      0.092497 
_atom_sites.fract_transf_vector[3]      1.478730 
# 
loop_
_atom_type.symbol 
C 
N 
O 
S 
# 
loop_
_atom_site.group_PDB 
_atom_site.id 
_atom_site.type_symbol 
_atom_site.label_atom_id 
_atom_site.label_alt_id 
_atom_site.label_comp_id 
_atom_site.label_asym_id 
_atom_site.label_entity_id 
_atom_site.label_seq_id 
_atom_site.pdbx_PDB_ins_code 
_atom_site.Cartn_x 
_atom_site.Cartn_y 
_atom_site.Cartn_z 
_atom_site.occupancy 
_atom_site.B_iso_or_equiv 
_atom_site.pdbx_formal_charge 
_atom_site.auth_seq_id 
_atom_site.auth_comp_id 
_atom_site.auth_asym_id 
_atom_site.auth_atom_id 
_atom_site.pdbx_PDB_model_num 
ATOM   1   N N   . MET A 1 1   ? 6.643   -9.592  -1.713  1.00 42.99 ? 310 MET A N   1 
ATOM   2   C CA  . MET A 1 1   ? 6.241   -10.991 -1.657  1.00 43.64 ? 310 MET A CA  1 
ATOM   3   C C   . MET A 1 1   ? 4.733   -11.085 -1.908  1.00 40.21 ? 310 MET A C   1 
ATOM   4   O O   . MET A 1 1   ? 4.199   -12.166 -2.166  1.00 39.92 ? 310 MET A O   1 
ATOM   5   C CB  . MET A 1 1   ? 6.659   -11.613 -0.313  1.00 46.78 ? 310 MET A CB  1 
ATOM   6   C CG  . MET A 1 1   ? 8.164   -11.755 -0.075  1.00 49.81 ? 310 MET A CG  1 
ATOM   7   S SD  . MET A 1 1   ? 8.593   -12.412 1.553   1.00 55.32 ? 310 MET A SD  1 
ATOM   8   C CE  . MET A 1 1   ? 10.386  -12.374 1.480   1.00 55.98 ? 310 MET A CE  1 
ATOM   9   N N   . PHE A 1 2   ? 4.045   -9.945  -1.856  1.00 37.16 ? 311 PHE A N   1 
ATOM   10  C CA  . PHE A 1 2   ? 2.711   -9.871  -2.435  1.00 34.40 ? 311 PHE A CA  1 
ATOM   11  C C   . PHE A 1 2   ? 2.514   -8.491  -3.044  1.00 31.83 ? 311 PHE A C   1 
ATOM   12  O O   . PHE A 1 2   ? 2.992   -7.487  -2.507  1.00 30.83 ? 311 PHE A O   1 
ATOM   13  C CB  . PHE A 1 2   ? 1.597   -10.202 -1.419  1.00 33.37 ? 311 PHE A CB  1 
ATOM   14  C CG  . PHE A 1 2   ? 1.229   -9.075  -0.485  1.00 31.86 ? 311 PHE A CG  1 
ATOM   15  C CD1 . PHE A 1 2   ? 0.297   -8.116  -0.862  1.00 31.36 ? 311 PHE A CD1 1 
ATOM   16  C CD2 . PHE A 1 2   ? 1.760   -9.011  0.791   1.00 31.88 ? 311 PHE A CD2 1 
ATOM   17  C CE1 . PHE A 1 2   ? -0.059  -7.094  -0.004  1.00 30.54 ? 311 PHE A CE1 1 
ATOM   18  C CE2 . PHE A 1 2   ? 1.403   -7.991  1.659   1.00 31.21 ? 311 PHE A CE2 1 
ATOM   19  C CZ  . PHE A 1 2   ? 0.493   -7.031  1.259   1.00 30.69 ? 311 PHE A CZ  1 
ATOM   20  N N   . ILE A 1 3   ? 1.812   -8.458  -4.171  1.00 30.57 ? 312 ILE A N   1 
ATOM   21  C CA  . ILE A 1 3   ? 1.590   -7.238  -4.937  1.00 29.19 ? 312 ILE A CA  1 
ATOM   22  C C   . ILE A 1 3   ? 0.195   -6.712  -4.641  1.00 27.60 ? 312 ILE A C   1 
ATOM   23  O O   . ILE A 1 3   ? -0.774  -7.480  -4.576  1.00 28.52 ? 312 ILE A O   1 
ATOM   24  C CB  . ILE A 1 3   ? 1.777   -7.494  -6.446  1.00 29.84 ? 312 ILE A CB  1 
ATOM   25  C CG1 . ILE A 1 3   ? 3.255   -7.703  -6.774  1.00 30.52 ? 312 ILE A CG1 1 
ATOM   26  C CG2 . ILE A 1 3   ? 1.181   -6.361  -7.280  1.00 29.57 ? 312 ILE A CG2 1 
ATOM   27  C CD1 . ILE A 1 3   ? 3.499   -8.142  -8.194  1.00 31.80 ? 312 ILE A CD1 1 
ATOM   28  N N   . SER A 1 4   ? 0.093   -5.403  -4.438  1.00 26.08 ? 313 SER A N   1 
ATOM   29  C CA  . SER A 1 4   ? -1.186  -4.716  -4.375  1.00 25.12 ? 313 SER A CA  1 
ATOM   30  C C   . SER A 1 4   ? -1.120  -3.487  -5.273  1.00 25.63 ? 313 SER A C   1 
ATOM   31  O O   . SER A 1 4   ? -0.041  -3.045  -5.677  1.00 25.36 ? 313 SER A O   1 
ATOM   32  C CB  . SER A 1 4   ? -1.548  -4.319  -2.937  1.00 23.90 ? 313 SER A CB  1 
ATOM   33  O OG  . SER A 1 4   ? -0.589  -3.428  -2.401  1.00 23.67 ? 313 SER A OG  1 
ATOM   34  N N   . ARG A 1 5   ? -2.292  -2.952  -5.609  1.00 25.72 ? 314 ARG A N   1 
ATOM   35  C CA  . ARG A 1 5   ? -2.397  -1.707  -6.356  1.00 25.68 ? 314 ARG A CA  1 
ATOM   36  C C   . ARG A 1 5   ? -3.394  -0.800  -5.651  1.00 24.76 ? 314 ARG A C   1 
ATOM   37  O O   . ARG A 1 5   ? -4.404  -1.270  -5.120  1.00 23.90 ? 314 ARG A O   1 
ATOM   38  C CB  . ARG A 1 5   ? -2.820  -1.943  -7.817  1.00 25.40 ? 314 ARG A CB  1 
ATOM   39  C CG  . ARG A 1 5   ? -2.083  -3.092  -8.495  1.00 26.00 ? 314 ARG A CG  1 
ATOM   40  C CD  . ARG A 1 5   ? -1.755  -2.803  -9.956  1.00 27.24 ? 314 ARG A CD  1 
ATOM   41  N NE  . ARG A 1 5   ? -2.913  -2.381  -10.736 1.00 27.57 ? 314 ARG A NE  1 
ATOM   42  C CZ  . ARG A 1 5   ? -2.917  -2.278  -12.061 1.00 28.93 ? 314 ARG A CZ  1 
ATOM   43  N NH1 . ARG A 1 5   ? -1.828  -2.580  -12.754 1.00 28.93 ? 314 ARG A NH1 1 
ATOM   44  N NH2 . ARG A 1 5   ? -4.012  -1.882  -12.695 1.00 29.37 ? 314 ARG A NH2 1 
ATOM   45  N N   . HIS A 1 6   ? -3.102  0.497   -5.642  1.00 25.79 ? 315 HIS A N   1 
ATOM   46  C CA  . HIS A 1 6   ? -3.874  1.451   -4.861  1.00 25.63 ? 315 HIS A CA  1 
ATOM   47  C C   . HIS A 1 6   ? -4.277  2.639   -5.720  1.00 27.02 ? 315 HIS A C   1 
ATOM   48  O O   . HIS A 1 6   ? -3.657  2.938   -6.742  1.00 27.08 ? 315 HIS A O   1 
ATOM   49  C CB  . HIS A 1 6   ? -3.080  1.942   -3.645  1.00 26.10 ? 315 HIS A CB  1 
ATOM   50  C CG  . HIS A 1 6   ? -2.627  0.842   -2.738  1.00 26.32 ? 315 HIS A CG  1 
ATOM   51  N ND1 . HIS A 1 6   ? -3.295  0.510   -1.579  1.00 26.56 ? 315 HIS A ND1 1 
ATOM   52  C CD2 . HIS A 1 6   ? -1.576  -0.008  -2.823  1.00 26.94 ? 315 HIS A CD2 1 
ATOM   53  C CE1 . HIS A 1 6   ? -2.672  -0.492  -0.987  1.00 26.94 ? 315 HIS A CE1 1 
ATOM   54  N NE2 . HIS A 1 6   ? -1.626  -0.828  -1.722  1.00 27.11 ? 315 HIS A NE2 1 
ATOM   55  N N   . SER A 1 7   ? -5.335  3.318   -5.281  1.00 26.52 ? 316 SER A N   1 
ATOM   56  C CA  . SER A 1 7   ? -5.720  4.584   -5.882  1.00 27.71 ? 316 SER A CA  1 
ATOM   57  C C   . SER A 1 7   ? -4.703  5.657   -5.504  1.00 28.47 ? 316 SER A C   1 
ATOM   58  O O   . SER A 1 7   ? -3.764  5.423   -4.736  1.00 28.06 ? 316 SER A O   1 
ATOM   59  C CB  . SER A 1 7   ? -7.122  4.987   -5.432  1.00 26.90 ? 316 SER A CB  1 
ATOM   60  O OG  . SER A 1 7   ? -7.140  5.305   -4.052  1.00 26.63 ? 316 SER A OG  1 
ATOM   61  N N   . GLY A 1 8   ? -4.895  6.857   -6.052  1.00 29.75 ? 317 GLY A N   1 
ATOM   62  C CA  . GLY A 1 8   ? -4.029  7.965   -5.690  1.00 31.11 ? 317 GLY A CA  1 
ATOM   63  C C   . GLY A 1 8   ? -4.056  8.271   -4.208  1.00 32.74 ? 317 GLY A C   1 
ATOM   64  O O   . GLY A 1 8   ? -3.061  8.739   -3.648  1.00 32.88 ? 317 GLY A O   1 
ATOM   65  N N   . GLU A 1 9   ? -5.177  7.992   -3.546  1.00 33.93 ? 318 GLU A N   1 
ATOM   66  C CA  . GLU A 1 9   ? -5.327  8.239   -2.120  1.00 35.61 ? 318 GLU A CA  1 
ATOM   67  C C   . GLU A 1 9   ? -5.009  7.020   -1.263  1.00 32.25 ? 318 GLU A C   1 
ATOM   68  O O   . GLU A 1 9   ? -5.110  7.104   -0.034  1.00 31.60 ? 318 GLU A O   1 
ATOM   69  C CB  . GLU A 1 9   ? -6.750  8.724   -1.820  1.00 40.44 ? 318 GLU A CB  1 
ATOM   70  C CG  . GLU A 1 9   ? -7.111  10.039  -2.499  1.00 45.05 ? 318 GLU A CG  1 
ATOM   71  C CD  . GLU A 1 9   ? -6.193  11.183  -2.101  1.00 48.91 ? 318 GLU A CD  1 
ATOM   72  O OE1 . GLU A 1 9   ? -5.695  11.185  -0.954  1.00 52.78 ? 318 GLU A OE1 1 
ATOM   73  O OE2 . GLU A 1 9   ? -5.970  12.084  -2.936  1.00 49.87 ? 318 GLU A OE2 1 
ATOM   74  N N   . GLY A 1 10  ? -4.632  5.897   -1.870  1.00 30.01 ? 319 GLY A N   1 
ATOM   75  C CA  . GLY A 1 10  ? -4.247  4.719   -1.123  1.00 27.68 ? 319 GLY A CA  1 
ATOM   76  C C   . GLY A 1 10  ? -5.313  3.660   -0.957  1.00 26.78 ? 319 GLY A C   1 
ATOM   77  O O   . GLY A 1 10  ? -5.088  2.693   -0.221  1.00 25.98 ? 319 GLY A O   1 
ATOM   78  N N   . LYS A 1 11  ? -6.458  3.804   -1.617  1.00 26.46 ? 320 LYS A N   1 
ATOM   79  C CA  . LYS A 1 11  ? -7.517  2.807   -1.526  1.00 26.85 ? 320 LYS A CA  1 
ATOM   80  C C   . LYS A 1 11  ? -7.108  1.534   -2.260  1.00 26.68 ? 320 LYS A C   1 
ATOM   81  O O   . LYS A 1 11  ? -6.689  1.583   -3.420  1.00 27.67 ? 320 LYS A O   1 
ATOM   82  C CB  . LYS A 1 11  ? -8.809  3.380   -2.110  1.00 28.26 ? 320 LYS A CB  1 
ATOM   83  C CG  . LYS A 1 11  ? -10.037 2.507   -1.956  1.00 29.91 ? 320 LYS A CG  1 
ATOM   84  C CD  . LYS A 1 11  ? -11.112 2.908   -2.961  1.00 31.65 ? 320 LYS A CD  1 
ATOM   85  C CE  . LYS A 1 11  ? -11.437 4.391   -2.867  1.00 33.08 ? 320 LYS A CE  1 
ATOM   86  N NZ  . LYS A 1 11  ? -12.583 4.772   -3.741  1.00 33.96 ? 320 LYS A NZ  1 
ATOM   87  N N   . PHE A 1 12  ? -7.214  0.394   -1.577  1.00 25.80 ? 321 PHE A N   1 
ATOM   88  C CA  . PHE A 1 12  ? -6.867  -0.889  -2.184  1.00 25.53 ? 321 PHE A CA  1 
ATOM   89  C C   . PHE A 1 12  ? -7.748  -1.161  -3.397  1.00 26.18 ? 321 PHE A C   1 
ATOM   90  O O   . PHE A 1 12  ? -8.974  -1.245  -3.277  1.00 26.90 ? 321 PHE A O   1 
ATOM   91  C CB  . PHE A 1 12  ? -7.024  -2.019  -1.166  1.00 25.07 ? 321 PHE A CB  1 
ATOM   92  C CG  . PHE A 1 12  ? -5.810  -2.260  -0.314  1.00 25.20 ? 321 PHE A CG  1 
ATOM   93  C CD1 . PHE A 1 12  ? -5.657  -1.614  0.901   1.00 24.76 ? 321 PHE A CD1 1 
ATOM   94  C CD2 . PHE A 1 12  ? -4.836  -3.161  -0.713  1.00 24.97 ? 321 PHE A CD2 1 
ATOM   95  C CE1 . PHE A 1 12  ? -4.547  -1.846  1.694   1.00 24.92 ? 321 PHE A CE1 1 
ATOM   96  C CE2 . PHE A 1 12  ? -3.724  -3.399  0.074   1.00 25.31 ? 321 PHE A CE2 1 
ATOM   97  C CZ  . PHE A 1 12  ? -3.579  -2.741  1.279   1.00 24.73 ? 321 PHE A CZ  1 
ATOM   98  N N   . LEU A 1 13  ? -7.124  -1.307  -4.565  1.00 26.48 ? 322 LEU A N   1 
ATOM   99  C CA  . LEU A 1 13  ? -7.842  -1.689  -5.776  1.00 26.32 ? 322 LEU A CA  1 
ATOM   100 C C   . LEU A 1 13  ? -7.615  -3.139  -6.174  1.00 26.75 ? 322 LEU A C   1 
ATOM   101 O O   . LEU A 1 13  ? -8.474  -3.730  -6.839  1.00 25.85 ? 322 LEU A O   1 
ATOM   102 C CB  . LEU A 1 13  ? -7.442  -0.781  -6.946  1.00 27.50 ? 322 LEU A CB  1 
ATOM   103 C CG  . LEU A 1 13  ? -7.674  0.720   -6.758  1.00 27.43 ? 322 LEU A CG  1 
ATOM   104 C CD1 . LEU A 1 13  ? -7.101  1.499   -7.937  1.00 27.56 ? 322 LEU A CD1 1 
ATOM   105 C CD2 . LEU A 1 13  ? -9.155  1.017   -6.589  1.00 28.21 ? 322 LEU A CD2 1 
ATOM   106 N N   . PHE A 1 14  ? -6.490  -3.728  -5.777  1.00 25.74 ? 323 PHE A N   1 
ATOM   107 C CA  . PHE A 1 14  ? -6.156  -5.091  -6.155  1.00 26.42 ? 323 PHE A CA  1 
ATOM   108 C C   . PHE A 1 14  ? -5.136  -5.633  -5.165  1.00 25.93 ? 323 PHE A C   1 
ATOM   109 O O   . PHE A 1 14  ? -4.246  -4.902  -4.728  1.00 25.79 ? 323 PHE A O   1 
ATOM   110 C CB  . PHE A 1 14  ? -5.602  -5.145  -7.589  1.00 25.48 ? 323 PHE A CB  1 
ATOM   111 C CG  . PHE A 1 14  ? -4.886  -6.429  -7.930  1.00 24.78 ? 323 PHE A CG  1 
ATOM   112 C CD1 . PHE A 1 14  ? -3.522  -6.564  -7.705  1.00 23.89 ? 323 PHE A CD1 1 
ATOM   113 C CD2 . PHE A 1 14  ? -5.570  -7.491  -8.501  1.00 24.26 ? 323 PHE A CD2 1 
ATOM   114 C CE1 . PHE A 1 14  ? -2.861  -7.739  -8.020  1.00 24.09 ? 323 PHE A CE1 1 
ATOM   115 C CE2 . PHE A 1 14  ? -4.914  -8.665  -8.822  1.00 24.38 ? 323 PHE A CE2 1 
ATOM   116 C CZ  . PHE A 1 14  ? -3.558  -8.790  -8.581  1.00 24.29 ? 323 PHE A CZ  1 
ATOM   117 N N   . ILE A 1 15  ? -5.287  -6.904  -4.804  1.00 27.27 ? 324 ILE A N   1 
ATOM   118 C CA  . ILE A 1 15  ? -4.242  -7.670  -4.137  1.00 29.30 ? 324 ILE A CA  1 
ATOM   119 C C   . ILE A 1 15  ? -4.098  -8.985  -4.888  1.00 32.26 ? 324 ILE A C   1 
ATOM   120 O O   . ILE A 1 15  ? -5.068  -9.514  -5.436  1.00 31.40 ? 324 ILE A O   1 
ATOM   121 C CB  . ILE A 1 15  ? -4.529  -7.926  -2.638  1.00 29.08 ? 324 ILE A CB  1 
ATOM   122 C CG1 . ILE A 1 15  ? -5.843  -8.690  -2.454  1.00 29.38 ? 324 ILE A CG1 1 
ATOM   123 C CG2 . ILE A 1 15  ? -4.534  -6.616  -1.864  1.00 29.08 ? 324 ILE A CG2 1 
ATOM   124 C CD1 . ILE A 1 15  ? -6.104  -9.115  -1.024  1.00 28.92 ? 324 ILE A CD1 1 
ATOM   125 N N   . ASP A 1 16  ? -2.876  -9.510  -4.920  1.00 35.76 ? 325 ASP A N   1 
ATOM   126 C CA  . ASP A 1 16  ? -2.600  -10.683 -5.739  1.00 38.98 ? 325 ASP A CA  1 
ATOM   127 C C   . ASP A 1 16  ? -3.019  -11.953 -4.999  1.00 41.52 ? 325 ASP A C   1 
ATOM   128 O O   . ASP A 1 16  ? -3.644  -11.914 -3.935  1.00 40.24 ? 325 ASP A O   1 
ATOM   129 C CB  . ASP A 1 16  ? -1.131  -10.708 -6.167  1.00 37.55 ? 325 ASP A CB  1 
ATOM   130 C CG  . ASP A 1 16  ? -0.162  -10.873 -4.999  1.00 35.57 ? 325 ASP A CG  1 
ATOM   131 O OD1 . ASP A 1 16  ? -0.596  -11.138 -3.859  1.00 33.55 ? 325 ASP A OD1 1 
ATOM   132 O OD2 . ASP A 1 16  ? 1.058   -10.743 -5.237  1.00 35.78 ? 325 ASP A OD2 1 
ATOM   133 N N   . GLN A 1 17  ? -2.662  -13.105 -5.570  1.00 46.54 ? 326 GLN A N   1 
ATOM   134 C CA  . GLN A 1 17  ? -3.039  -14.392 -5.004  1.00 50.26 ? 326 GLN A CA  1 
ATOM   135 C C   . GLN A 1 17  ? -2.312  -14.696 -3.702  1.00 48.56 ? 326 GLN A C   1 
ATOM   136 O O   . GLN A 1 17  ? -2.735  -15.593 -2.964  1.00 48.24 ? 326 GLN A O   1 
ATOM   137 C CB  . GLN A 1 17  ? -2.751  -15.504 -6.014  1.00 57.68 ? 326 GLN A CB  1 
ATOM   138 C CG  . GLN A 1 17  ? -1.268  -15.664 -6.345  1.00 63.80 ? 326 GLN A CG  1 
ATOM   139 C CD  . GLN A 1 17  ? -1.003  -16.771 -7.348  1.00 70.13 ? 326 GLN A CD  1 
ATOM   140 O OE1 . GLN A 1 17  ? -1.902  -17.187 -8.081  1.00 75.74 ? 326 GLN A OE1 1 
ATOM   141 N NE2 . GLN A 1 17  ? 0.235   -17.252 -7.389  1.00 71.22 ? 326 GLN A NE2 1 
ATOM   142 N N   . ARG A 1 18  ? -1.236  -13.971 -3.402  1.00 46.24 ? 327 ARG A N   1 
ATOM   143 C CA  . ARG A 1 18  ? -0.349  -14.310 -2.299  1.00 44.38 ? 327 ARG A CA  1 
ATOM   144 C C   . ARG A 1 18  ? -0.597  -13.485 -1.042  1.00 40.23 ? 327 ARG A C   1 
ATOM   145 O O   . ARG A 1 18  ? 0.042   -13.745 -0.017  1.00 39.15 ? 327 ARG A O   1 
ATOM   146 C CB  . ARG A 1 18  ? 1.108   -14.134 -2.741  1.00 45.76 ? 327 ARG A CB  1 
ATOM   147 C CG  . ARG A 1 18  ? 1.469   -14.920 -3.997  1.00 48.38 ? 327 ARG A CG  1 
ATOM   148 C CD  . ARG A 1 18  ? 2.868   -14.577 -4.492  1.00 50.54 ? 327 ARG A CD  1 
ATOM   149 N NE  . ARG A 1 18  ? 2.887   -13.348 -5.284  1.00 51.36 ? 327 ARG A NE  1 
ATOM   150 C CZ  . ARG A 1 18  ? 3.994   -12.759 -5.726  1.00 52.25 ? 327 ARG A CZ  1 
ATOM   151 N NH1 . ARG A 1 18  ? 5.181   -13.282 -5.453  1.00 53.38 ? 327 ARG A NH1 1 
ATOM   152 N NH2 . ARG A 1 18  ? 3.915   -11.644 -6.442  1.00 51.86 ? 327 ARG A NH2 1 
ATOM   153 N N   . ALA A 1 19  ? -1.513  -12.516 -1.088  1.00 37.96 ? 328 ALA A N   1 
ATOM   154 C CA  . ALA A 1 19  ? -1.658  -11.560 0.007   1.00 34.99 ? 328 ALA A CA  1 
ATOM   155 C C   . ALA A 1 19  ? -2.421  -12.149 1.188   1.00 33.10 ? 328 ALA A C   1 
ATOM   156 O O   . ALA A 1 19  ? -2.021  -11.967 2.343   1.00 32.36 ? 328 ALA A O   1 
ATOM   157 C CB  . ALA A 1 19  ? -2.359  -10.296 -0.496  1.00 33.92 ? 328 ALA A CB  1 
ATOM   158 N N   . THR A 1 20  ? -3.530  -12.846 0.916   1.00 33.07 ? 329 THR A N   1 
ATOM   159 C CA  . THR A 1 20  ? -4.429  -13.283 1.983   1.00 32.30 ? 329 THR A CA  1 
ATOM   160 C C   . THR A 1 20  ? -3.710  -14.139 3.018   1.00 33.98 ? 329 THR A C   1 
ATOM   161 O O   . THR A 1 20  ? -3.917  -13.971 4.225   1.00 32.30 ? 329 THR A O   1 
ATOM   162 C CB  . THR A 1 20  ? -5.612  -14.047 1.385   1.00 33.01 ? 329 THR A CB  1 
ATOM   163 O OG1 . THR A 1 20  ? -6.422  -13.147 0.618   1.00 33.15 ? 329 THR A OG1 1 
ATOM   164 C CG2 . THR A 1 20  ? -6.457  -14.680 2.480   1.00 32.32 ? 329 THR A CG2 1 
ATOM   165 N N   . LEU A 1 21  ? -2.850  -15.054 2.565   1.00 35.65 ? 330 LEU A N   1 
ATOM   166 C CA  . LEU A 1 21  ? -2.093  -15.880 3.501   1.00 37.09 ? 330 LEU A CA  1 
ATOM   167 C C   . LEU A 1 21  ? -1.202  -15.027 4.398   1.00 34.40 ? 330 LEU A C   1 
ATOM   168 O O   . LEU A 1 21  ? -0.922  -15.410 5.539   1.00 34.34 ? 330 LEU A O   1 
ATOM   169 C CB  . LEU A 1 21  ? -1.260  -16.909 2.726   1.00 39.43 ? 330 LEU A CB  1 
ATOM   170 C CG  . LEU A 1 21  ? -0.323  -17.852 3.491   1.00 40.93 ? 330 LEU A CG  1 
ATOM   171 C CD1 . LEU A 1 21  ? -1.116  -18.743 4.419   1.00 42.95 ? 330 LEU A CD1 1 
ATOM   172 C CD2 . LEU A 1 21  ? 0.524   -18.694 2.568   1.00 41.91 ? 330 LEU A CD2 1 
ATOM   173 N N   . VAL A 1 22  ? -0.776  -13.860 3.914   1.00 32.78 ? 331 VAL A N   1 
ATOM   174 C CA  . VAL A 1 22  ? 0.139   -13.021 4.682   1.00 31.42 ? 331 VAL A CA  1 
ATOM   175 C C   . VAL A 1 22  ? -0.622  -12.155 5.681   1.00 29.90 ? 331 VAL A C   1 
ATOM   176 O O   . VAL A 1 22  ? -0.310  -12.144 6.878   1.00 29.79 ? 331 VAL A O   1 
ATOM   177 C CB  . VAL A 1 22  ? 0.995   -12.166 3.731   1.00 30.84 ? 331 VAL A CB  1 
ATOM   178 C CG1 . VAL A 1 22  ? 1.907   -11.258 4.523   1.00 30.54 ? 331 VAL A CG1 1 
ATOM   179 C CG2 . VAL A 1 22  ? 1.809   -13.056 2.802   1.00 31.98 ? 331 VAL A CG2 1 
ATOM   180 N N   . ILE A 1 23  ? -1.630  -11.416 5.212   1.00 29.37 ? 332 ILE A N   1 
ATOM   181 C CA  . ILE A 1 23  ? -2.311  -10.432 6.052   1.00 28.23 ? 332 ILE A CA  1 
ATOM   182 C C   . ILE A 1 23  ? -3.652  -10.920 6.587   1.00 29.49 ? 332 ILE A C   1 
ATOM   183 O O   . ILE A 1 23  ? -4.257  -10.229 7.422   1.00 29.61 ? 332 ILE A O   1 
ATOM   184 C CB  . ILE A 1 23  ? -2.505  -9.099  5.300   1.00 27.93 ? 332 ILE A CB  1 
ATOM   185 C CG1 . ILE A 1 23  ? -3.329  -9.318  4.032   1.00 27.57 ? 332 ILE A CG1 1 
ATOM   186 C CG2 . ILE A 1 23  ? -1.156  -8.476  4.965   1.00 27.59 ? 332 ILE A CG2 1 
ATOM   187 C CD1 . ILE A 1 23  ? -3.548  -8.059  3.222   1.00 27.33 ? 332 ILE A CD1 1 
ATOM   188 N N   . GLY A 1 24  ? -4.137  -12.077 6.140   1.00 30.38 ? 333 GLY A N   1 
ATOM   189 C CA  . GLY A 1 24  ? -5.353  -12.654 6.666   1.00 31.22 ? 333 GLY A CA  1 
ATOM   190 C C   . GLY A 1 24  ? -6.639  -12.144 6.048   1.00 33.30 ? 333 GLY A C   1 
ATOM   191 O O   . GLY A 1 24  ? -7.663  -12.833 6.135   1.00 33.54 ? 333 GLY A O   1 
ATOM   192 N N   . PHE A 1 25  ? -6.622  -10.967 5.424   1.00 33.96 ? 334 PHE A N   1 
ATOM   193 C CA  . PHE A 1 25  ? -7.836  -10.384 4.866   1.00 34.45 ? 334 PHE A CA  1 
ATOM   194 C C   . PHE A 1 25  ? -8.193  -11.036 3.536   1.00 34.88 ? 334 PHE A C   1 
ATOM   195 O O   . PHE A 1 25  ? -7.329  -11.232 2.676   1.00 34.78 ? 334 PHE A O   1 
ATOM   196 C CB  . PHE A 1 25  ? -7.670  -8.877  4.667   1.00 33.19 ? 334 PHE A CB  1 
ATOM   197 C CG  . PHE A 1 25  ? -7.529  -8.105  5.946   1.00 31.76 ? 334 PHE A CG  1 
ATOM   198 C CD1 . PHE A 1 25  ? -8.631  -7.860  6.747   1.00 30.89 ? 334 PHE A CD1 1 
ATOM   199 C CD2 . PHE A 1 25  ? -6.296  -7.612  6.341   1.00 30.89 ? 334 PHE A CD2 1 
ATOM   200 C CE1 . PHE A 1 25  ? -8.505  -7.147  7.924   1.00 29.79 ? 334 PHE A CE1 1 
ATOM   201 C CE2 . PHE A 1 25  ? -6.164  -6.897  7.515   1.00 29.72 ? 334 PHE A CE2 1 
ATOM   202 C CZ  . PHE A 1 25  ? -7.270  -6.665  8.308   1.00 29.23 ? 334 PHE A CZ  1 
ATOM   203 N N   . LEU A 1 26  ? -9.472  -11.364 3.371   1.00 35.49 ? 335 LEU A N   1 
ATOM   204 C CA  . LEU A 1 26  ? -9.981  -11.715 2.058   1.00 36.22 ? 335 LEU A CA  1 
ATOM   205 C C   . LEU A 1 26  ? -9.943  -10.483 1.154   1.00 35.46 ? 335 LEU A C   1 
ATOM   206 O O   . LEU A 1 26  ? -9.987  -9.348  1.638   1.00 34.36 ? 335 LEU A O   1 
ATOM   207 C CB  . LEU A 1 26  ? -11.412 -12.247 2.157   1.00 37.45 ? 335 LEU A CB  1 
ATOM   208 C CG  . LEU A 1 26  ? -11.706 -13.350 3.176   1.00 38.81 ? 335 LEU A CG  1 
ATOM   209 C CD1 . LEU A 1 26  ? -13.192 -13.594 3.307   1.00 39.47 ? 335 LEU A CD1 1 
ATOM   210 C CD2 . LEU A 1 26  ? -10.999 -14.633 2.807   1.00 39.60 ? 335 LEU A CD2 1 
ATOM   211 N N   . PRO A 1 27  ? -9.831  -10.676 -0.164  1.00 35.36 ? 336 PRO A N   1 
ATOM   212 C CA  . PRO A 1 27  ? -9.879  -9.517  -1.071  1.00 35.93 ? 336 PRO A CA  1 
ATOM   213 C C   . PRO A 1 27  ? -11.113 -8.652  -0.879  1.00 36.57 ? 336 PRO A C   1 
ATOM   214 O O   . PRO A 1 27  ? -10.993 -7.423  -0.814  1.00 37.38 ? 336 PRO A O   1 
ATOM   215 C CB  . PRO A 1 27  ? -9.841  -10.168 -2.459  1.00 35.63 ? 336 PRO A CB  1 
ATOM   216 C CG  . PRO A 1 27  ? -9.090  -11.442 -2.239  1.00 35.39 ? 336 PRO A CG  1 
ATOM   217 C CD  . PRO A 1 27  ? -9.501  -11.924 -0.876  1.00 35.46 ? 336 PRO A CD  1 
ATOM   218 N N   . GLN A 1 28  ? -12.297 -9.259  -0.761  1.00 37.88 ? 337 GLN A N   1 
ATOM   219 C CA  . GLN A 1 28  ? -13.504 -8.474  -0.531  1.00 39.70 ? 337 GLN A CA  1 
ATOM   220 C C   . GLN A 1 28  ? -13.466 -7.733  0.799   1.00 39.88 ? 337 GLN A C   1 
ATOM   221 O O   . GLN A 1 28  ? -14.228 -6.779  0.986   1.00 40.41 ? 337 GLN A O   1 
ATOM   222 C CB  . GLN A 1 28  ? -14.743 -9.369  -0.584  1.00 43.50 ? 337 GLN A CB  1 
ATOM   223 C CG  . GLN A 1 28  ? -14.750 -10.497 0.435   1.00 46.71 ? 337 GLN A CG  1 
ATOM   224 C CD  . GLN A 1 28  ? -14.235 -11.804 -0.137  1.00 50.26 ? 337 GLN A CD  1 
ATOM   225 O OE1 . GLN A 1 28  ? -13.419 -11.812 -1.059  1.00 51.11 ? 337 GLN A OE1 1 
ATOM   226 N NE2 . GLN A 1 28  ? -14.713 -12.919 0.410   1.00 51.74 ? 337 GLN A NE2 1 
ATOM   227 N N   . GLU A 1 29  ? -12.599 -8.147  1.723   1.00 38.57 ? 338 GLU A N   1 
ATOM   228 C CA  . GLU A 1 29  ? -12.519 -7.471  3.011   1.00 36.90 ? 338 GLU A CA  1 
ATOM   229 C C   . GLU A 1 29  ? -11.610 -6.250  2.965   1.00 34.31 ? 338 GLU A C   1 
ATOM   230 O O   . GLU A 1 29  ? -11.835 -5.292  3.712   1.00 33.31 ? 338 GLU A O   1 
ATOM   231 C CB  . GLU A 1 29  ? -12.040 -8.448  4.087   1.00 37.57 ? 338 GLU A CB  1 
ATOM   232 C CG  . GLU A 1 29  ? -12.986 -9.618  4.322   1.00 39.34 ? 338 GLU A CG  1 
ATOM   233 C CD  . GLU A 1 29  ? -12.406 -10.672 5.252   1.00 40.77 ? 338 GLU A CD  1 
ATOM   234 O OE1 . GLU A 1 29  ? -11.166 -10.826 5.288   1.00 41.50 ? 338 GLU A OE1 1 
ATOM   235 O OE2 . GLU A 1 29  ? -13.195 -11.349 5.944   1.00 41.07 ? 338 GLU A OE2 1 
ATOM   236 N N   . ILE A 1 30  ? -10.595 -6.249  2.100   1.00 32.24 ? 339 ILE A N   1 
ATOM   237 C CA  . ILE A 1 30  ? -9.622  -5.175  2.074   1.00 29.42 ? 339 ILE A CA  1 
ATOM   238 C C   . ILE A 1 30  ? -9.765  -4.267  0.851   1.00 29.54 ? 339 ILE A C   1 
ATOM   239 O O   . ILE A 1 30  ? -9.451  -3.080  0.939   1.00 29.15 ? 339 ILE A O   1 
ATOM   240 C CB  . ILE A 1 30  ? -8.183  -5.729  2.181   1.00 28.23 ? 339 ILE A CB  1 
ATOM   241 C CG1 . ILE A 1 30  ? -7.175  -4.596  2.395   1.00 27.19 ? 339 ILE A CG1 1 
ATOM   242 C CG2 . ILE A 1 30  ? -7.824  -6.554  0.959   1.00 28.13 ? 339 ILE A CG2 1 
ATOM   243 C CD1 . ILE A 1 30  ? -5.841  -5.054  2.947   1.00 26.80 ? 339 ILE A CD1 1 
ATOM   244 N N   . LEU A 1 31  ? -10.244 -4.793  -0.282  1.00 29.06 ? 340 LEU A N   1 
ATOM   245 C CA  . LEU A 1 31  ? -10.453 -3.945  -1.451  1.00 29.97 ? 340 LEU A CA  1 
ATOM   246 C C   . LEU A 1 31  ? -11.482 -2.868  -1.137  1.00 28.71 ? 340 LEU A C   1 
ATOM   247 O O   . LEU A 1 31  ? -12.520 -3.140  -0.525  1.00 29.58 ? 340 LEU A O   1 
ATOM   248 C CB  . LEU A 1 31  ? -10.910 -4.776  -2.654  1.00 30.52 ? 340 LEU A CB  1 
ATOM   249 C CG  . LEU A 1 31  ? -9.945  -5.788  -3.281  1.00 31.75 ? 340 LEU A CG  1 
ATOM   250 C CD1 . LEU A 1 31  ? -10.464 -6.253  -4.636  1.00 32.12 ? 340 LEU A CD1 1 
ATOM   251 C CD2 . LEU A 1 31  ? -8.542  -5.218  -3.401  1.00 31.71 ? 340 LEU A CD2 1 
ATOM   252 N N   . GLY A 1 32  ? -11.190 -1.641  -1.558  1.00 28.78 ? 341 GLY A N   1 
ATOM   253 C CA  . GLY A 1 32  ? -12.035 -0.503  -1.273  1.00 28.01 ? 341 GLY A CA  1 
ATOM   254 C C   . GLY A 1 32  ? -11.670 0.249   -0.012  1.00 27.57 ? 341 GLY A C   1 
ATOM   255 O O   . GLY A 1 32  ? -12.230 1.325   0.231   1.00 27.58 ? 341 GLY A O   1 
ATOM   256 N N   . THR A 1 33  ? -10.753 -0.279  0.789   1.00 26.89 ? 342 THR A N   1 
ATOM   257 C CA  . THR A 1 33  ? -10.302 0.372   2.008   1.00 25.90 ? 342 THR A CA  1 
ATOM   258 C C   . THR A 1 33  ? -8.936  1.012   1.788   1.00 25.02 ? 342 THR A C   1 
ATOM   259 O O   . THR A 1 33  ? -8.149  0.580   0.943   1.00 24.58 ? 342 THR A O   1 
ATOM   260 C CB  . THR A 1 33  ? -10.234 -0.630  3.164   1.00 25.82 ? 342 THR A CB  1 
ATOM   261 O OG1 . THR A 1 33  ? -9.292  -1.661  2.850   1.00 26.41 ? 342 THR A OG1 1 
ATOM   262 C CG2 . THR A 1 33  ? -11.595 -1.264  3.395   1.00 25.73 ? 342 THR A CG2 1 
ATOM   263 N N   . SER A 1 34  ? -8.668  2.060   2.558   1.00 24.12 ? 343 SER A N   1 
ATOM   264 C CA  . SER A 1 34  ? -7.407  2.778   2.457   1.00 23.66 ? 343 SER A CA  1 
ATOM   265 C C   . SER A 1 34  ? -6.315  2.052   3.233   1.00 22.05 ? 343 SER A C   1 
ATOM   266 O O   . SER A 1 34  ? -6.576  1.406   4.252   1.00 21.28 ? 343 SER A O   1 
ATOM   267 C CB  . SER A 1 34  ? -7.565  4.203   2.992   1.00 23.69 ? 343 SER A CB  1 
ATOM   268 O OG  . SER A 1 34  ? -6.313  4.855   3.098   1.00 23.95 ? 343 SER A OG  1 
ATOM   269 N N   . PHE A 1 35  ? -5.075  2.160   2.744   1.00 21.94 ? 344 PHE A N   1 
ATOM   270 C CA  . PHE A 1 35  ? -3.998  1.536   3.502   1.00 22.07 ? 344 PHE A CA  1 
ATOM   271 C C   . PHE A 1 35  ? -3.689  2.290   4.789   1.00 21.00 ? 344 PHE A C   1 
ATOM   272 O O   . PHE A 1 35  ? -2.980  1.757   5.648   1.00 20.73 ? 344 PHE A O   1 
ATOM   273 C CB  . PHE A 1 35  ? -2.732  1.348   2.638   1.00 23.00 ? 344 PHE A CB  1 
ATOM   274 C CG  . PHE A 1 35  ? -2.212  2.598   1.945   1.00 23.29 ? 344 PHE A CG  1 
ATOM   275 C CD1 . PHE A 1 35  ? -2.498  3.876   2.399   1.00 23.18 ? 344 PHE A CD1 1 
ATOM   276 C CD2 . PHE A 1 35  ? -1.392  2.466   0.831   1.00 22.91 ? 344 PHE A CD2 1 
ATOM   277 C CE1 . PHE A 1 35  ? -1.987  4.993   1.752   1.00 22.84 ? 344 PHE A CE1 1 
ATOM   278 C CE2 . PHE A 1 35  ? -0.883  3.575   0.180   1.00 22.28 ? 344 PHE A CE2 1 
ATOM   279 C CZ  . PHE A 1 35  ? -1.180  4.838   0.643   1.00 22.51 ? 344 PHE A CZ  1 
ATOM   280 N N   . TYR A 1 36  ? -4.230  3.497   4.957   1.00 20.93 ? 345 TYR A N   1 
ATOM   281 C CA  . TYR A 1 36  ? -4.167  4.182   6.242   1.00 21.95 ? 345 TYR A CA  1 
ATOM   282 C C   . TYR A 1 36  ? -5.002  3.492   7.311   1.00 22.27 ? 345 TYR A C   1 
ATOM   283 O O   . TYR A 1 36  ? -4.857  3.819   8.494   1.00 21.60 ? 345 TYR A O   1 
ATOM   284 C CB  . TYR A 1 36  ? -4.625  5.629   6.090   1.00 22.77 ? 345 TYR A CB  1 
ATOM   285 C CG  . TYR A 1 36  ? -3.655  6.498   5.328   1.00 23.74 ? 345 TYR A CG  1 
ATOM   286 C CD1 . TYR A 1 36  ? -2.366  6.701   5.797   1.00 23.56 ? 345 TYR A CD1 1 
ATOM   287 C CD2 . TYR A 1 36  ? -4.033  7.128   4.149   1.00 23.92 ? 345 TYR A CD2 1 
ATOM   288 C CE1 . TYR A 1 36  ? -1.473  7.501   5.110   1.00 24.05 ? 345 TYR A CE1 1 
ATOM   289 C CE2 . TYR A 1 36  ? -3.147  7.932   3.454   1.00 24.21 ? 345 TYR A CE2 1 
ATOM   290 C CZ  . TYR A 1 36  ? -1.870  8.114   3.939   1.00 24.45 ? 345 TYR A CZ  1 
ATOM   291 O OH  . TYR A 1 36  ? -0.983  8.911   3.253   1.00 25.28 ? 345 TYR A OH  1 
ATOM   292 N N   . GLU A 1 37  ? -5.873  2.558   6.927   1.00 23.70 ? 346 GLU A N   1 
ATOM   293 C CA  . GLU A 1 37  ? -6.658  1.803   7.893   1.00 23.84 ? 346 GLU A CA  1 
ATOM   294 C C   . GLU A 1 37  ? -5.837  0.733   8.606   1.00 22.31 ? 346 GLU A C   1 
ATOM   295 O O   . GLU A 1 37  ? -6.223  0.294   9.693   1.00 21.36 ? 346 GLU A O   1 
ATOM   296 C CB  . GLU A 1 37  ? -7.868  1.173   7.187   1.00 25.96 ? 346 GLU A CB  1 
ATOM   297 C CG  . GLU A 1 37  ? -8.696  0.207   8.028   1.00 26.77 ? 346 GLU A CG  1 
ATOM   298 C CD  . GLU A 1 37  ? -10.116 0.043   7.515   1.00 27.28 ? 346 GLU A CD  1 
ATOM   299 O OE1 . GLU A 1 37  ? -10.603 0.946   6.803   1.00 27.67 ? 346 GLU A OE1 1 
ATOM   300 O OE2 . GLU A 1 37  ? -10.743 -0.994  7.825   1.00 27.27 ? 346 GLU A OE2 1 
ATOM   301 N N   . TYR A 1 38  ? -4.693  0.340   8.046   1.00 21.40 ? 347 TYR A N   1 
ATOM   302 C CA  . TYR A 1 38  ? -3.946  -0.806  8.541   1.00 21.96 ? 347 TYR A CA  1 
ATOM   303 C C   . TYR A 1 38  ? -2.565  -0.462  9.079   1.00 21.40 ? 347 TYR A C   1 
ATOM   304 O O   . TYR A 1 38  ? -1.945  -1.314  9.724   1.00 21.60 ? 347 TYR A O   1 
ATOM   305 C CB  . TYR A 1 38  ? -3.815  -1.857  7.429   1.00 22.50 ? 347 TYR A CB  1 
ATOM   306 C CG  . TYR A 1 38  ? -5.142  -2.214  6.798   1.00 22.52 ? 347 TYR A CG  1 
ATOM   307 C CD1 . TYR A 1 38  ? -5.918  -3.248  7.303   1.00 22.43 ? 347 TYR A CD1 1 
ATOM   308 C CD2 . TYR A 1 38  ? -5.628  -1.507  5.705   1.00 22.12 ? 347 TYR A CD2 1 
ATOM   309 C CE1 . TYR A 1 38  ? -7.137  -3.572  6.737   1.00 22.49 ? 347 TYR A CE1 1 
ATOM   310 C CE2 . TYR A 1 38  ? -6.847  -1.825  5.130   1.00 22.42 ? 347 TYR A CE2 1 
ATOM   311 C CZ  . TYR A 1 38  ? -7.597  -2.859  5.654   1.00 22.98 ? 347 TYR A CZ  1 
ATOM   312 O OH  . TYR A 1 38  ? -8.811  -3.182  5.091   1.00 24.42 ? 347 TYR A OH  1 
ATOM   313 N N   . PHE A 1 39  ? -2.070  0.750   8.845   1.00 21.50 ? 348 PHE A N   1 
ATOM   314 C CA  . PHE A 1 39  ? -0.747  1.120   9.330   1.00 21.33 ? 348 PHE A CA  1 
ATOM   315 C C   . PHE A 1 39  ? -0.733  1.236   10.850  1.00 21.64 ? 348 PHE A C   1 
ATOM   316 O O   . PHE A 1 39  ? -1.715  1.658   11.467  1.00 21.43 ? 348 PHE A O   1 
ATOM   317 C CB  . PHE A 1 39  ? -0.305  2.444   8.710   1.00 20.74 ? 348 PHE A CB  1 
ATOM   318 C CG  . PHE A 1 39  ? -0.166  2.402   7.217   1.00 19.82 ? 348 PHE A CG  1 
ATOM   319 C CD1 . PHE A 1 39  ? 0.261   1.249   6.578   1.00 20.45 ? 348 PHE A CD1 1 
ATOM   320 C CD2 . PHE A 1 39  ? -0.455  3.521   6.453   1.00 18.50 ? 348 PHE A CD2 1 
ATOM   321 C CE1 . PHE A 1 39  ? 0.395   1.214   5.202   1.00 20.31 ? 348 PHE A CE1 1 
ATOM   322 C CE2 . PHE A 1 39  ? -0.326  3.489   5.079   1.00 17.69 ? 348 PHE A CE2 1 
ATOM   323 C CZ  . PHE A 1 39  ? 0.099   2.338   4.453   1.00 18.84 ? 348 PHE A CZ  1 
ATOM   324 N N   . HIS A 1 40  ? 0.396   0.861   11.447  1.00 21.74 ? 349 HIS A N   1 
ATOM   325 C CA  . HIS A 1 40  ? 0.590   1.009   12.882  1.00 22.73 ? 349 HIS A CA  1 
ATOM   326 C C   . HIS A 1 40  ? 0.625   2.485   13.259  1.00 22.44 ? 349 HIS A C   1 
ATOM   327 O O   . HIS A 1 40  ? 1.089   3.325   12.481  1.00 22.18 ? 349 HIS A O   1 
ATOM   328 C CB  . HIS A 1 40  ? 1.892   0.324   13.301  1.00 24.86 ? 349 HIS A CB  1 
ATOM   329 C CG  . HIS A 1 40  ? 2.021   0.101   14.776  1.00 25.85 ? 349 HIS A CG  1 
ATOM   330 N ND1 . HIS A 1 40  ? 2.452   1.082   15.642  1.00 25.89 ? 349 HIS A ND1 1 
ATOM   331 C CD2 . HIS A 1 40  ? 1.796   -0.999  15.533  1.00 26.12 ? 349 HIS A CD2 1 
ATOM   332 C CE1 . HIS A 1 40  ? 2.473   0.600   16.874  1.00 25.72 ? 349 HIS A CE1 1 
ATOM   333 N NE2 . HIS A 1 40  ? 2.081   -0.660  16.834  1.00 26.03 ? 349 HIS A NE2 1 
ATOM   334 N N   . ASN A 1 41  ? 0.128   2.798   14.464  1.00 22.05 ? 350 ASN A N   1 
ATOM   335 C CA  . ASN A 1 41  ? 0.117   4.179   14.944  1.00 21.87 ? 350 ASN A CA  1 
ATOM   336 C C   . ASN A 1 41  ? 1.480   4.838   14.790  1.00 23.83 ? 350 ASN A C   1 
ATOM   337 O O   . ASN A 1 41  ? 1.578   6.008   14.402  1.00 23.39 ? 350 ASN A O   1 
ATOM   338 C CB  . ASN A 1 41  ? -0.312  4.231   16.414  1.00 21.03 ? 350 ASN A CB  1 
ATOM   339 C CG  . ASN A 1 41  ? -1.801  4.007   16.607  1.00 20.95 ? 350 ASN A CG  1 
ATOM   340 O OD1 . ASN A 1 41  ? -2.613  4.357   15.749  1.00 21.05 ? 350 ASN A OD1 1 
ATOM   341 N ND2 . ASN A 1 41  ? -2.166  3.436   17.752  1.00 20.43 ? 350 ASN A ND2 1 
ATOM   342 N N   . GLU A 1 42  ? 2.546   4.093   15.075  1.00 24.69 ? 351 GLU A N   1 
ATOM   343 C CA  . GLU A 1 42  ? 3.888   4.655   15.084  1.00 26.11 ? 351 GLU A CA  1 
ATOM   344 C C   . GLU A 1 42  ? 4.472   4.832   13.692  1.00 23.85 ? 351 GLU A C   1 
ATOM   345 O O   . GLU A 1 42  ? 5.493   5.514   13.545  1.00 23.76 ? 351 GLU A O   1 
ATOM   346 C CB  . GLU A 1 42  ? 4.812   3.759   15.897  1.00 29.98 ? 351 GLU A CB  1 
ATOM   347 C CG  . GLU A 1 42  ? 4.462   3.688   17.355  1.00 33.27 ? 351 GLU A CG  1 
ATOM   348 C CD  . GLU A 1 42  ? 4.477   5.051   17.979  1.00 36.34 ? 351 GLU A CD  1 
ATOM   349 O OE1 . GLU A 1 42  ? 5.389   5.825   17.627  1.00 40.68 ? 351 GLU A OE1 1 
ATOM   350 O OE2 . GLU A 1 42  ? 3.464   5.317   18.470  1.00 38.63 ? 351 GLU A OE2 1 
ATOM   351 N N   . ASP A 1 43  ? 3.861   4.231   12.672  1.00 21.44 ? 352 ASP A N   1 
ATOM   352 C CA  . ASP A 1 43  ? 4.412   4.257   11.327  1.00 21.66 ? 352 ASP A CA  1 
ATOM   353 C C   . ASP A 1 43  ? 3.622   5.119   10.356  1.00 19.99 ? 352 ASP A C   1 
ATOM   354 O O   . ASP A 1 43  ? 4.148   5.446   9.287   1.00 21.62 ? 352 ASP A O   1 
ATOM   355 C CB  . ASP A 1 43  ? 4.493   2.832   10.760  1.00 20.28 ? 352 ASP A CB  1 
ATOM   356 C CG  . ASP A 1 43  ? 5.498   1.967   11.495  1.00 20.72 ? 352 ASP A CG  1 
ATOM   357 O OD1 . ASP A 1 43  ? 6.655   2.406   11.664  1.00 20.18 ? 352 ASP A OD1 1 
ATOM   358 O OD2 . ASP A 1 43  ? 5.127   0.848   11.912  1.00 20.22 ? 352 ASP A OD2 1 
ATOM   359 N N   . ILE A 1 44  ? 2.391   5.505   10.703  1.00 20.43 ? 353 ILE A N   1 
ATOM   360 C CA  . ILE A 1 44  ? 1.485   6.105   9.723   1.00 20.25 ? 353 ILE A CA  1 
ATOM   361 C C   . ILE A 1 44  ? 2.021   7.445   9.230   1.00 21.85 ? 353 ILE A C   1 
ATOM   362 O O   . ILE A 1 44  ? 1.875   7.790   8.050   1.00 22.40 ? 353 ILE A O   1 
ATOM   363 C CB  . ILE A 1 44  ? 0.070   6.238   10.316  1.00 19.51 ? 353 ILE A CB  1 
ATOM   364 C CG1 . ILE A 1 44  ? -0.888  6.853   9.291   1.00 19.57 ? 353 ILE A CG1 1 
ATOM   365 C CG2 . ILE A 1 44  ? 0.086   7.058   11.603  1.00 18.95 ? 353 ILE A CG2 1 
ATOM   366 C CD1 . ILE A 1 44  ? -2.340  6.497   9.519   1.00 19.38 ? 353 ILE A CD1 1 
ATOM   367 N N   . ALA A 1 45  ? 2.655   8.216   10.116  1.00 22.57 ? 354 ALA A N   1 
ATOM   368 C CA  . ALA A 1 45  ? 3.130   9.542   9.733   1.00 23.44 ? 354 ALA A CA  1 
ATOM   369 C C   . ALA A 1 45  ? 4.221   9.451   8.672   1.00 23.38 ? 354 ALA A C   1 
ATOM   370 O O   . ALA A 1 45  ? 4.166   10.138  7.646   1.00 23.64 ? 354 ALA A O   1 
ATOM   371 C CB  . ALA A 1 45  ? 3.630   10.296  10.965  1.00 23.70 ? 354 ALA A CB  1 
ATOM   372 N N   . ALA A 1 46  ? 5.220   8.596   8.902   1.00 23.09 ? 355 ALA A N   1 
ATOM   373 C CA  . ALA A 1 46  ? 6.292   8.430   7.925   1.00 22.91 ? 355 ALA A CA  1 
ATOM   374 C C   . ALA A 1 46  ? 5.780   7.824   6.626   1.00 22.56 ? 355 ALA A C   1 
ATOM   375 O O   . ALA A 1 46  ? 6.318   8.113   5.549   1.00 22.80 ? 355 ALA A O   1 
ATOM   376 C CB  . ALA A 1 46  ? 7.410   7.567   8.514   1.00 23.41 ? 355 ALA A CB  1 
ATOM   377 N N   . LEU A 1 47  ? 4.743   6.985   6.701   1.00 21.94 ? 356 LEU A N   1 
ATOM   378 C CA  . LEU A 1 47  ? 4.176   6.402   5.491   1.00 20.83 ? 356 LEU A CA  1 
ATOM   379 C C   . LEU A 1 47  ? 3.374   7.425   4.695   1.00 22.77 ? 356 LEU A C   1 
ATOM   380 O O   . LEU A 1 47  ? 3.326   7.344   3.463   1.00 22.70 ? 356 LEU A O   1 
ATOM   381 C CB  . LEU A 1 47  ? 3.306   5.199   5.851   1.00 19.95 ? 356 LEU A CB  1 
ATOM   382 C CG  . LEU A 1 47  ? 4.078   3.934   6.231   1.00 19.38 ? 356 LEU A CG  1 
ATOM   383 C CD1 . LEU A 1 47  ? 3.218   3.026   7.085   1.00 19.00 ? 356 LEU A CD1 1 
ATOM   384 C CD2 . LEU A 1 47  ? 4.544   3.204   4.981   1.00 20.26 ? 356 LEU A CD2 1 
ATOM   385 N N   . MET A 1 48  ? 2.741   8.387   5.372   1.00 22.74 ? 357 MET A N   1 
ATOM   386 C CA  . MET A 1 48  ? 2.051   9.452   4.651   1.00 24.94 ? 357 MET A CA  1 
ATOM   387 C C   . MET A 1 48  ? 3.030   10.274  3.825   1.00 25.64 ? 357 MET A C   1 
ATOM   388 O O   . MET A 1 48  ? 2.731   10.649  2.686   1.00 24.97 ? 357 MET A O   1 
ATOM   389 C CB  . MET A 1 48  ? 1.290   10.356  5.625   1.00 27.08 ? 357 MET A CB  1 
ATOM   390 C CG  . MET A 1 48  ? 0.474   11.437  4.923   1.00 29.28 ? 357 MET A CG  1 
ATOM   391 S SD  . MET A 1 48  ? -0.450  12.524  6.027   1.00 30.83 ? 357 MET A SD  1 
ATOM   392 C CE  . MET A 1 48  ? 0.872   13.280  6.972   1.00 30.39 ? 357 MET A CE  1 
ATOM   393 N N   . GLU A 1 49  ? 4.211   10.556  4.382   1.00 27.04 ? 358 GLU A N   1 
ATOM   394 C CA  . GLU A 1 49  ? 5.215   11.318  3.647   1.00 29.46 ? 358 GLU A CA  1 
ATOM   395 C C   . GLU A 1 49  ? 5.758   10.524  2.466   1.00 28.05 ? 358 GLU A C   1 
ATOM   396 O O   . GLU A 1 49  ? 6.021   11.092  1.399   1.00 29.10 ? 358 GLU A O   1 
ATOM   397 C CB  . GLU A 1 49  ? 6.339   11.741  4.592   1.00 32.07 ? 358 GLU A CB  1 
ATOM   398 C CG  . GLU A 1 49  ? 5.827   12.419  5.871   1.00 34.04 ? 358 GLU A CG  1 
ATOM   399 C CD  . GLU A 1 49  ? 5.586   13.904  5.700   1.00 35.30 ? 358 GLU A CD  1 
ATOM   400 O OE1 . GLU A 1 49  ? 5.322   14.584  6.713   1.00 37.40 ? 358 GLU A OE1 1 
ATOM   401 O OE2 . GLU A 1 49  ? 5.667   14.367  4.552   1.00 37.47 ? 358 GLU A OE2 1 
ATOM   402 N N   . SER A 1 50  ? 5.956   9.216   2.643   1.00 26.87 ? 359 SER A N   1 
ATOM   403 C CA  . SER A 1 50  ? 6.292   8.361   1.511   1.00 27.07 ? 359 SER A CA  1 
ATOM   404 C C   . SER A 1 50  ? 5.186   8.395   0.465   1.00 28.51 ? 359 SER A C   1 
ATOM   405 O O   . SER A 1 50  ? 5.451   8.516   -0.735  1.00 29.08 ? 359 SER A O   1 
ATOM   406 C CB  . SER A 1 50  ? 6.532   6.928   1.985   1.00 26.95 ? 359 SER A CB  1 
ATOM   407 O OG  . SER A 1 50  ? 7.686   6.844   2.800   1.00 27.33 ? 359 SER A OG  1 
ATOM   408 N N   . HIS A 1 51  ? 3.932   8.282   0.912   1.00 29.33 ? 360 HIS A N   1 
ATOM   409 C CA  . HIS A 1 51  ? 2.796   8.362   0.001   1.00 30.67 ? 360 HIS A CA  1 
ATOM   410 C C   . HIS A 1 51  ? 2.779   9.697   -0.735  1.00 33.90 ? 360 HIS A C   1 
ATOM   411 O O   . HIS A 1 51  ? 2.555   9.747   -1.951  1.00 32.29 ? 360 HIS A O   1 
ATOM   412 C CB  . HIS A 1 51  ? 1.495   8.152   0.780   1.00 30.14 ? 360 HIS A CB  1 
ATOM   413 C CG  . HIS A 1 51  ? 0.255   8.284   -0.050  1.00 29.86 ? 360 HIS A CG  1 
ATOM   414 N ND1 . HIS A 1 51  ? -0.977  8.564   0.497   1.00 29.50 ? 360 HIS A ND1 1 
ATOM   415 C CD2 . HIS A 1 51  ? 0.058   8.162   -1.385  1.00 30.35 ? 360 HIS A CD2 1 
ATOM   416 C CE1 . HIS A 1 51  ? -1.883  8.616   -0.467  1.00 29.62 ? 360 HIS A CE1 1 
ATOM   417 N NE2 . HIS A 1 51  ? -1.280  8.378   -1.617  1.00 30.04 ? 360 HIS A NE2 1 
ATOM   418 N N   . LYS A 1 52  ? 3.018   10.794  -0.011  1.00 36.81 ? 361 LYS A N   1 
ATOM   419 C CA  . LYS A 1 52  ? 3.061   12.105  -0.653  1.00 40.21 ? 361 LYS A CA  1 
ATOM   420 C C   . LYS A 1 52  ? 4.143   12.155  -1.724  1.00 41.48 ? 361 LYS A C   1 
ATOM   421 O O   . LYS A 1 52  ? 3.897   12.610  -2.846  1.00 41.52 ? 361 LYS A O   1 
ATOM   422 C CB  . LYS A 1 52  ? 3.277   13.205  0.390   1.00 41.09 ? 361 LYS A CB  1 
ATOM   423 C CG  . LYS A 1 52  ? 2.114   13.394  1.355   1.00 42.21 ? 361 LYS A CG  1 
ATOM   424 C CD  . LYS A 1 52  ? 2.350   14.564  2.302   1.00 43.96 ? 361 LYS A CD  1 
ATOM   425 C CE  . LYS A 1 52  ? 1.145   14.835  3.184   1.00 44.62 ? 361 LYS A CE  1 
ATOM   426 N NZ  . LYS A 1 52  ? 0.963   13.768  4.208   1.00 46.23 ? 361 LYS A NZ  1 
ATOM   427 N N   . MET A 1 53  ? 5.346   11.670  -1.402  1.00 42.83 ? 362 MET A N   1 
ATOM   428 C CA  . MET A 1 53  ? 6.449   11.741  -2.355  1.00 45.43 ? 362 MET A CA  1 
ATOM   429 C C   . MET A 1 53  ? 6.162   10.912  -3.602  1.00 43.63 ? 362 MET A C   1 
ATOM   430 O O   . MET A 1 53  ? 6.501   11.325  -4.716  1.00 43.41 ? 362 MET A O   1 
ATOM   431 C CB  . MET A 1 53  ? 7.752   11.296  -1.687  1.00 49.18 ? 362 MET A CB  1 
ATOM   432 C CG  . MET A 1 53  ? 8.982   11.400  -2.574  1.00 53.39 ? 362 MET A CG  1 
ATOM   433 S SD  . MET A 1 53  ? 9.418   13.094  -3.011  1.00 59.67 ? 362 MET A SD  1 
ATOM   434 C CE  . MET A 1 53  ? 10.133  13.668  -1.472  1.00 60.30 ? 362 MET A CE  1 
ATOM   435 N N   . VAL A 1 54  ? 5.527   9.746   -3.438  1.00 42.30 ? 363 VAL A N   1 
ATOM   436 C CA  . VAL A 1 54  ? 5.148   8.922   -4.587  1.00 41.13 ? 363 VAL A CA  1 
ATOM   437 C C   . VAL A 1 54  ? 4.245   9.700   -5.534  1.00 42.09 ? 363 VAL A C   1 
ATOM   438 O O   . VAL A 1 54  ? 4.407   9.653   -6.760  1.00 42.67 ? 363 VAL A O   1 
ATOM   439 C CB  . VAL A 1 54  ? 4.467   7.626   -4.109  1.00 38.73 ? 363 VAL A CB  1 
ATOM   440 C CG1 . VAL A 1 54  ? 3.500   7.111   -5.169  1.00 38.18 ? 363 VAL A CG1 1 
ATOM   441 C CG2 . VAL A 1 54  ? 5.499   6.583   -3.794  1.00 38.36 ? 363 VAL A CG2 1 
ATOM   442 N N   . MET A 1 55  ? 3.268   10.417  -4.976  1.00 42.51 ? 364 MET A N   1 
ATOM   443 C CA  . MET A 1 55  ? 2.336   11.178  -5.797  1.00 45.47 ? 364 MET A CA  1 
ATOM   444 C C   . MET A 1 55  ? 3.000   12.364  -6.480  1.00 47.95 ? 364 MET A C   1 
ATOM   445 O O   . MET A 1 55  ? 2.442   12.902  -7.443  1.00 47.75 ? 364 MET A O   1 
ATOM   446 C CB  . MET A 1 55  ? 1.160   11.668  -4.952  1.00 46.47 ? 364 MET A CB  1 
ATOM   447 C CG  . MET A 1 55  ? 0.248   10.565  -4.462  1.00 47.66 ? 364 MET A CG  1 
ATOM   448 S SD  . MET A 1 55  ? -1.063  11.211  -3.404  1.00 48.15 ? 364 MET A SD  1 
ATOM   449 C CE  . MET A 1 55  ? -2.098  12.050  -4.593  1.00 47.56 ? 364 MET A CE  1 
ATOM   450 N N   . GLN A 1 56  ? 4.178   12.774  -6.018  1.00 51.20 ? 365 GLN A N   1 
ATOM   451 C CA  . GLN A 1 56  ? 4.872   13.894  -6.637  1.00 52.91 ? 365 GLN A CA  1 
ATOM   452 C C   . GLN A 1 56  ? 5.879   13.457  -7.692  1.00 50.95 ? 365 GLN A C   1 
ATOM   453 O O   . GLN A 1 56  ? 5.995   14.106  -8.736  1.00 50.05 ? 365 GLN A O   1 
ATOM   454 C CB  . GLN A 1 56  ? 5.589   14.733  -5.575  1.00 57.91 ? 365 GLN A CB  1 
ATOM   455 C CG  . GLN A 1 56  ? 4.729   15.147  -4.398  1.00 61.48 ? 365 GLN A CG  1 
ATOM   456 C CD  . GLN A 1 56  ? 5.526   15.879  -3.334  1.00 65.99 ? 365 GLN A CD  1 
ATOM   457 O OE1 . GLN A 1 56  ? 6.210   16.860  -3.623  1.00 69.94 ? 365 GLN A OE1 1 
ATOM   458 N NE2 . GLN A 1 56  ? 5.452   15.396  -2.099  1.00 68.37 ? 365 GLN A NE2 1 
ATOM   459 N N   . VAL A 1 57  ? 6.609   12.372  -7.455  1.00 48.67 ? 366 VAL A N   1 
ATOM   460 C CA  . VAL A 1 57  ? 7.803   12.077  -8.239  1.00 48.80 ? 366 VAL A CA  1 
ATOM   461 C C   . VAL A 1 57  ? 7.527   10.977  -9.277  1.00 49.76 ? 366 VAL A C   1 
ATOM   462 O O   . VAL A 1 57  ? 6.682   10.104  -9.034  1.00 50.13 ? 366 VAL A O   1 
ATOM   463 C CB  . VAL A 1 57  ? 8.973   11.687  -7.325  1.00 45.58 ? 366 VAL A CB  1 
ATOM   464 C CG1 . VAL A 1 57  ? 9.214   12.773  -6.284  1.00 43.95 ? 366 VAL A CG1 1 
ATOM   465 C CG2 . VAL A 1 57  ? 8.718   10.346  -6.651  1.00 44.56 ? 366 VAL A CG2 1 
ATOM   466 N N   . PRO A 1 58  ? 8.204   11.000  -10.415 1.00 52.19 ? 367 PRO A N   1 
ATOM   467 C CA  . PRO A 1 58  ? 8.046   9.914   -11.403 1.00 53.37 ? 367 PRO A CA  1 
ATOM   468 C C   . PRO A 1 58  ? 8.692   8.600   -10.990 1.00 55.37 ? 367 PRO A C   1 
ATOM   469 O O   . PRO A 1 58  ? 8.703   7.658   -11.791 1.00 55.98 ? 367 PRO A O   1 
ATOM   470 C CB  . PRO A 1 58  ? 8.746   10.479  -12.655 1.00 53.94 ? 367 PRO A CB  1 
ATOM   471 C CG  . PRO A 1 58  ? 9.834   11.397  -12.171 1.00 53.87 ? 367 PRO A CG  1 
ATOM   472 C CD  . PRO A 1 58  ? 9.295   12.099  -10.975 1.00 52.65 ? 367 PRO A CD  1 
ATOM   473 N N   . GLU A 1 59  ? 9.227   8.508   -9.781  1.00 56.94 ? 368 GLU A N   1 
ATOM   474 C CA  . GLU A 1 59  ? 10.159  7.452   -9.424  1.00 58.75 ? 368 GLU A CA  1 
ATOM   475 C C   . GLU A 1 59  ? 9.572   6.541   -8.353  1.00 54.61 ? 368 GLU A C   1 
ATOM   476 O O   . GLU A 1 59  ? 8.659   6.908   -7.611  1.00 54.62 ? 368 GLU A O   1 
ATOM   477 C CB  . GLU A 1 59  ? 11.484  8.056   -8.940  1.00 64.12 ? 368 GLU A CB  1 
ATOM   478 C CG  . GLU A 1 59  ? 12.303  8.797   -9.985  1.00 69.06 ? 368 GLU A CG  1 
ATOM   479 C CD  . GLU A 1 59  ? 13.547  9.413   -9.389  1.00 73.53 ? 368 GLU A CD  1 
ATOM   480 O OE1 . GLU A 1 59  ? 13.665  9.421   -8.148  1.00 76.33 ? 368 GLU A OE1 1 
ATOM   481 O OE2 . GLU A 1 59  ? 14.398  9.891   -10.165 1.00 76.14 ? 368 GLU A OE2 1 
ATOM   482 N N   . LYS A 1 60  ? 10.101  5.327   -8.319  1.00 50.14 ? 369 LYS A N   1 
ATOM   483 C CA  . LYS A 1 60  ? 9.891   4.391   -7.230  1.00 46.83 ? 369 LYS A CA  1 
ATOM   484 C C   . LYS A 1 60  ? 10.284  4.994   -5.887  1.00 41.79 ? 369 LYS A C   1 
ATOM   485 O O   . LYS A 1 60  ? 11.286  5.700   -5.765  1.00 42.34 ? 369 LYS A O   1 
ATOM   486 C CB  . LYS A 1 60  ? 10.727  3.150   -7.491  1.00 49.03 ? 369 LYS A CB  1 
ATOM   487 C CG  . LYS A 1 60  ? 10.589  2.037   -6.506  1.00 51.04 ? 369 LYS A CG  1 
ATOM   488 C CD  . LYS A 1 60  ? 11.675  1.059   -6.839  1.00 53.23 ? 369 LYS A CD  1 
ATOM   489 C CE  . LYS A 1 60  ? 11.635  -0.167  -5.981  1.00 53.83 ? 369 LYS A CE  1 
ATOM   490 N NZ  . LYS A 1 60  ? 10.432  -0.976  -6.320  1.00 54.90 ? 369 LYS A NZ  1 
ATOM   491 N N   . VAL A 1 61  ? 9.497   4.670   -4.866  1.00 37.38 ? 370 VAL A N   1 
ATOM   492 C CA  . VAL A 1 61  ? 9.775   5.082   -3.495  1.00 32.96 ? 370 VAL A CA  1 
ATOM   493 C C   . VAL A 1 61  ? 9.602   3.877   -2.582  1.00 30.33 ? 370 VAL A C   1 
ATOM   494 O O   . VAL A 1 61  ? 8.546   3.235   -2.582  1.00 29.65 ? 370 VAL A O   1 
ATOM   495 C CB  . VAL A 1 61  ? 8.860   6.234   -3.043  1.00 30.86 ? 370 VAL A CB  1 
ATOM   496 C CG1 . VAL A 1 61  ? 9.048   6.519   -1.561  1.00 29.21 ? 370 VAL A CG1 1 
ATOM   497 C CG2 . VAL A 1 61  ? 9.129   7.489   -3.866  1.00 31.24 ? 370 VAL A CG2 1 
ATOM   498 N N   . THR A 1 62  ? 10.634  3.587   -1.798  1.00 29.33 ? 371 THR A N   1 
ATOM   499 C CA  . THR A 1 62  ? 10.618  2.485   -0.847  1.00 27.61 ? 371 THR A CA  1 
ATOM   500 C C   . THR A 1 62  ? 10.331  3.029   0.546   1.00 26.47 ? 371 THR A C   1 
ATOM   501 O O   . THR A 1 62  ? 10.944  4.013   0.972   1.00 26.02 ? 371 THR A O   1 
ATOM   502 C CB  . THR A 1 62  ? 11.954  1.738   -0.862  1.00 28.71 ? 371 THR A CB  1 
ATOM   503 O OG1 . THR A 1 62  ? 12.257  1.337   -2.204  1.00 29.42 ? 371 THR A OG1 1 
ATOM   504 C CG2 . THR A 1 62  ? 11.908  0.508   0.044   1.00 28.69 ? 371 THR A CG2 1 
ATOM   505 N N   . THR A 1 63  ? 9.399   2.393   1.246   1.00 25.02 ? 372 THR A N   1 
ATOM   506 C CA  . THR A 1 63  ? 9.071   2.801   2.601   1.00 23.29 ? 372 THR A CA  1 
ATOM   507 C C   . THR A 1 63  ? 10.087  2.240   3.591   1.00 24.29 ? 372 THR A C   1 
ATOM   508 O O   . THR A 1 63  ? 10.878  1.346   3.276   1.00 24.63 ? 372 THR A O   1 
ATOM   509 C CB  . THR A 1 63  ? 7.673   2.319   2.991   1.00 21.39 ? 372 THR A CB  1 
ATOM   510 O OG1 . THR A 1 63  ? 7.678   0.888   3.108   1.00 20.89 ? 372 THR A OG1 1 
ATOM   511 C CG2 . THR A 1 63  ? 6.655   2.727   1.938   1.00 20.22 ? 372 THR A CG2 1 
ATOM   512 N N   . GLN A 1 64  ? 10.057  2.783   4.804   1.00 23.98 ? 373 GLN A N   1 
ATOM   513 C CA  . GLN A 1 64  ? 10.689  2.108   5.924   1.00 24.58 ? 373 GLN A CA  1 
ATOM   514 C C   . GLN A 1 64  ? 9.972   0.789   6.181   1.00 23.32 ? 373 GLN A C   1 
ATOM   515 O O   . GLN A 1 64  ? 8.856   0.556   5.710   1.00 23.42 ? 373 GLN A O   1 
ATOM   516 C CB  . GLN A 1 64  ? 10.641  2.984   7.175   1.00 25.90 ? 373 GLN A CB  1 
ATOM   517 C CG  . GLN A 1 64  ? 9.237   3.137   7.748   1.00 26.77 ? 373 GLN A CG  1 
ATOM   518 C CD  . GLN A 1 64  ? 9.159   4.156   8.868   1.00 28.60 ? 373 GLN A CD  1 
ATOM   519 O OE1 . GLN A 1 64  ? 10.007  5.042   8.981   1.00 29.31 ? 373 GLN A OE1 1 
ATOM   520 N NE2 . GLN A 1 64  ? 8.136   4.034   9.708   1.00 28.71 ? 373 GLN A NE2 1 
ATOM   521 N N   . VAL A 1 65  ? 10.628  -0.097  6.925   1.00 21.88 ? 374 VAL A N   1 
ATOM   522 C CA  . VAL A 1 65  ? 9.933   -1.283  7.404   1.00 20.46 ? 374 VAL A CA  1 
ATOM   523 C C   . VAL A 1 65  ? 8.892   -0.850  8.426   1.00 19.58 ? 374 VAL A C   1 
ATOM   524 O O   . VAL A 1 65  ? 9.217   -0.203  9.430   1.00 20.70 ? 374 VAL A O   1 
ATOM   525 C CB  . VAL A 1 65  ? 10.921  -2.295  7.999   1.00 19.72 ? 374 VAL A CB  1 
ATOM   526 C CG1 . VAL A 1 65  ? 10.162  -3.492  8.546   1.00 18.97 ? 374 VAL A CG1 1 
ATOM   527 C CG2 . VAL A 1 65  ? 11.923  -2.731  6.940   1.00 20.11 ? 374 VAL A CG2 1 
ATOM   528 N N   . TYR A 1 66  ? 7.632   -1.186  8.166   1.00 18.71 ? 375 TYR A N   1 
ATOM   529 C CA  . TYR A 1 66  ? 6.527   -0.735  8.995   1.00 18.29 ? 375 TYR A CA  1 
ATOM   530 C C   . TYR A 1 66  ? 5.681   -1.929  9.415   1.00 19.30 ? 375 TYR A C   1 
ATOM   531 O O   . TYR A 1 66  ? 5.821   -3.036  8.889   1.00 18.01 ? 375 TYR A O   1 
ATOM   532 C CB  . TYR A 1 66  ? 5.671   0.307   8.259   1.00 18.74 ? 375 TYR A CB  1 
ATOM   533 C CG  . TYR A 1 66  ? 4.971   -0.200  7.012   1.00 18.81 ? 375 TYR A CG  1 
ATOM   534 C CD1 . TYR A 1 66  ? 5.593   -0.141  5.768   1.00 19.61 ? 375 TYR A CD1 1 
ATOM   535 C CD2 . TYR A 1 66  ? 3.679   -0.709  7.073   1.00 18.47 ? 375 TYR A CD2 1 
ATOM   536 C CE1 . TYR A 1 66  ? 4.952   -0.593  4.624   1.00 19.54 ? 375 TYR A CE1 1 
ATOM   537 C CE2 . TYR A 1 66  ? 3.029   -1.156  5.934   1.00 18.57 ? 375 TYR A CE2 1 
ATOM   538 C CZ  . TYR A 1 66  ? 3.670   -1.099  4.714   1.00 19.18 ? 375 TYR A CZ  1 
ATOM   539 O OH  . TYR A 1 66  ? 3.030   -1.548  3.579   1.00 19.43 ? 375 TYR A OH  1 
ATOM   540 N N   . ARG A 1 67  ? 4.797   -1.692  10.381  1.00 18.93 ? 376 ARG A N   1 
ATOM   541 C CA  . ARG A 1 67  ? 3.889   -2.717  10.877  1.00 20.32 ? 376 ARG A CA  1 
ATOM   542 C C   . ARG A 1 67  ? 2.519   -2.550  10.233  1.00 20.74 ? 376 ARG A C   1 
ATOM   543 O O   . ARG A 1 67  ? 1.968   -1.444  10.198  1.00 21.12 ? 376 ARG A O   1 
ATOM   544 C CB  . ARG A 1 67  ? 3.784   -2.667  12.403  1.00 19.85 ? 376 ARG A CB  1 
ATOM   545 C CG  . ARG A 1 67  ? 4.854   -3.506  13.097  1.00 21.35 ? 376 ARG A CG  1 
ATOM   546 C CD  . ARG A 1 67  ? 4.945   -3.234  14.586  1.00 21.95 ? 376 ARG A CD  1 
ATOM   547 N NE  . ARG A 1 67  ? 5.890   -4.149  15.225  1.00 24.07 ? 376 ARG A NE  1 
ATOM   548 C CZ  . ARG A 1 67  ? 7.208   -3.977  15.242  1.00 24.45 ? 376 ARG A CZ  1 
ATOM   549 N NH1 . ARG A 1 67  ? 7.750   -2.917  14.659  1.00 23.98 ? 376 ARG A NH1 1 
ATOM   550 N NH2 . ARG A 1 67  ? 7.988   -4.870  15.842  1.00 24.81 ? 376 ARG A NH2 1 
ATOM   551 N N   . PHE A 1 68  ? 1.981   -3.654  9.724   1.00 21.10 ? 377 PHE A N   1 
ATOM   552 C CA  . PHE A 1 68  ? 0.707   -3.689  9.021   1.00 20.97 ? 377 PHE A CA  1 
ATOM   553 C C   . PHE A 1 68  ? -0.256  -4.543  9.830   1.00 22.99 ? 377 PHE A C   1 
ATOM   554 O O   . PHE A 1 68  ? 0.076   -5.675  10.198  1.00 23.15 ? 377 PHE A O   1 
ATOM   555 C CB  . PHE A 1 68  ? 0.893   -4.257  7.607   1.00 19.97 ? 377 PHE A CB  1 
ATOM   556 C CG  . PHE A 1 68  ? -0.337  -4.188  6.741   1.00 20.05 ? 377 PHE A CG  1 
ATOM   557 C CD1 . PHE A 1 68  ? -0.496  -3.164  5.818   1.00 19.88 ? 377 PHE A CD1 1 
ATOM   558 C CD2 . PHE A 1 68  ? -1.320  -5.164  6.823   1.00 19.67 ? 377 PHE A CD2 1 
ATOM   559 C CE1 . PHE A 1 68  ? -1.617  -3.106  5.008   1.00 19.86 ? 377 PHE A CE1 1 
ATOM   560 C CE2 . PHE A 1 68  ? -2.446  -5.106  6.021   1.00 20.11 ? 377 PHE A CE2 1 
ATOM   561 C CZ  . PHE A 1 68  ? -2.594  -4.077  5.109   1.00 20.03 ? 377 PHE A CZ  1 
ATOM   562 N N   . ARG A 1 69  ? -1.437  -4.003  10.114  1.00 24.59 ? 378 ARG A N   1 
ATOM   563 C CA  . ARG A 1 69  ? -2.402  -4.696  10.956  1.00 26.10 ? 378 ARG A CA  1 
ATOM   564 C C   . ARG A 1 69  ? -3.089  -5.810  10.176  1.00 26.87 ? 378 ARG A C   1 
ATOM   565 O O   . ARG A 1 69  ? -3.682  -5.568  9.119   1.00 26.54 ? 378 ARG A O   1 
ATOM   566 C CB  . ARG A 1 69  ? -3.440  -3.718  11.502  1.00 26.35 ? 378 ARG A CB  1 
ATOM   567 C CG  . ARG A 1 69  ? -4.449  -4.361  12.441  1.00 26.81 ? 378 ARG A CG  1 
ATOM   568 C CD  . ARG A 1 69  ? -5.505  -3.362  12.877  1.00 27.26 ? 378 ARG A CD  1 
ATOM   569 N NE  . ARG A 1 69  ? -6.120  -2.697  11.732  1.00 28.09 ? 378 ARG A NE  1 
ATOM   570 C CZ  . ARG A 1 69  ? -7.102  -3.220  11.005  1.00 28.95 ? 378 ARG A CZ  1 
ATOM   571 N NH1 . ARG A 1 69  ? -7.586  -4.418  11.304  1.00 29.11 ? 378 ARG A NH1 1 
ATOM   572 N NH2 . ARG A 1 69  ? -7.601  -2.544  9.980   1.00 29.65 ? 378 ARG A NH2 1 
ATOM   573 N N   . CYS A 1 70  ? -3.018  -7.025  10.706  1.00 28.06 ? 379 CYS A N   1 
ATOM   574 C CA  . CYS A 1 70  ? -3.619  -8.181  10.065  1.00 30.12 ? 379 CYS A CA  1 
ATOM   575 C C   . CYS A 1 70  ? -5.053  -8.380  10.544  1.00 32.29 ? 379 CYS A C   1 
ATOM   576 O O   . CYS A 1 70  ? -5.548  -7.673  11.425  1.00 30.08 ? 379 CYS A O   1 
ATOM   577 C CB  . CYS A 1 70  ? -2.788  -9.432  10.338  1.00 30.78 ? 379 CYS A CB  1 
ATOM   578 S SG  . CYS A 1 70  ? -1.177  -9.389  9.556   1.00 31.34 ? 379 CYS A SG  1 
ATOM   579 N N   . LYS A 1 71  ? -5.719  -9.375  9.951   1.00 36.64 ? 380 LYS A N   1 
ATOM   580 C CA  . LYS A 1 71  ? -7.119  -9.641  10.271  1.00 40.73 ? 380 LYS A CA  1 
ATOM   581 C C   . LYS A 1 71  ? -7.315  -9.896  11.760  1.00 41.34 ? 380 LYS A C   1 
ATOM   582 O O   . LYS A 1 71  ? -8.251  -9.368  12.371  1.00 43.25 ? 380 LYS A O   1 
ATOM   583 C CB  . LYS A 1 71  ? -7.627  -10.828 9.451   1.00 42.04 ? 380 LYS A CB  1 
ATOM   584 C CG  . LYS A 1 71  ? -9.103  -11.151 9.652   1.00 43.88 ? 380 LYS A CG  1 
ATOM   585 C CD  . LYS A 1 71  ? -9.556  -12.308 8.774   1.00 45.82 ? 380 LYS A CD  1 
ATOM   586 C CE  . LYS A 1 71  ? -11.024 -12.635 9.002   1.00 46.96 ? 380 LYS A CE  1 
ATOM   587 N NZ  . LYS A 1 71  ? -11.485 -13.768 8.150   1.00 48.82 ? 380 LYS A NZ  1 
ATOM   588 N N   . ASP A 1 72  ? -6.433  -10.688 12.368  1.00 42.29 ? 381 ASP A N   1 
ATOM   589 C CA  . ASP A 1 72  ? -6.508  -10.971 13.796  1.00 43.28 ? 381 ASP A CA  1 
ATOM   590 C C   . ASP A 1 72  ? -6.067  -9.794  14.660  1.00 43.34 ? 381 ASP A C   1 
ATOM   591 O O   . ASP A 1 72  ? -5.897  -9.967  15.873  1.00 43.29 ? 381 ASP A O   1 
ATOM   592 C CB  . ASP A 1 72  ? -5.673  -12.210 14.140  1.00 47.05 ? 381 ASP A CB  1 
ATOM   593 C CG  . ASP A 1 72  ? -4.203  -12.061 13.772  1.00 49.95 ? 381 ASP A CG  1 
ATOM   594 O OD1 . ASP A 1 72  ? -3.772  -10.949 13.400  1.00 51.06 ? 381 ASP A OD1 1 
ATOM   595 O OD2 . ASP A 1 72  ? -3.470  -13.067 13.865  1.00 51.44 ? 381 ASP A OD2 1 
ATOM   596 N N   . ASN A 1 73  ? -5.860  -8.623  14.060  1.00 42.17 ? 382 ASN A N   1 
ATOM   597 C CA  . ASN A 1 73  ? -5.474  -7.381  14.723  1.00 40.34 ? 382 ASN A CA  1 
ATOM   598 C C   . ASN A 1 73  ? -4.090  -7.444  15.352  1.00 37.07 ? 382 ASN A C   1 
ATOM   599 O O   . ASN A 1 73  ? -3.734  -6.558  16.139  1.00 36.44 ? 382 ASN A O   1 
ATOM   600 C CB  . ASN A 1 73  ? -6.507  -6.955  15.771  1.00 40.36 ? 382 ASN A CB  1 
ATOM   601 C CG  . ASN A 1 73  ? -7.781  -6.430  15.140  1.00 40.71 ? 382 ASN A CG  1 
ATOM   602 O OD1 . ASN A 1 73  ? -7.747  -5.782  14.093  1.00 40.09 ? 382 ASN A OD1 1 
ATOM   603 N ND2 . ASN A 1 73  ? -8.916  -6.718  15.768  1.00 41.53 ? 382 ASN A ND2 1 
ATOM   604 N N   . SER A 1 74  ? -3.304  -8.468  15.041  1.00 34.39 ? 383 SER A N   1 
ATOM   605 C CA  . SER A 1 74  ? -1.872  -8.413  15.274  1.00 31.39 ? 383 SER A CA  1 
ATOM   606 C C   . SER A 1 74  ? -1.195  -7.734  14.085  1.00 29.29 ? 383 SER A C   1 
ATOM   607 O O   . SER A 1 74  ? -1.831  -7.415  13.075  1.00 28.66 ? 383 SER A O   1 
ATOM   608 C CB  . SER A 1 74  ? -1.306  -9.813  15.493  1.00 31.51 ? 383 SER A CB  1 
ATOM   609 O OG  . SER A 1 74  ? -1.472  -10.612 14.335  1.00 31.41 ? 383 SER A OG  1 
ATOM   610 N N   . TYR A 1 75  ? 0.109   -7.508  14.207  1.00 27.46 ? 384 TYR A N   1 
ATOM   611 C CA  . TYR A 1 75  ? 0.855   -6.798  13.180  1.00 25.80 ? 384 TYR A CA  1 
ATOM   612 C C   . TYR A 1 75  ? 1.947   -7.678  12.589  1.00 26.40 ? 384 TYR A C   1 
ATOM   613 O O   . TYR A 1 75  ? 2.569   -8.485  13.286  1.00 26.56 ? 384 TYR A O   1 
ATOM   614 C CB  . TYR A 1 75  ? 1.488   -5.512  13.726  1.00 24.71 ? 384 TYR A CB  1 
ATOM   615 C CG  . TYR A 1 75  ? 0.498   -4.420  14.066  1.00 23.67 ? 384 TYR A CG  1 
ATOM   616 C CD1 . TYR A 1 75  ? -0.121  -4.379  15.308  1.00 23.66 ? 384 TYR A CD1 1 
ATOM   617 C CD2 . TYR A 1 75  ? 0.188   -3.427  13.145  1.00 23.34 ? 384 TYR A CD2 1 
ATOM   618 C CE1 . TYR A 1 75  ? -1.023  -3.377  15.626  1.00 23.75 ? 384 TYR A CE1 1 
ATOM   619 C CE2 . TYR A 1 75  ? -0.716  -2.423  13.453  1.00 23.16 ? 384 TYR A CE2 1 
ATOM   620 C CZ  . TYR A 1 75  ? -1.317  -2.403  14.693  1.00 23.49 ? 384 TYR A CZ  1 
ATOM   621 O OH  . TYR A 1 75  ? -2.214  -1.406  15.007  1.00 23.90 ? 384 TYR A OH  1 
ATOM   622 N N   . ILE A 1 76  ? 2.165   -7.509  11.286  1.00 25.97 ? 385 ILE A N   1 
ATOM   623 C CA  . ILE A 1 76  ? 3.315   -8.065  10.590  1.00 26.82 ? 385 ILE A CA  1 
ATOM   624 C C   . ILE A 1 76  ? 4.144   -6.903  10.069  1.00 25.58 ? 385 ILE A C   1 
ATOM   625 O O   . ILE A 1 76  ? 3.650   -5.787  9.885   1.00 24.36 ? 385 ILE A O   1 
ATOM   626 C CB  . ILE A 1 76  ? 2.914   -8.999  9.433   1.00 28.90 ? 385 ILE A CB  1 
ATOM   627 C CG1 . ILE A 1 76  ? 1.994   -8.254  8.465   1.00 29.48 ? 385 ILE A CG1 1 
ATOM   628 C CG2 . ILE A 1 76  ? 2.265   -10.266 9.969   1.00 29.53 ? 385 ILE A CG2 1 
ATOM   629 C CD1 . ILE A 1 76  ? 1.680   -9.020  7.216   1.00 30.62 ? 385 ILE A CD1 1 
ATOM   630 N N   . GLN A 1 77  ? 5.420   -7.176  9.822   1.00 25.24 ? 386 GLN A N   1 
ATOM   631 C CA  . GLN A 1 77  ? 6.345   -6.162  9.336   1.00 23.72 ? 386 GLN A CA  1 
ATOM   632 C C   . GLN A 1 77  ? 6.447   -6.246  7.819   1.00 23.94 ? 386 GLN A C   1 
ATOM   633 O O   . GLN A 1 77  ? 6.849   -7.280  7.273   1.00 22.96 ? 386 GLN A O   1 
ATOM   634 C CB  . GLN A 1 77  ? 7.720   -6.321  9.979   1.00 23.51 ? 386 GLN A CB  1 
ATOM   635 C CG  . GLN A 1 77  ? 7.770   -5.823  11.408  1.00 21.90 ? 386 GLN A CG  1 
ATOM   636 C CD  . GLN A 1 77  ? 9.167   -5.857  11.978  1.00 22.32 ? 386 GLN A CD  1 
ATOM   637 O OE1 . GLN A 1 77  ? 9.665   -4.856  12.495  1.00 21.62 ? 386 GLN A OE1 1 
ATOM   638 N NE2 . GLN A 1 77  ? 9.814   -7.013  11.884  1.00 22.63 ? 386 GLN A NE2 1 
ATOM   639 N N   . LEU A 1 78  ? 6.083   -5.157  7.149   1.00 22.51 ? 387 LEU A N   1 
ATOM   640 C CA  . LEU A 1 78  ? 6.205   -5.034  5.707   1.00 23.87 ? 387 LEU A CA  1 
ATOM   641 C C   . LEU A 1 78  ? 7.237   -3.975  5.350   1.00 25.12 ? 387 LEU A C   1 
ATOM   642 O O   . LEU A 1 78  ? 7.595   -3.117  6.160   1.00 25.33 ? 387 LEU A O   1 
ATOM   643 C CB  . LEU A 1 78  ? 4.865   -4.661  5.060   1.00 22.88 ? 387 LEU A CB  1 
ATOM   644 C CG  . LEU A 1 78  ? 3.661   -5.597  5.186   1.00 22.87 ? 387 LEU A CG  1 
ATOM   645 C CD1 . LEU A 1 78  ? 2.511   -5.083  4.331   1.00 21.66 ? 387 LEU A CD1 1 
ATOM   646 C CD2 . LEU A 1 78  ? 4.034   -7.021  4.794   1.00 24.14 ? 387 LEU A CD2 1 
ATOM   647 N N   . GLN A 1 79  ? 7.724   -4.063  4.116   1.00 26.86 ? 388 GLN A N   1 
ATOM   648 C CA  . GLN A 1 79  ? 8.356   -2.945  3.435   1.00 27.79 ? 388 GLN A CA  1 
ATOM   649 C C   . GLN A 1 79  ? 7.782   -2.893  2.030   1.00 27.94 ? 388 GLN A C   1 
ATOM   650 O O   . GLN A 1 79  ? 7.814   -3.893  1.307   1.00 28.64 ? 388 GLN A O   1 
ATOM   651 C CB  . GLN A 1 79  ? 9.881   -3.070  3.386   1.00 29.33 ? 388 GLN A CB  1 
ATOM   652 C CG  . GLN A 1 79  ? 10.549  -1.825  2.831   1.00 30.25 ? 388 GLN A CG  1 
ATOM   653 C CD  . GLN A 1 79  ? 12.054  -1.841  2.973   1.00 31.86 ? 388 GLN A CD  1 
ATOM   654 O OE1 . GLN A 1 79  ? 12.703  -2.860  2.740   1.00 32.96 ? 388 GLN A OE1 1 
ATOM   655 N NE2 . GLN A 1 79  ? 12.621  -0.703  3.357   1.00 32.18 ? 388 GLN A NE2 1 
ATOM   656 N N   . SER A 1 80  ? 7.235   -1.743  1.658   1.00 27.85 ? 389 SER A N   1 
ATOM   657 C CA  . SER A 1 80  ? 6.552   -1.587  0.385   1.00 28.48 ? 389 SER A CA  1 
ATOM   658 C C   . SER A 1 80  ? 7.386   -0.746  -0.569  1.00 30.62 ? 389 SER A C   1 
ATOM   659 O O   . SER A 1 80  ? 8.046   0.218   -0.165  1.00 29.98 ? 389 SER A O   1 
ATOM   660 C CB  . SER A 1 80  ? 5.167   -0.956  0.571   1.00 28.24 ? 389 SER A CB  1 
ATOM   661 O OG  . SER A 1 80  ? 4.332   -1.800  1.346   1.00 28.45 ? 389 SER A OG  1 
ATOM   662 N N   . GLU A 1 81  ? 7.365   -1.137  -1.834  1.00 31.83 ? 390 GLU A N   1 
ATOM   663 C CA  . GLU A 1 81  ? 7.971   -0.374  -2.914  1.00 34.61 ? 390 GLU A CA  1 
ATOM   664 C C   . GLU A 1 81  ? 6.844   0.152   -3.794  1.00 31.97 ? 390 GLU A C   1 
ATOM   665 O O   . GLU A 1 81  ? 6.110   -0.634  -4.401  1.00 32.54 ? 390 GLU A O   1 
ATOM   666 C CB  . GLU A 1 81  ? 8.956   -1.245  -3.690  1.00 38.75 ? 390 GLU A CB  1 
ATOM   667 C CG  . GLU A 1 81  ? 10.219  -1.558  -2.865  1.00 42.23 ? 390 GLU A CG  1 
ATOM   668 C CD  . GLU A 1 81  ? 11.068  -2.684  -3.436  1.00 46.99 ? 390 GLU A CD  1 
ATOM   669 O OE1 . GLU A 1 81  ? 10.865  -3.040  -4.615  1.00 48.77 ? 390 GLU A OE1 1 
ATOM   670 O OE2 . GLU A 1 81  ? 11.943  -3.190  -2.699  1.00 50.17 ? 390 GLU A OE2 1 
ATOM   671 N N   . TRP A 1 82  ? 6.695   1.477   -3.832  1.00 30.06 ? 391 TRP A N   1 
ATOM   672 C CA  . TRP A 1 82  ? 5.531   2.143   -4.405  1.00 27.91 ? 391 TRP A CA  1 
ATOM   673 C C   . TRP A 1 82  ? 5.919   2.941   -5.643  1.00 28.55 ? 391 TRP A C   1 
ATOM   674 O O   . TRP A 1 82  ? 6.948   3.624   -5.654  1.00 26.20 ? 391 TRP A O   1 
ATOM   675 C CB  . TRP A 1 82  ? 4.888   3.109   -3.397  1.00 26.33 ? 391 TRP A CB  1 
ATOM   676 C CG  . TRP A 1 82  ? 4.076   2.485   -2.304  1.00 24.45 ? 391 TRP A CG  1 
ATOM   677 C CD1 . TRP A 1 82  ? 3.540   1.234   -2.286  1.00 23.97 ? 391 TRP A CD1 1 
ATOM   678 C CD2 . TRP A 1 82  ? 3.699   3.103   -1.065  1.00 23.39 ? 391 TRP A CD2 1 
ATOM   679 N NE1 . TRP A 1 82  ? 2.857   1.029   -1.111  1.00 22.94 ? 391 TRP A NE1 1 
ATOM   680 C CE2 . TRP A 1 82  ? 2.939   2.162   -0.345  1.00 22.98 ? 391 TRP A CE2 1 
ATOM   681 C CE3 . TRP A 1 82  ? 3.930   4.361   -0.497  1.00 23.22 ? 391 TRP A CE3 1 
ATOM   682 C CZ2 . TRP A 1 82  ? 2.413   2.434   0.918   1.00 22.56 ? 391 TRP A CZ2 1 
ATOM   683 C CZ3 . TRP A 1 82  ? 3.406   4.632   0.755   1.00 22.83 ? 391 TRP A CZ3 1 
ATOM   684 C CH2 . TRP A 1 82  ? 2.655   3.671   1.449   1.00 22.90 ? 391 TRP A CH2 1 
ATOM   685 N N   . ARG A 1 83  ? 5.074   2.889   -6.670  1.00 30.23 ? 392 ARG A N   1 
ATOM   686 C CA  . ARG A 1 83  ? 5.257   3.744   -7.837  1.00 33.38 ? 392 ARG A CA  1 
ATOM   687 C C   . ARG A 1 83  ? 3.897   4.087   -8.430  1.00 28.89 ? 392 ARG A C   1 
ATOM   688 O O   . ARG A 1 83  ? 3.062   3.200   -8.632  1.00 29.11 ? 392 ARG A O   1 
ATOM   689 C CB  . ARG A 1 83  ? 6.146   3.075   -8.891  1.00 39.04 ? 392 ARG A CB  1 
ATOM   690 C CG  . ARG A 1 83  ? 6.383   3.942   -10.114 1.00 45.89 ? 392 ARG A CG  1 
ATOM   691 C CD  . ARG A 1 83  ? 7.325   3.282   -11.104 1.00 53.40 ? 392 ARG A CD  1 
ATOM   692 N NE  . ARG A 1 83  ? 7.581   4.111   -12.274 1.00 59.36 ? 392 ARG A NE  1 
ATOM   693 C CZ  . ARG A 1 83  ? 8.511   3.844   -13.183 1.00 65.80 ? 392 ARG A CZ  1 
ATOM   694 N NH1 . ARG A 1 83  ? 9.264   2.762   -13.060 1.00 72.50 ? 392 ARG A NH1 1 
ATOM   695 N NH2 . ARG A 1 83  ? 8.680   4.654   -14.217 1.00 68.15 ? 392 ARG A NH2 1 
ATOM   696 N N   . ALA A 1 84  ? 3.686   5.370   -8.708  1.00 26.61 ? 393 ALA A N   1 
ATOM   697 C CA  . ALA A 1 84  ? 2.419   5.864   -9.225  1.00 25.41 ? 393 ALA A CA  1 
ATOM   698 C C   . ALA A 1 84  ? 2.526   6.172   -10.714 1.00 26.63 ? 393 ALA A C   1 
ATOM   699 O O   . ALA A 1 84  ? 3.583   6.568   -11.213 1.00 26.51 ? 393 ALA A O   1 
ATOM   700 C CB  . ALA A 1 84  ? 1.975   7.117   -8.469  1.00 25.02 ? 393 ALA A CB  1 
ATOM   701 N N   . PHE A 1 85  ? 1.414   5.985   -11.420 1.00 27.48 ? 394 PHE A N   1 
ATOM   702 C CA  . PHE A 1 85  ? 1.316   6.274   -12.844 1.00 30.43 ? 394 PHE A CA  1 
ATOM   703 C C   . PHE A 1 85  ? 0.158   7.230   -13.078 1.00 32.22 ? 394 PHE A C   1 
ATOM   704 O O   . PHE A 1 85  ? -0.970  6.961   -12.648 1.00 31.27 ? 394 PHE A O   1 
ATOM   705 C CB  . PHE A 1 85  ? 1.127   4.987   -13.653 1.00 30.37 ? 394 PHE A CB  1 
ATOM   706 C CG  . PHE A 1 85  ? 2.112   3.910   -13.304 1.00 31.14 ? 394 PHE A CG  1 
ATOM   707 C CD1 . PHE A 1 85  ? 3.425   3.997   -13.726 1.00 32.12 ? 394 PHE A CD1 1 
ATOM   708 C CD2 . PHE A 1 85  ? 1.729   2.821   -12.539 1.00 30.53 ? 394 PHE A CD2 1 
ATOM   709 C CE1 . PHE A 1 85  ? 4.338   3.015   -13.400 1.00 32.39 ? 394 PHE A CE1 1 
ATOM   710 C CE2 . PHE A 1 85  ? 2.639   1.831   -12.212 1.00 30.98 ? 394 PHE A CE2 1 
ATOM   711 C CZ  . PHE A 1 85  ? 3.945   1.930   -12.642 1.00 31.67 ? 394 PHE A CZ  1 
ATOM   712 N N   . LYS A 1 86  ? 0.438   8.341   -13.755 1.00 35.93 ? 395 LYS A N   1 
ATOM   713 C CA  . LYS A 1 86  ? -0.538  9.400   -13.978 1.00 38.26 ? 395 LYS A CA  1 
ATOM   714 C C   . LYS A 1 86  ? -1.018  9.380   -15.423 1.00 40.13 ? 395 LYS A C   1 
ATOM   715 O O   . LYS A 1 86  ? -0.208  9.274   -16.350 1.00 41.03 ? 395 LYS A O   1 
ATOM   716 C CB  . LYS A 1 86  ? 0.054   10.773  -13.641 1.00 38.82 ? 395 LYS A CB  1 
ATOM   717 C CG  . LYS A 1 86  ? 0.342   10.993  -12.162 1.00 38.15 ? 395 LYS A CG  1 
ATOM   718 C CD  . LYS A 1 86  ? 0.966   12.361  -11.931 1.00 39.17 ? 395 LYS A CD  1 
ATOM   719 C CE  . LYS A 1 86  ? 1.229   12.619  -10.457 1.00 39.45 ? 395 LYS A CE  1 
ATOM   720 N NZ  . LYS A 1 86  ? 1.855   13.952  -10.242 1.00 40.35 ? 395 LYS A NZ  1 
ATOM   721 N N   . ASN A 1 87  ? -2.330  9.468   -15.599 1.00 41.46 ? 396 ASN A N   1 
ATOM   722 C CA  . ASN A 1 87  ? -2.949  9.668   -16.903 1.00 44.21 ? 396 ASN A CA  1 
ATOM   723 C C   . ASN A 1 87  ? -2.343  10.904  -17.561 1.00 44.42 ? 396 ASN A C   1 
ATOM   724 O O   . ASN A 1 87  ? -2.492  12.014  -17.026 1.00 43.68 ? 396 ASN A O   1 
ATOM   725 C CB  . ASN A 1 87  ? -4.463  9.825   -16.714 1.00 47.18 ? 396 ASN A CB  1 
ATOM   726 C CG  . ASN A 1 87  ? -5.243  9.896   -18.028 1.00 50.88 ? 396 ASN A CG  1 
ATOM   727 O OD1 . ASN A 1 87  ? -4.670  10.196  -19.075 1.00 52.44 ? 396 ASN A OD1 1 
ATOM   728 N ND2 . ASN A 1 87  ? -6.539  9.643   -17.979 1.00 54.03 ? 396 ASN A ND2 1 
ATOM   729 N N   . PRO A 1 88  ? -1.654  10.771  -18.701 1.00 44.74 ? 397 PRO A N   1 
ATOM   730 C CA  . PRO A 1 88  ? -1.043  11.956  -19.327 1.00 45.52 ? 397 PRO A CA  1 
ATOM   731 C C   . PRO A 1 88  ? -2.051  12.975  -19.822 1.00 45.79 ? 397 PRO A C   1 
ATOM   732 O O   . PRO A 1 88  ? -1.672  14.128  -20.062 1.00 47.65 ? 397 PRO A O   1 
ATOM   733 C CB  . PRO A 1 88  ? -0.238  11.363  -20.490 1.00 45.78 ? 397 PRO A CB  1 
ATOM   734 C CG  . PRO A 1 88  ? -0.937  10.082  -20.807 1.00 45.84 ? 397 PRO A CG  1 
ATOM   735 C CD  . PRO A 1 88  ? -1.372  9.544   -19.467 1.00 45.22 ? 397 PRO A CD  1 
ATOM   736 N N   . ALA A 1 89  ? -3.317  12.594  -19.980 1.00 45.18 ? 398 ALA A N   1 
ATOM   737 C CA  . ALA A 1 89  ? -4.327  13.518  -20.476 1.00 45.93 ? 398 ALA A CA  1 
ATOM   738 C C   . ALA A 1 89  ? -5.024  14.287  -19.364 1.00 46.70 ? 398 ALA A C   1 
ATOM   739 O O   . ALA A 1 89  ? -5.518  15.395  -19.604 1.00 49.06 ? 398 ALA A O   1 
ATOM   740 C CB  . ALA A 1 89  ? -5.370  12.764  -21.305 1.00 47.35 ? 398 ALA A CB  1 
ATOM   741 N N   . THR A 1 90  ? -5.078  13.730  -18.152 1.00 45.52 ? 399 THR A N   1 
ATOM   742 C CA  . THR A 1 90  ? -5.749  14.375  -17.033 1.00 44.29 ? 399 THR A CA  1 
ATOM   743 C C   . THR A 1 90  ? -4.831  14.681  -15.860 1.00 42.19 ? 399 THR A C   1 
ATOM   744 O O   . THR A 1 90  ? -5.230  15.449  -14.975 1.00 42.89 ? 399 THR A O   1 
ATOM   745 C CB  . THR A 1 90  ? -6.915  13.507  -16.534 1.00 40.90 ? 399 THR A CB  1 
ATOM   746 O OG1 . THR A 1 90  ? -6.404  12.287  -15.982 1.00 40.37 ? 399 THR A OG1 1 
ATOM   747 C CG2 . THR A 1 90  ? -7.855  13.171  -17.679 1.00 39.72 ? 399 THR A CG2 1 
ATOM   748 N N   . SER A 1 91  ? -3.626  14.106  -15.825 1.00 41.88 ? 400 SER A N   1 
ATOM   749 C CA  . SER A 1 91  ? -2.610  14.242  -14.781 1.00 41.89 ? 400 SER A CA  1 
ATOM   750 C C   . SER A 1 91  ? -2.976  13.511  -13.494 1.00 43.52 ? 400 SER A C   1 
ATOM   751 O O   . SER A 1 91  ? -2.222  13.604  -12.515 1.00 41.34 ? 400 SER A O   1 
ATOM   752 C CB  . SER A 1 91  ? -2.296  15.705  -14.437 1.00 43.14 ? 400 SER A CB  1 
ATOM   753 O OG  . SER A 1 91  ? -3.245  16.225  -13.522 1.00 43.59 ? 400 SER A OG  1 
ATOM   754 N N   . GLU A 1 92  ? -4.090  12.788  -13.456 1.00 45.92 ? 401 GLU A N   1 
ATOM   755 C CA  . GLU A 1 92  ? -4.498  12.080  -12.253 1.00 46.36 ? 401 GLU A CA  1 
ATOM   756 C C   . GLU A 1 92  ? -3.930  10.666  -12.243 1.00 40.34 ? 401 GLU A C   1 
ATOM   757 O O   . GLU A 1 92  ? -3.720  10.046  -13.289 1.00 39.99 ? 401 GLU A O   1 
ATOM   758 C CB  . GLU A 1 92  ? -6.026  12.045  -12.130 1.00 51.10 ? 401 GLU A CB  1 
ATOM   759 C CG  . GLU A 1 92  ? -6.725  13.404  -11.934 1.00 55.03 ? 401 GLU A CG  1 
ATOM   760 C CD  . GLU A 1 92  ? -6.267  14.189  -10.701 1.00 60.21 ? 401 GLU A CD  1 
ATOM   761 O OE1 . GLU A 1 92  ? -6.054  13.552  -9.647  1.00 64.52 ? 401 GLU A OE1 1 
ATOM   762 O OE2 . GLU A 1 92  ? -6.130  15.429  -10.766 1.00 62.78 ? 401 GLU A OE2 1 
ATOM   763 N N   . ILE A 1 93  ? -3.674  10.169  -11.037 1.00 35.60 ? 402 ILE A N   1 
ATOM   764 C CA  . ILE A 1 93  ? -3.059  8.863   -10.842 1.00 31.75 ? 402 ILE A CA  1 
ATOM   765 C C   . ILE A 1 93  ? -4.055  7.768   -11.198 1.00 31.67 ? 402 ILE A C   1 
ATOM   766 O O   . ILE A 1 93  ? -5.138  7.672   -10.607 1.00 30.14 ? 402 ILE A O   1 
ATOM   767 C CB  . ILE A 1 93  ? -2.562  8.718   -9.401  1.00 30.03 ? 402 ILE A CB  1 
ATOM   768 C CG1 . ILE A 1 93  ? -1.423  9.706   -9.149  1.00 28.04 ? 402 ILE A CG1 1 
ATOM   769 C CG2 . ILE A 1 93  ? -2.138  7.283   -9.117  1.00 29.41 ? 402 ILE A CG2 1 
ATOM   770 C CD1 . ILE A 1 93  ? -1.217  10.023  -7.698  1.00 26.95 ? 402 ILE A CD1 1 
ATOM   771 N N   . ASP A 1 94  ? -3.689  6.940   -12.178 1.00 32.80 ? 403 ASP A N   1 
ATOM   772 C CA  . ASP A 1 94  ? -4.496  5.774   -12.519 1.00 34.93 ? 403 ASP A CA  1 
ATOM   773 C C   . ASP A 1 94  ? -4.422  4.725   -11.415 1.00 30.77 ? 403 ASP A C   1 
ATOM   774 O O   . ASP A 1 94  ? -5.453  4.229   -10.943 1.00 30.28 ? 403 ASP A O   1 
ATOM   775 C CB  . ASP A 1 94  ? -4.027  5.194   -13.854 1.00 39.85 ? 403 ASP A CB  1 
ATOM   776 C CG  . ASP A 1 94  ? -4.384  6.076   -15.035 1.00 44.55 ? 403 ASP A CG  1 
ATOM   777 O OD1 . ASP A 1 94  ? -5.229  6.983   -14.881 1.00 43.97 ? 403 ASP A OD1 1 
ATOM   778 O OD2 . ASP A 1 94  ? -3.829  5.849   -16.130 1.00 50.32 ? 403 ASP A OD2 1 
ATOM   779 N N   . TYR A 1 95  ? -3.209  4.371   -10.995 1.00 27.90 ? 404 TYR A N   1 
ATOM   780 C CA  . TYR A 1 95  ? -3.024  3.469   -9.866  1.00 25.77 ? 404 TYR A CA  1 
ATOM   781 C C   . TYR A 1 95  ? -1.609  3.633   -9.331  1.00 25.65 ? 404 TYR A C   1 
ATOM   782 O O   . TYR A 1 95  ? -0.744  4.235   -9.971  1.00 25.58 ? 404 TYR A O   1 
ATOM   783 C CB  . TYR A 1 95  ? -3.290  2.009   -10.249 1.00 25.22 ? 404 TYR A CB  1 
ATOM   784 C CG  . TYR A 1 95  ? -2.424  1.489   -11.377 1.00 25.47 ? 404 TYR A CG  1 
ATOM   785 C CD1 . TYR A 1 95  ? -1.267  0.764   -11.114 1.00 25.50 ? 404 TYR A CD1 1 
ATOM   786 C CD2 . TYR A 1 95  ? -2.767  1.714   -12.705 1.00 26.31 ? 404 TYR A CD2 1 
ATOM   787 C CE1 . TYR A 1 95  ? -0.473  0.281   -12.143 1.00 26.18 ? 404 TYR A CE1 1 
ATOM   788 C CE2 . TYR A 1 95  ? -1.978  1.235   -13.741 1.00 26.76 ? 404 TYR A CE2 1 
ATOM   789 C CZ  . TYR A 1 95  ? -0.834  0.523   -13.454 1.00 26.76 ? 404 TYR A CZ  1 
ATOM   790 O OH  . TYR A 1 95  ? -0.054  0.049   -14.487 1.00 27.36 ? 404 TYR A OH  1 
ATOM   791 N N   . ILE A 1 96  ? -1.395  3.098   -8.132  1.00 25.20 ? 405 ILE A N   1 
ATOM   792 C CA  . ILE A 1 96  ? -0.073  2.969   -7.532  1.00 24.53 ? 405 ILE A CA  1 
ATOM   793 C C   . ILE A 1 96  ? 0.236   1.483   -7.446  1.00 24.21 ? 405 ILE A C   1 
ATOM   794 O O   . ILE A 1 96  ? -0.522  0.721   -6.835  1.00 23.83 ? 405 ILE A O   1 
ATOM   795 C CB  . ILE A 1 96  ? -0.005  3.624   -6.142  1.00 23.42 ? 405 ILE A CB  1 
ATOM   796 C CG1 . ILE A 1 96  ? -0.288  5.125   -6.238  1.00 23.75 ? 405 ILE A CG1 1 
ATOM   797 C CG2 . ILE A 1 96  ? 1.351   3.372   -5.497  1.00 22.79 ? 405 ILE A CG2 1 
ATOM   798 C CD1 . ILE A 1 96  ? -0.407  5.815   -4.888  1.00 23.28 ? 405 ILE A CD1 1 
ATOM   799 N N   . ILE A 1 97  ? 1.329   1.063   -8.065  1.00 23.76 ? 406 ILE A N   1 
ATOM   800 C CA  . ILE A 1 97  ? 1.768   -0.323  -7.942  1.00 25.83 ? 406 ILE A CA  1 
ATOM   801 C C   . ILE A 1 97  ? 2.538   -0.475  -6.638  1.00 23.41 ? 406 ILE A C   1 
ATOM   802 O O   . ILE A 1 97  ? 3.336   0.393   -6.262  1.00 24.04 ? 406 ILE A O   1 
ATOM   803 C CB  . ILE A 1 97  ? 2.607   -0.744  -9.165  1.00 25.71 ? 406 ILE A CB  1 
ATOM   804 C CG1 . ILE A 1 97  ? 2.937   -2.237  -9.106  1.00 26.84 ? 406 ILE A CG1 1 
ATOM   805 C CG2 . ILE A 1 97  ? 3.880   0.085   -9.278  1.00 26.91 ? 406 ILE A CG2 1 
ATOM   806 C CD1 . ILE A 1 97  ? 1.724   -3.139  -9.154  1.00 26.79 ? 406 ILE A CD1 1 
ATOM   807 N N   . ALA A 1 98  ? 2.281   -1.569  -5.924  1.00 24.76 ? 407 ALA A N   1 
ATOM   808 C CA  . ALA A 1 98  ? 2.890   -1.808  -4.621  1.00 23.50 ? 407 ALA A CA  1 
ATOM   809 C C   . ALA A 1 98  ? 3.480   -3.207  -4.587  1.00 27.50 ? 407 ALA A C   1 
ATOM   810 O O   . ALA A 1 98  ? 2.761   -4.193  -4.782  1.00 25.96 ? 407 ALA A O   1 
ATOM   811 C CB  . ALA A 1 98  ? 1.870   -1.633  -3.491  1.00 22.25 ? 407 ALA A CB  1 
ATOM   812 N N   . LYS A 1 99  ? 4.786   -3.287  -4.341  1.00 29.78 ? 408 LYS A N   1 
ATOM   813 C CA  . LYS A 1 99  ? 5.468   -4.540  -4.033  1.00 33.84 ? 408 LYS A CA  1 
ATOM   814 C C   . LYS A 1 99  ? 5.684   -4.579  -2.525  1.00 29.83 ? 408 LYS A C   1 
ATOM   815 O O   . LYS A 1 99  ? 6.473   -3.796  -1.985  1.00 28.49 ? 408 LYS A O   1 
ATOM   816 C CB  . LYS A 1 99  ? 6.795   -4.645  -4.778  1.00 39.68 ? 408 LYS A CB  1 
ATOM   817 C CG  . LYS A 1 99  ? 7.647   -5.817  -4.314  1.00 45.79 ? 408 LYS A CG  1 
ATOM   818 C CD  . LYS A 1 99  ? 8.984   -5.870  -5.036  1.00 54.61 ? 408 LYS A CD  1 
ATOM   819 C CE  . LYS A 1 99  ? 9.794   -7.074  -4.582  1.00 59.65 ? 408 LYS A CE  1 
ATOM   820 N NZ  . LYS A 1 99  ? 11.212  -6.727  -4.289  1.00 64.70 ? 408 LYS A NZ  1 
ATOM   821 N N   . ASN A 1 100 ? 4.986   -5.483  -1.847  1.00 27.67 ? 409 ASN A N   1 
ATOM   822 C CA  . ASN A 1 100 ? 4.950   -5.519  -0.387  1.00 26.41 ? 409 ASN A CA  1 
ATOM   823 C C   . ASN A 1 100 ? 5.769   -6.709  0.102   1.00 25.97 ? 409 ASN A C   1 
ATOM   824 O O   . ASN A 1 100 ? 5.311   -7.853  0.049   1.00 27.27 ? 409 ASN A O   1 
ATOM   825 C CB  . ASN A 1 100 ? 3.509   -5.586  0.108   1.00 23.35 ? 409 ASN A CB  1 
ATOM   826 C CG  . ASN A 1 100 ? 2.654   -4.453  -0.432  1.00 22.24 ? 409 ASN A CG  1 
ATOM   827 O OD1 . ASN A 1 100 ? 2.805   -3.301  -0.026  1.00 21.00 ? 409 ASN A OD1 1 
ATOM   828 N ND2 . ASN A 1 100 ? 1.744   -4.777  -1.343  1.00 21.79 ? 409 ASN A ND2 1 
ATOM   829 N N   . SER A 1 101 ? 6.978   -6.433  0.587   1.00 26.78 ? 410 SER A N   1 
ATOM   830 C CA  . SER A 1 101 ? 7.839   -7.477  1.128   1.00 28.40 ? 410 SER A CA  1 
ATOM   831 C C   . SER A 1 101 ? 7.461   -7.788  2.570   1.00 29.77 ? 410 SER A C   1 
ATOM   832 O O   . SER A 1 101 ? 7.053   -6.904  3.327   1.00 28.29 ? 410 SER A O   1 
ATOM   833 C CB  . SER A 1 101 ? 9.307   -7.056  1.048   1.00 30.05 ? 410 SER A CB  1 
ATOM   834 O OG  . SER A 1 101 ? 9.728   -6.946  -0.301  1.00 31.42 ? 410 SER A OG  1 
ATOM   835 N N   . VAL A 1 102 ? 7.603   -9.056  2.949   1.00 31.04 ? 411 VAL A N   1 
ATOM   836 C CA  . VAL A 1 102 ? 7.147   -9.549  4.241   1.00 32.09 ? 411 VAL A CA  1 
ATOM   837 C C   . VAL A 1 102 ? 8.351   -10.008 5.056   1.00 32.78 ? 411 VAL A C   1 
ATOM   838 O O   . VAL A 1 102 ? 9.290   -10.601 4.516   1.00 34.58 ? 411 VAL A O   1 
ATOM   839 C CB  . VAL A 1 102 ? 6.135   -10.703 4.077   1.00 30.93 ? 411 VAL A CB  1 
ATOM   840 C CG1 . VAL A 1 102 ? 5.536   -11.086 5.417   1.00 30.82 ? 411 VAL A CG1 1 
ATOM   841 C CG2 . VAL A 1 102 ? 5.054   -10.323 3.089   1.00 29.86 ? 411 VAL A CG2 1 
ATOM   842 N N   . PHE A 1 103 ? 8.318   -9.722  6.354   1.00 33.04 ? 412 PHE A N   1 
ATOM   843 C CA  . PHE A 1 103 ? 9.372   -10.160 7.263   1.00 35.33 ? 412 PHE A CA  1 
ATOM   844 C C   . PHE A 1 103 ? 8.777   -10.893 8.459   1.00 36.25 ? 412 PHE A C   1 
ATOM   845 O O   . PHE A 1 103 ? 7.621   -10.673 8.818   1.00 36.32 ? 412 PHE A O   1 
ATOM   846 C CB  . PHE A 1 103 ? 10.209  -8.969  7.734   1.00 36.61 ? 412 PHE A CB  1 
ATOM   847 C CG  . PHE A 1 103 ? 10.750  -8.127  6.615   1.00 38.06 ? 412 PHE A CG  1 
ATOM   848 C CD1 . PHE A 1 103 ? 11.972  -8.424  6.039   1.00 39.29 ? 412 PHE A CD1 1 
ATOM   849 C CD2 . PHE A 1 103 ? 10.041  -7.031  6.144   1.00 38.11 ? 412 PHE A CD2 1 
ATOM   850 C CE1 . PHE A 1 103 ? 12.477  -7.653  5.011   1.00 40.00 ? 412 PHE A CE1 1 
ATOM   851 C CE2 . PHE A 1 103 ? 10.542  -6.254  5.115   1.00 38.62 ? 412 PHE A CE2 1 
ATOM   852 C CZ  . PHE A 1 103 ? 11.763  -6.565  4.549   1.00 39.50 ? 412 PHE A CZ  1 
HETATM 853 O O   . HOH B 2 .   ? 6.717   -9.542  10.493  1.00 32.90 ? 501 HOH A O   1 
HETATM 854 O O   . HOH B 2 .   ? 9.170   -9.285  11.618  1.00 31.62 ? 502 HOH A O   1 
HETATM 855 O O   . HOH B 2 .   ? -6.811  7.060   1.688   1.00 34.17 ? 503 HOH A O   1 
HETATM 856 O O   . HOH B 2 .   ? 2.785   8.968   -14.091 1.00 38.76 ? 504 HOH A O   1 
HETATM 857 O O   . HOH B 2 .   ? -1.222  0.817   15.778  1.00 30.07 ? 505 HOH A O   1 
HETATM 858 O O   . HOH B 2 .   ? 8.814   8.782   5.518   1.00 35.69 ? 506 HOH A O   1 
HETATM 859 O O   . HOH B 2 .   ? 1.708   -15.804 0.250   1.00 33.86 ? 507 HOH A O   1 
HETATM 860 O O   . HOH B 2 .   ? 5.973   7.562   11.884  1.00 26.97 ? 508 HOH A O   1 
HETATM 861 O O   . HOH B 2 .   ? 9.303   -4.527  -1.381  1.00 35.19 ? 509 HOH A O   1 
HETATM 862 O O   . HOH B 2 .   ? 5.710   7.145   -8.460  1.00 31.51 ? 510 HOH A O   1 
HETATM 863 O O   . HOH B 2 .   ? 8.186   5.758   11.814  1.00 35.44 ? 511 HOH A O   1 
HETATM 864 O O   . HOH B 2 .   ? 6.408   -0.465  13.945  1.00 22.45 ? 512 HOH A O   1 
HETATM 865 O O   . HOH B 2 .   ? 9.279   1.569   12.026  1.00 35.50 ? 513 HOH A O   1 
HETATM 866 O O   . HOH B 2 .   ? 1.065   -0.930  -0.252  1.00 18.61 ? 514 HOH A O   1 
HETATM 867 O O   . HOH B 2 .   ? 8.560   5.109   5.203   1.00 23.84 ? 515 HOH A O   1 
HETATM 868 O O   . HOH B 2 .   ? 3.142   7.991   13.200  1.00 28.94 ? 516 HOH A O   1 
HETATM 869 O O   . HOH B 2 .   ? -0.498  7.892   14.792  1.00 21.04 ? 517 HOH A O   1 
HETATM 870 O O   . HOH B 2 .   ? 3.955   10.586  -9.631  1.00 43.52 ? 518 HOH A O   1 
HETATM 871 O O   . HOH B 2 .   ? -2.685  6.992   14.545  1.00 17.44 ? 519 HOH A O   1 
HETATM 872 O O   . HOH B 2 .   ? -6.726  8.263   -7.921  1.00 38.39 ? 520 HOH A O   1 
HETATM 873 O O   . HOH B 2 .   ? 0.369   -0.843  2.421   1.00 32.51 ? 521 HOH A O   1 
HETATM 874 O O   . HOH B 2 .   ? -2.041  -15.446 8.361   1.00 54.36 ? 522 HOH A O   1 
HETATM 875 O O   . HOH B 2 .   ? 10.540  7.240   1.665   1.00 46.50 ? 523 HOH A O   1 
HETATM 876 O O   . HOH B 2 .   ? 1.709   -7.784  16.929  1.00 36.07 ? 524 HOH A O   1 
HETATM 877 O O   . HOH B 2 .   ? -8.065  6.537   -16.468 1.00 58.12 ? 525 HOH A O   1 
HETATM 878 O O   . HOH B 2 .   ? 3.511   8.903   17.479  1.00 44.85 ? 526 HOH A O   1 
HETATM 879 O O   . HOH B 2 .   ? 3.478   -6.102  17.393  1.00 39.03 ? 527 HOH A O   1 
HETATM 880 O O   . HOH B 2 .   ? 0.665   8.726   17.681  1.00 34.27 ? 528 HOH A O   1 
HETATM 881 O O   . HOH B 2 .   ? 2.709   -10.193 17.403  1.00 46.76 ? 529 HOH A O   1 
# 
loop_
_atom_site_anisotrop.id 
_atom_site_anisotrop.type_symbol 
_atom_site_anisotrop.pdbx_label_atom_id 
_atom_site_anisotrop.pdbx_label_alt_id 
_atom_site_anisotrop.pdbx_label_comp_id 
_atom_site_anisotrop.pdbx_label_asym_id 
_atom_site_anisotrop.pdbx_label_seq_id 
_atom_site_anisotrop.pdbx_PDB_ins_code 
_atom_site_anisotrop.U[1][1] 
_atom_site_anisotrop.U[2][2] 
_atom_site_anisotrop.U[3][3] 
_atom_site_anisotrop.U[1][2] 
_atom_site_anisotrop.U[1][3] 
_atom_site_anisotrop.U[2][3] 
_atom_site_anisotrop.pdbx_auth_seq_id 
_atom_site_anisotrop.pdbx_auth_comp_id 
_atom_site_anisotrop.pdbx_auth_asym_id 
_atom_site_anisotrop.pdbx_auth_atom_id 
1   N N   . MET A 1   ? 0.6072 0.5172 0.5090 0.1390  0.0015  -0.0305 310 MET A N   
2   C CA  . MET A 1   ? 0.6252 0.5134 0.5195 0.1449  -0.0030 -0.0347 310 MET A CA  
3   C C   . MET A 1   ? 0.5918 0.4595 0.4763 0.1359  -0.0124 -0.0387 310 MET A C   
4   O O   . MET A 1   ? 0.5970 0.4471 0.4724 0.1350  -0.0168 -0.0418 310 MET A O   
5   C CB  . MET A 1   ? 0.6565 0.5535 0.5673 0.1456  -0.0045 -0.0294 310 MET A CB  
6   C CG  . MET A 1   ? 0.7024 0.5802 0.6099 0.1430  -0.0116 -0.0312 310 MET A CG  
7   S SD  . MET A 1   ? 0.7637 0.6509 0.6875 0.1474  -0.0112 -0.0251 310 MET A SD  
8   C CE  . MET A 1   ? 0.7805 0.6457 0.7008 0.1386  -0.0221 -0.0268 310 MET A CE  
9   N N   . PHE A 2   ? 0.5499 0.4238 0.4384 0.1259  -0.0154 -0.0372 311 PHE A N   
10  C CA  . PHE A 2   ? 0.5245 0.3809 0.4018 0.1192  -0.0230 -0.0409 311 PHE A CA  
11  C C   . PHE A 2   ? 0.4888 0.3549 0.3657 0.1129  -0.0215 -0.0392 311 PHE A C   
12  O O   . PHE A 2   ? 0.4651 0.3508 0.3552 0.1090  -0.0176 -0.0344 311 PHE A O   
13  C CB  . PHE A 2   ? 0.5108 0.3605 0.3965 0.1109  -0.0320 -0.0401 311 PHE A CB  
14  C CG  . PHE A 2   ? 0.4801 0.3471 0.3833 0.1007  -0.0330 -0.0352 311 PHE A CG  
15  C CD1 . PHE A 2   ? 0.4740 0.3405 0.3768 0.0928  -0.0365 -0.0352 311 PHE A CD1 
16  C CD2 . PHE A 2   ? 0.4699 0.3519 0.3893 0.0988  -0.0310 -0.0307 311 PHE A CD2 
17  C CE1 . PHE A 2   ? 0.4538 0.3344 0.3723 0.0841  -0.0367 -0.0315 311 PHE A CE1 
18  C CE2 . PHE A 2   ? 0.4520 0.3480 0.3858 0.0889  -0.0315 -0.0271 311 PHE A CE2 
19  C CZ  . PHE A 2   ? 0.4461 0.3406 0.3792 0.0819  -0.0340 -0.0278 311 PHE A CZ  
20  N N   . ILE A 3   ? 0.4831 0.3344 0.3438 0.1115  -0.0250 -0.0431 312 ILE A N   
21  C CA  . ILE A 3   ? 0.4650 0.3221 0.3222 0.1063  -0.0245 -0.0415 312 ILE A CA  
22  C C   . ILE A 3   ? 0.4441 0.2970 0.3074 0.0961  -0.0333 -0.0400 312 ILE A C   
23  O O   . ILE A 3   ? 0.4624 0.3001 0.3211 0.0938  -0.0410 -0.0427 312 ILE A O   
24  C CB  . ILE A 3   ? 0.4847 0.3297 0.3195 0.1111  -0.0223 -0.0459 312 ILE A CB  
25  C CG1 . ILE A 3   ? 0.4912 0.3459 0.3225 0.1211  -0.0115 -0.0465 312 ILE A CG1 
26  C CG2 . ILE A 3   ? 0.4829 0.3288 0.3119 0.1039  -0.0252 -0.0440 312 ILE A CG2 
27  C CD1 . ILE A 3   ? 0.5196 0.3610 0.3276 0.1268  -0.0083 -0.0520 312 ILE A CD1 
28  N N   . SER A 4   ? 0.4171 0.2834 0.2906 0.0899  -0.0322 -0.0356 313 SER A N   
29  C CA  . SER A 4   ? 0.4042 0.2674 0.2830 0.0814  -0.0395 -0.0340 313 SER A CA  
30  C C   . SER A 4   ? 0.4105 0.2786 0.2849 0.0788  -0.0377 -0.0313 313 SER A C   
31  O O   . SER A 4   ? 0.4052 0.2824 0.2758 0.0821  -0.0302 -0.0301 313 SER A O   
32  C CB  . SER A 4   ? 0.3782 0.2522 0.2778 0.0755  -0.0404 -0.0310 313 SER A CB  
33  O OG  . SER A 4   ? 0.3661 0.2574 0.2759 0.0747  -0.0329 -0.0274 313 SER A OG  
34  N N   . ARG A 5   ? 0.4133 0.2757 0.2881 0.0728  -0.0448 -0.0299 314 ARG A N   
35  C CA  . ARG A 5   ? 0.4123 0.2785 0.2849 0.0695  -0.0445 -0.0262 314 ARG A CA  
36  C C   . ARG A 5   ? 0.3934 0.2642 0.2830 0.0627  -0.0488 -0.0226 314 ARG A C   
37  O O   . ARG A 5   ? 0.3819 0.2477 0.2786 0.0600  -0.0551 -0.0236 314 ARG A O   
38  C CB  . ARG A 5   ? 0.4200 0.2727 0.2723 0.0699  -0.0493 -0.0277 314 ARG A CB  
39  C CG  . ARG A 5   ? 0.4367 0.2804 0.2706 0.0768  -0.0461 -0.0331 314 ARG A CG  
40  C CD  . ARG A 5   ? 0.4609 0.2996 0.2745 0.0776  -0.0445 -0.0335 314 ARG A CD  
41  N NE  . ARG A 5   ? 0.4701 0.3002 0.2771 0.0712  -0.0538 -0.0312 314 ARG A NE  
42  C CZ  . ARG A 5   ? 0.4967 0.3189 0.2836 0.0702  -0.0553 -0.0316 314 ARG A CZ  
43  N NH1 . ARG A 5   ? 0.5019 0.3240 0.2734 0.0754  -0.0473 -0.0349 314 ARG A NH1 
44  N NH2 . ARG A 5   ? 0.5060 0.3215 0.2886 0.0639  -0.0647 -0.0285 314 ARG A NH2 
45  N N   . HIS A 6   ? 0.4014 0.2813 0.2975 0.0599  -0.0449 -0.0183 315 HIS A N   
46  C CA  . HIS A 6   ? 0.3919 0.2767 0.3051 0.0544  -0.0467 -0.0152 315 HIS A CA  
47  C C   . HIS A 6   ? 0.4111 0.2939 0.3218 0.0517  -0.0490 -0.0108 315 HIS A C   
48  O O   . HIS A 6   ? 0.4167 0.2985 0.3138 0.0531  -0.0470 -0.0094 315 HIS A O   
49  C CB  . HIS A 6   ? 0.3890 0.2868 0.3157 0.0527  -0.0390 -0.0142 315 HIS A CB  
50  C CG  . HIS A 6   ? 0.3896 0.2906 0.3200 0.0550  -0.0369 -0.0174 315 HIS A CG  
51  N ND1 . HIS A 6   ? 0.3877 0.2901 0.3313 0.0518  -0.0393 -0.0184 315 HIS A ND1 
52  C CD2 . HIS A 6   ? 0.3993 0.3025 0.3220 0.0605  -0.0327 -0.0193 315 HIS A CD2 
53  C CE1 . HIS A 6   ? 0.3918 0.2965 0.3352 0.0546  -0.0373 -0.0205 315 HIS A CE1 
54  N NE2 . HIS A 6   ? 0.3979 0.3030 0.3293 0.0604  -0.0333 -0.0209 315 HIS A NE2 
55  N N   . SER A 7   ? 0.4001 0.2829 0.3245 0.0479  -0.0531 -0.0083 316 SER A N   
56  C CA  . SER A 7   ? 0.4151 0.2967 0.3410 0.0455  -0.0548 -0.0032 316 SER A CA  
57  C C   . SER A 7   ? 0.4208 0.3107 0.3503 0.0438  -0.0462 -0.0009 316 SER A C   
58  O O   . SER A 7   ? 0.4121 0.3099 0.3442 0.0441  -0.0391 -0.0029 316 SER A O   
59  C CB  . SER A 7   ? 0.4001 0.2803 0.3417 0.0429  -0.0609 -0.0013 316 SER A CB  
60  O OG  . SER A 7   ? 0.3886 0.2760 0.3473 0.0410  -0.0558 -0.0026 316 SER A OG  
61  N N   . GLY A 8   ? 0.4377 0.3254 0.3670 0.0416  -0.0469 0.0041  317 GLY A N   
62  C CA  . GLY A 8   ? 0.4520 0.3456 0.3843 0.0387  -0.0394 0.0068  317 GLY A CA  
63  C C   . GLY A 8   ? 0.4650 0.3647 0.4142 0.0361  -0.0345 0.0050  317 GLY A C   
64  O O   . GLY A 8   ? 0.4641 0.3710 0.4143 0.0334  -0.0270 0.0053  317 GLY A O   
65  N N   . GLU A 9   ? 0.4766 0.3741 0.4386 0.0360  -0.0386 0.0032  318 GLU A N   
66  C CA  . GLU A 9   ? 0.4909 0.3938 0.4684 0.0328  -0.0340 0.0010  318 GLU A CA  
67  C C   . GLU A 9   ? 0.4457 0.3545 0.4254 0.0333  -0.0326 -0.0036 318 GLU A C   
68  O O   . GLU A 9   ? 0.4318 0.3457 0.4233 0.0301  -0.0290 -0.0056 318 GLU A O   
69  C CB  . GLU A 9   ? 0.5487 0.4473 0.5407 0.0324  -0.0384 0.0019  318 GLU A CB  
70  C CG  . GLU A 9   ? 0.6089 0.5011 0.6018 0.0321  -0.0396 0.0071  318 GLU A CG  
71  C CD  . GLU A 9   ? 0.6576 0.5509 0.6498 0.0283  -0.0314 0.0085  318 GLU A CD  
72  O OE1 . GLU A 9   ? 0.7027 0.6020 0.7007 0.0250  -0.0248 0.0053  318 GLU A OE1 
73  O OE2 . GLU A 9   ? 0.6740 0.5620 0.6591 0.0279  -0.0318 0.0133  318 GLU A OE2 
74  N N   . GLY A 10  ? 0.4216 0.3291 0.3897 0.0373  -0.0351 -0.0053 319 GLY A N   
75  C CA  . GLY A 10  ? 0.3902 0.3021 0.3593 0.0384  -0.0339 -0.0090 319 GLY A CA  
76  C C   . GLY A 10  ? 0.3797 0.2860 0.3519 0.0395  -0.0410 -0.0118 319 GLY A C   
77  O O   . GLY A 10  ? 0.3681 0.2769 0.3422 0.0398  -0.0405 -0.0145 319 GLY A O   
78  N N   . LYS A 11  ? 0.3778 0.2769 0.3506 0.0396  -0.0481 -0.0106 320 LYS A N   
79  C CA  . LYS A 11  ? 0.3836 0.2778 0.3585 0.0395  -0.0557 -0.0126 320 LYS A CA  
80  C C   . LYS A 11  ? 0.3895 0.2765 0.3476 0.0433  -0.0588 -0.0153 320 LYS A C   
81  O O   . LYS A 11  ? 0.4086 0.2906 0.3521 0.0460  -0.0594 -0.0144 320 LYS A O   
82  C CB  . LYS A 11  ? 0.4012 0.2912 0.3815 0.0384  -0.0626 -0.0096 320 LYS A CB  
83  C CG  . LYS A 11  ? 0.4221 0.3086 0.4058 0.0371  -0.0711 -0.0108 320 LYS A CG  
84  C CD  . LYS A 11  ? 0.4409 0.3272 0.4345 0.0358  -0.0771 -0.0067 320 LYS A CD  
85  C CE  . LYS A 11  ? 0.4646 0.3455 0.4469 0.0378  -0.0798 -0.0025 320 LYS A CE  
86  N NZ  . LYS A 11  ? 0.4728 0.3534 0.4643 0.0369  -0.0874 0.0025  320 LYS A NZ  
87  N N   . PHE A 12  ? 0.3783 0.2642 0.3378 0.0433  -0.0604 -0.0185 321 PHE A N   
88  C CA  . PHE A 12  ? 0.3833 0.2599 0.3268 0.0472  -0.0631 -0.0216 321 PHE A CA  
89  C C   . PHE A 12  ? 0.3991 0.2645 0.3310 0.0470  -0.0717 -0.0213 321 PHE A C   
90  O O   . PHE A 12  ? 0.4066 0.2699 0.3456 0.0432  -0.0788 -0.0204 321 PHE A O   
91  C CB  . PHE A 12  ? 0.3761 0.2521 0.3246 0.0461  -0.0646 -0.0244 321 PHE A CB  
92  C CG  . PHE A 12  ? 0.3741 0.2578 0.3255 0.0482  -0.0571 -0.0251 321 PHE A CG  
93  C CD1 . PHE A 12  ? 0.3594 0.2551 0.3263 0.0439  -0.0523 -0.0237 321 PHE A CD1 
94  C CD2 . PHE A 12  ? 0.3770 0.2562 0.3155 0.0543  -0.0547 -0.0271 321 PHE A CD2 
95  C CE1 . PHE A 12  ? 0.3578 0.2617 0.3273 0.0450  -0.0461 -0.0235 321 PHE A CE1 
96  C CE2 . PHE A 12  ? 0.3769 0.2648 0.3197 0.0565  -0.0483 -0.0268 321 PHE A CE2 
97  C CZ  . PHE A 12  ? 0.3603 0.2610 0.3185 0.0514  -0.0444 -0.0246 321 PHE A CZ  
98  N N   . LEU A 13  ? 0.4112 0.2700 0.3253 0.0507  -0.0709 -0.0219 322 LEU A N   
99  C CA  . LEU A 13  ? 0.4179 0.2650 0.3173 0.0499  -0.0791 -0.0220 322 LEU A CA  
100 C C   . LEU A 13  ? 0.4335 0.2675 0.3154 0.0527  -0.0813 -0.0271 322 LEU A C   
101 O O   . LEU A 13  ? 0.4292 0.2521 0.3009 0.0501  -0.0896 -0.0280 322 LEU A O   
102 C CB  . LEU A 13  ? 0.4365 0.2831 0.3252 0.0509  -0.0776 -0.0190 322 LEU A CB  
103 C CG  . LEU A 13  ? 0.4277 0.2839 0.3308 0.0482  -0.0759 -0.0135 322 LEU A CG  
104 C CD1 . LEU A 13  ? 0.4341 0.2889 0.3240 0.0490  -0.0741 -0.0104 322 LEU A CD1 
105 C CD2 . LEU A 13  ? 0.4334 0.2893 0.3493 0.0441  -0.0844 -0.0104 322 LEU A CD2 
106 N N   . PHE A 14  ? 0.4215 0.2565 0.2998 0.0579  -0.0741 -0.0303 323 PHE A N   
107 C CA  . PHE A 14  ? 0.4403 0.2616 0.3018 0.0620  -0.0749 -0.0354 323 PHE A CA  
108 C C   . PHE A 14  ? 0.4300 0.2571 0.2982 0.0669  -0.0677 -0.0372 323 PHE A C   
109 O O   . PHE A 14  ? 0.4205 0.2614 0.2979 0.0688  -0.0600 -0.0349 323 PHE A O   
110 C CB  . PHE A 14  ? 0.4386 0.2515 0.2780 0.0656  -0.0731 -0.0373 323 PHE A CB  
111 C CG  . PHE A 14  ? 0.4397 0.2399 0.2618 0.0721  -0.0700 -0.0433 323 PHE A CG  
112 C CD1 . PHE A 14  ? 0.4261 0.2332 0.2484 0.0797  -0.0599 -0.0447 323 PHE A CD1 
113 C CD2 . PHE A 14  ? 0.4451 0.2262 0.2506 0.0706  -0.0772 -0.0473 323 PHE A CD2 
114 C CE1 . PHE A 14  ? 0.4375 0.2328 0.2451 0.0870  -0.0566 -0.0501 323 PHE A CE1 
115 C CE2 . PHE A 14  ? 0.4567 0.2238 0.2456 0.0771  -0.0740 -0.0533 323 PHE A CE2 
116 C CZ  . PHE A 14  ? 0.4527 0.2269 0.2432 0.0859  -0.0633 -0.0547 323 PHE A CZ  
117 N N   . ILE A 15  ? 0.4522 0.2684 0.3157 0.0683  -0.0707 -0.0407 324 ILE A N   
118 C CA  . ILE A 15  ? 0.4770 0.2945 0.3417 0.0746  -0.0646 -0.0425 324 ILE A CA  
119 C C   . ILE A 15  ? 0.5282 0.3256 0.3720 0.0799  -0.0665 -0.0479 324 ILE A C   
120 O O   . ILE A 15  ? 0.5261 0.3084 0.3586 0.0758  -0.0745 -0.0502 324 ILE A O   
121 C CB  . ILE A 15  ? 0.4658 0.2905 0.3487 0.0709  -0.0661 -0.0408 324 ILE A CB  
122 C CG1 . ILE A 15  ? 0.4744 0.2865 0.3554 0.0648  -0.0761 -0.0422 324 ILE A CG1 
123 C CG2 . ILE A 15  ? 0.4530 0.2968 0.3551 0.0662  -0.0626 -0.0363 324 ILE A CG2 
124 C CD1 . ILE A 15  ? 0.4614 0.2797 0.3577 0.0607  -0.0775 -0.0406 324 ILE A CD1 
125 N N   . ASP A 16  ? 0.5741 0.3716 0.4129 0.0888  -0.0588 -0.0500 325 ASP A N   
126 C CA  . ASP A 16  ? 0.6263 0.4084 0.4463 0.0935  -0.0581 -0.0542 325 ASP A CA  
127 C C   . ASP A 16  ? 0.6592 0.4353 0.4832 0.0906  -0.0622 -0.0538 325 ASP A C   
128 O O   . ASP A 16  ? 0.6359 0.4182 0.4747 0.0844  -0.0667 -0.0509 325 ASP A O   
129 C CB  . ASP A 16  ? 0.6084 0.3957 0.4228 0.1041  -0.0472 -0.0557 325 ASP A CB  
130 C CG  . ASP A 16  ? 0.5728 0.3745 0.4043 0.1090  -0.0412 -0.0528 325 ASP A CG  
131 O OD1 . ASP A 16  ? 0.5409 0.3471 0.3869 0.1041  -0.0453 -0.0500 325 ASP A OD1 
132 O OD2 . ASP A 16  ? 0.5731 0.3828 0.4034 0.1178  -0.0322 -0.0530 325 ASP A OD2 
133 N N   . GLN A 17  ? 0.7315 0.4951 0.5415 0.0949  -0.0605 -0.0569 326 GLN A N   
134 C CA  . GLN A 17  ? 0.7815 0.5362 0.5918 0.0926  -0.0645 -0.0569 326 GLN A CA  
135 C C   . GLN A 17  ? 0.7507 0.5166 0.5778 0.0959  -0.0607 -0.0540 326 GLN A C   
136 O O   . GLN A 17  ? 0.7471 0.5080 0.5778 0.0922  -0.0650 -0.0531 326 GLN A O   
137 C CB  . GLN A 17  ? 0.8882 0.6252 0.6784 0.0972  -0.0627 -0.0612 326 GLN A CB  
138 C CG  . GLN A 17  ? 0.9659 0.7065 0.7518 0.1087  -0.0518 -0.0633 326 GLN A CG  
139 C CD  . GLN A 17  ? 1.0522 0.7897 0.8228 0.1107  -0.0486 -0.0662 326 GLN A CD  
140 O OE1 . GLN A 17  ? 1.1344 0.8563 0.8871 0.1070  -0.0525 -0.0692 326 GLN A OE1 
141 N NE2 . GLN A 17  ? 1.0589 0.8117 0.8356 0.1158  -0.0414 -0.0651 326 GLN A NE2 
142 N N   . ARG A 18  ? 0.7131 0.4940 0.5498 0.1021  -0.0530 -0.0524 327 ARG A N   
143 C CA  . ARG A 18  ? 0.6814 0.4728 0.5322 0.1066  -0.0486 -0.0494 327 ARG A CA  
144 C C   . ARG A 18  ? 0.6172 0.4240 0.4874 0.1007  -0.0506 -0.0450 327 ARG A C   
145 O O   . ARG A 18  ? 0.5966 0.4121 0.4788 0.1030  -0.0482 -0.0418 327 ARG A O   
146 C CB  . ARG A 18  ? 0.6963 0.4963 0.5461 0.1178  -0.0384 -0.0497 327 ARG A CB  
147 C CG  . ARG A 18  ? 0.7406 0.5260 0.5715 0.1243  -0.0350 -0.0545 327 ARG A CG  
148 C CD  . ARG A 18  ? 0.7643 0.5611 0.5950 0.1349  -0.0242 -0.0546 327 ARG A CD  
149 N NE  . ARG A 18  ? 0.7744 0.5776 0.5995 0.1344  -0.0215 -0.0554 327 ARG A NE  
150 C CZ  . ARG A 18  ? 0.7811 0.5975 0.6065 0.1417  -0.0123 -0.0550 327 ARG A CZ  
151 N NH1 . ARG A 18  ? 0.7900 0.6159 0.6225 0.1505  -0.0049 -0.0535 327 ARG A NH1 
152 N NH2 . ARG A 18  ? 0.7769 0.5978 0.5957 0.1401  -0.0106 -0.0557 327 ARG A NH2 
153 N N   . ALA A 19  ? 0.5864 0.3961 0.4597 0.0932  -0.0549 -0.0446 328 ALA A N   
154 C CA  . ALA A 19  ? 0.5378 0.3625 0.4292 0.0882  -0.0552 -0.0409 328 ALA A CA  
155 C C   . ALA A 19  ? 0.5109 0.3350 0.4119 0.0804  -0.0613 -0.0390 328 ALA A C   
156 O O   . ALA A 19  ? 0.4933 0.3281 0.4081 0.0796  -0.0597 -0.0358 328 ALA A O   
157 C CB  . ALA A 19  ? 0.5231 0.3506 0.4151 0.0835  -0.0571 -0.0411 328 ALA A CB  
158 N N   . THR A 20  ? 0.5172 0.3288 0.4106 0.0745  -0.0685 -0.0406 329 THR A N   
159 C CA  . THR A 20  ? 0.5044 0.3164 0.4066 0.0657  -0.0747 -0.0388 329 THR A CA  
160 C C   . THR A 20  ? 0.5234 0.3364 0.4311 0.0683  -0.0733 -0.0367 329 THR A C   
161 O O   . THR A 20  ? 0.4952 0.3161 0.4159 0.0630  -0.0751 -0.0338 329 THR A O   
162 C CB  . THR A 20  ? 0.5219 0.3199 0.4126 0.0602  -0.0825 -0.0406 329 THR A CB  
163 O OG1 . THR A 20  ? 0.5239 0.3228 0.4127 0.0564  -0.0853 -0.0412 329 THR A OG1 
164 C CG2 . THR A 20  ? 0.5106 0.3086 0.4089 0.0518  -0.0886 -0.0385 329 THR A CG2 
165 N N   . LEU A 21  ? 0.5505 0.3554 0.4486 0.0768  -0.0699 -0.0379 330 LEU A N   
166 C CA  . LEU A 21  ? 0.5666 0.3722 0.4705 0.0804  -0.0686 -0.0352 330 LEU A CA  
167 C C   . LEU A 21  ? 0.5213 0.3448 0.4409 0.0830  -0.0638 -0.0311 330 LEU A C   
168 O O   . LEU A 21  ? 0.5160 0.3438 0.4451 0.0818  -0.0653 -0.0273 330 LEU A O   
169 C CB  . LEU A 21  ? 0.6040 0.3984 0.4957 0.0903  -0.0646 -0.0373 330 LEU A CB  
170 C CG  . LEU A 21  ? 0.6271 0.4110 0.5172 0.0922  -0.0669 -0.0361 330 LEU A CG  
171 C CD1 . LEU A 21  ? 0.6620 0.4322 0.5378 0.1015  -0.0630 -0.0395 330 LEU A CD1 
172 C CD2 . LEU A 21  ? 0.6301 0.4265 0.5357 0.0949  -0.0648 -0.0306 330 LEU A CD2 
173 N N   . VAL A 22  ? 0.4964 0.3306 0.4186 0.0859  -0.0587 -0.0314 331 VAL A N   
174 C CA  . VAL A 22  ? 0.4687 0.3205 0.4045 0.0888  -0.0540 -0.0272 331 VAL A CA  
175 C C   . VAL A 22  ? 0.4407 0.3051 0.3902 0.0762  -0.0565 -0.0246 331 VAL A C   
176 O O   . VAL A 22  ? 0.4311 0.3078 0.3927 0.0717  -0.0562 -0.0203 331 VAL A O   
177 C CB  . VAL A 22  ? 0.4592 0.3204 0.3921 0.0959  -0.0461 -0.0279 331 VAL A CB  
178 C CG1 . VAL A 22  ? 0.4416 0.3285 0.3902 0.0935  -0.0400 -0.0223 331 VAL A CG1 
179 C CG2 . VAL A 22  ? 0.4804 0.3334 0.4015 0.1066  -0.0417 -0.0301 331 VAL A CG2 
180 N N   . ILE A 23  ? 0.4352 0.2976 0.3830 0.0699  -0.0589 -0.0273 332 ILE A N   
181 C CA  . ILE A 23  ? 0.4118 0.2878 0.3730 0.0587  -0.0593 -0.0253 332 ILE A CA  
182 C C   . ILE A 23  ? 0.4302 0.2974 0.3930 0.0500  -0.0672 -0.0265 332 ILE A C   
183 O O   . ILE A 23  ? 0.4240 0.3023 0.3987 0.0406  -0.0674 -0.0251 332 ILE A O   
184 C CB  . ILE A 23  ? 0.4054 0.2884 0.3672 0.0574  -0.0556 -0.0263 332 ILE A CB  
185 C CG1 . ILE A 23  ? 0.4109 0.2773 0.3592 0.0595  -0.0604 -0.0304 332 ILE A CG1 
186 C CG2 . ILE A 23  ? 0.3968 0.2922 0.3592 0.0636  -0.0473 -0.0242 332 ILE A CG2 
187 C CD1 . ILE A 23  ? 0.4061 0.2779 0.3543 0.0584  -0.0579 -0.0307 332 ILE A CD1 
188 N N   . GLY A 24  ? 0.4519 0.2996 0.4027 0.0523  -0.0737 -0.0291 333 GLY A N   
189 C CA  . GLY A 24  ? 0.4643 0.3057 0.4162 0.0431  -0.0811 -0.0293 333 GLY A CA  
190 C C   . GLY A 24  ? 0.4909 0.3321 0.4421 0.0367  -0.0846 -0.0310 333 GLY A C   
191 O O   . GLY A 24  ? 0.4966 0.3327 0.4452 0.0305  -0.0907 -0.0310 333 GLY A O   
192 N N   . PHE A 25  ? 0.4966 0.3436 0.4502 0.0385  -0.0813 -0.0320 334 PHE A N   
193 C CA  . PHE A 25  ? 0.5022 0.3499 0.4570 0.0330  -0.0850 -0.0327 334 PHE A CA  
194 C C   . PHE A 25  ? 0.5176 0.3521 0.4555 0.0359  -0.0890 -0.0345 334 PHE A C   
195 O O   . PHE A 25  ? 0.5226 0.3503 0.4486 0.0439  -0.0858 -0.0362 334 PHE A O   
196 C CB  . PHE A 25  ? 0.4795 0.3386 0.4429 0.0337  -0.0798 -0.0322 334 PHE A CB  
197 C CG  . PHE A 25  ? 0.4500 0.3264 0.4303 0.0280  -0.0747 -0.0298 334 PHE A CG  
198 C CD1 . PHE A 25  ? 0.4330 0.3155 0.4253 0.0191  -0.0775 -0.0294 334 PHE A CD1 
199 C CD2 . PHE A 25  ? 0.4341 0.3214 0.4183 0.0310  -0.0670 -0.0280 334 PHE A CD2 
200 C CE1 . PHE A 25  ? 0.4094 0.3067 0.4156 0.0135  -0.0721 -0.0280 334 PHE A CE1 
201 C CE2 . PHE A 25  ? 0.4097 0.3120 0.4077 0.0247  -0.0623 -0.0261 334 PHE A CE2 
202 C CZ  . PHE A 25  ? 0.3985 0.3050 0.4068 0.0158  -0.0646 -0.0264 334 PHE A CZ  
203 N N   . LEU A 26  ? 0.5266 0.3579 0.4639 0.0292  -0.0959 -0.0341 335 LEU A N   
204 C CA  . LEU A 26  ? 0.5450 0.3642 0.4671 0.0304  -0.1006 -0.0354 335 LEU A CA  
205 C C   . LEU A 26  ? 0.5346 0.3563 0.4564 0.0331  -0.0991 -0.0361 335 LEU A C   
206 O O   . LEU A 26  ? 0.5122 0.3454 0.4481 0.0317  -0.0961 -0.0349 335 LEU A O   
207 C CB  . LEU A 26  ? 0.5607 0.3779 0.4842 0.0220  -0.1086 -0.0336 335 LEU A CB  
208 C CG  . LEU A 26  ? 0.5773 0.3939 0.5033 0.0172  -0.1108 -0.0320 335 LEU A CG  
209 C CD1 . LEU A 26  ? 0.5835 0.4023 0.5139 0.0086  -0.1172 -0.0293 335 LEU A CD1 
210 C CD2 . LEU A 26  ? 0.5982 0.3992 0.5074 0.0222  -0.1110 -0.0337 335 LEU A CD2 
211 N N   . PRO A 27  ? 0.5431 0.3527 0.4478 0.0370  -0.1008 -0.0380 336 PRO A N   
212 C CA  . PRO A 27  ? 0.5508 0.3608 0.4534 0.0390  -0.1006 -0.0382 336 PRO A CA  
213 C C   . PRO A 27  ? 0.5520 0.3693 0.4683 0.0320  -0.1062 -0.0357 336 PRO A C   
214 O O   . PRO A 27  ? 0.5545 0.3835 0.4820 0.0328  -0.1020 -0.0336 336 PRO A O   
215 C CB  . PRO A 27  ? 0.5601 0.3537 0.4400 0.0418  -0.1038 -0.0407 336 PRO A CB  
216 C CG  . PRO A 27  ? 0.5623 0.3489 0.4333 0.0458  -0.1005 -0.0426 336 PRO A CG  
217 C CD  . PRO A 27  ? 0.5559 0.3501 0.4414 0.0405  -0.1019 -0.0403 336 PRO A CD  
218 N N   . GLN A 28  ? 0.5685 0.3841 0.4865 0.0250  -0.1138 -0.0344 337 GLN A N   
219 C CA  . GLN A 28  ? 0.5835 0.4082 0.5169 0.0186  -0.1189 -0.0317 337 GLN A CA  
220 C C   . GLN A 28  ? 0.5731 0.4138 0.5284 0.0167  -0.1133 -0.0305 337 GLN A C   
221 O O   . GLN A 28  ? 0.5706 0.4234 0.5415 0.0137  -0.1135 -0.0277 337 GLN A O   
222 C CB  . GLN A 28  ? 0.6331 0.4553 0.5646 0.0115  -0.1271 -0.0295 337 GLN A CB  
223 C CG  . GLN A 28  ? 0.6725 0.4961 0.6061 0.0087  -0.1254 -0.0290 337 GLN A CG  
224 C CD  . GLN A 28  ? 0.7300 0.5371 0.6426 0.0116  -0.1262 -0.0309 337 GLN A CD  
225 O OE1 . GLN A 28  ? 0.7491 0.5460 0.6467 0.0178  -0.1243 -0.0337 337 GLN A OE1 
226 N NE2 . GLN A 28  ? 0.7502 0.5543 0.6614 0.0071  -0.1287 -0.0295 337 GLN A NE2 
227 N N   . GLU A 29  ? 0.5545 0.3989 0.5121 0.0185  -0.1068 -0.0313 338 GLU A N   
228 C CA  . GLU A 29  ? 0.5222 0.3812 0.4987 0.0156  -0.1012 -0.0304 338 GLU A CA  
229 C C   . GLU A 29  ? 0.4847 0.3524 0.4665 0.0204  -0.0925 -0.0297 338 GLU A C   
230 O O   . GLU A 29  ? 0.4624 0.3431 0.4601 0.0174  -0.0880 -0.0283 338 GLU A O   
231 C CB  . GLU A 29  ? 0.5300 0.3908 0.5069 0.0140  -0.0987 -0.0305 338 GLU A CB  
232 C CG  . GLU A 29  ? 0.5545 0.4119 0.5284 0.0084  -0.1049 -0.0291 338 GLU A CG  
233 C CD  . GLU A 29  ? 0.5740 0.4297 0.5454 0.0077  -0.1031 -0.0287 338 GLU A CD  
234 O OE1 . GLU A 29  ? 0.5866 0.4381 0.5521 0.0136  -0.0991 -0.0302 338 GLU A OE1 
235 O OE2 . GLU A 29  ? 0.5755 0.4340 0.5508 0.0014  -0.1059 -0.0266 338 GLU A OE2 
236 N N   . ILE A 30  ? 0.4652 0.3264 0.4333 0.0274  -0.0894 -0.0306 339 ILE A N   
237 C CA  . ILE A 30  ? 0.4252 0.2956 0.3971 0.0313  -0.0808 -0.0294 339 ILE A CA  
238 C C   . ILE A 30  ? 0.4288 0.2978 0.3956 0.0338  -0.0813 -0.0279 339 ILE A C   
239 O O   . ILE A 30  ? 0.4184 0.2964 0.3930 0.0342  -0.0756 -0.0258 339 ILE A O   
240 C CB  . ILE A 30  ? 0.4135 0.2822 0.3767 0.0371  -0.0752 -0.0306 339 ILE A CB  
241 C CG1 . ILE A 30  ? 0.3942 0.2754 0.3635 0.0391  -0.0661 -0.0286 339 ILE A CG1 
242 C CG2 . ILE A 30  ? 0.4241 0.2776 0.3671 0.0433  -0.0780 -0.0328 339 ILE A CG2 
243 C CD1 . ILE A 30  ? 0.3883 0.2740 0.3560 0.0428  -0.0601 -0.0285 339 ILE A CD1 
244 N N   . LEU A 31  ? 0.4316 0.2883 0.3844 0.0349  -0.0883 -0.0285 340 LEU A N   
245 C CA  . LEU A 31  ? 0.4453 0.3007 0.3928 0.0363  -0.0898 -0.0264 340 LEU A CA  
246 C C   . LEU A 31  ? 0.4199 0.2854 0.3853 0.0320  -0.0915 -0.0228 340 LEU A C   
247 O O   . LEU A 31  ? 0.4263 0.2948 0.4027 0.0272  -0.0961 -0.0224 340 LEU A O   
248 C CB  . LEU A 31  ? 0.4636 0.3040 0.3922 0.0364  -0.0980 -0.0277 340 LEU A CB  
249 C CG  . LEU A 31  ? 0.4905 0.3178 0.3980 0.0418  -0.0962 -0.0318 340 LEU A CG  
250 C CD1 . LEU A 31  ? 0.5066 0.3193 0.3945 0.0409  -0.1038 -0.0328 340 LEU A CD1 
251 C CD2 . LEU A 31  ? 0.4888 0.3222 0.3939 0.0480  -0.0862 -0.0319 340 LEU A CD2 
252 N N   . GLY A 32  ? 0.4181 0.2886 0.3867 0.0339  -0.0874 -0.0200 341 GLY A N   
253 C CA  . GLY A 32  ? 0.3997 0.2788 0.3857 0.0314  -0.0876 -0.0165 341 GLY A CA  
254 C C   . GLY A 32  ? 0.3854 0.2752 0.3870 0.0301  -0.0789 -0.0169 341 GLY A C   
255 O O   . GLY A 32  ? 0.3787 0.2748 0.3944 0.0290  -0.0773 -0.0145 341 GLY A O   
256 N N   . THR A 33  ? 0.3767 0.2687 0.3764 0.0302  -0.0735 -0.0197 342 THR A N   
257 C CA  . THR A 33  ? 0.3565 0.2586 0.3688 0.0278  -0.0652 -0.0202 342 THR A CA  
258 C C   . THR A 33  ? 0.3470 0.2512 0.3525 0.0307  -0.0576 -0.0194 342 THR A C   
259 O O   . THR A 33  ? 0.3480 0.2471 0.3387 0.0349  -0.0578 -0.0196 342 THR A O   
260 C CB  . THR A 33  ? 0.3534 0.2582 0.3695 0.0245  -0.0648 -0.0229 342 THR A CB  
261 O OG1 . THR A 33  ? 0.3677 0.2664 0.3692 0.0282  -0.0652 -0.0243 342 THR A OG1 
262 C CG2 . THR A 33  ? 0.3505 0.2539 0.3732 0.0207  -0.0723 -0.0233 342 THR A CG2 
263 N N   . SER A 34  ? 0.3295 0.2415 0.3456 0.0279  -0.0507 -0.0187 343 SER A N   
264 C CA  . SER A 34  ? 0.3241 0.2397 0.3350 0.0290  -0.0434 -0.0175 343 SER A CA  
265 C C   . SER A 34  ? 0.3027 0.2240 0.3109 0.0284  -0.0390 -0.0190 343 SER A C   
266 O O   . SER A 34  ? 0.2897 0.2141 0.3046 0.0252  -0.0396 -0.0208 343 SER A O   
267 C CB  . SER A 34  ? 0.3193 0.2393 0.3413 0.0253  -0.0378 -0.0162 343 SER A CB  
268 O OG  . SER A 34  ? 0.3228 0.2471 0.3401 0.0243  -0.0305 -0.0150 343 SER A OG  
269 N N   . PHE A 35  ? 0.3039 0.2274 0.3022 0.0315  -0.0348 -0.0177 344 PHE A N   
270 C CA  . PHE A 35  ? 0.3034 0.2344 0.3010 0.0313  -0.0307 -0.0181 344 PHE A CA  
271 C C   . PHE A 35  ? 0.2827 0.2238 0.2915 0.0244  -0.0246 -0.0174 344 PHE A C   
272 O O   . PHE A 35  ? 0.2760 0.2246 0.2869 0.0226  -0.0221 -0.0172 344 PHE A O   
273 C CB  . PHE A 35  ? 0.3187 0.2512 0.3040 0.0371  -0.0275 -0.0168 344 PHE A CB  
274 C CG  . PHE A 35  ? 0.3227 0.2579 0.3042 0.0366  -0.0232 -0.0141 344 PHE A CG  
275 C CD1 . PHE A 35  ? 0.3178 0.2556 0.3074 0.0307  -0.0202 -0.0125 344 PHE A CD1 
276 C CD2 . PHE A 35  ? 0.3226 0.2568 0.2910 0.0419  -0.0217 -0.0131 344 PHE A CD2 
277 C CE1 . PHE A 35  ? 0.3148 0.2536 0.2996 0.0298  -0.0166 -0.0097 344 PHE A CE1 
278 C CE2 . PHE A 35  ? 0.3152 0.2522 0.2791 0.0407  -0.0179 -0.0102 344 PHE A CE2 
279 C CZ  . PHE A 35  ? 0.3148 0.2536 0.2868 0.0345  -0.0157 -0.0082 344 PHE A CZ  
280 N N   . TYR A 36  ? 0.2796 0.2205 0.2952 0.0202  -0.0223 -0.0170 345 TYR A N   
281 C CA  . TYR A 36  ? 0.2867 0.2349 0.3123 0.0127  -0.0167 -0.0175 345 TYR A CA  
282 C C   . TYR A 36  ? 0.2873 0.2368 0.3220 0.0087  -0.0190 -0.0201 345 TYR A C   
283 O O   . TYR A 36  ? 0.2744 0.2305 0.3157 0.0019  -0.0144 -0.0210 345 TYR A O   
284 C CB  . TYR A 36  ? 0.2968 0.2415 0.3268 0.0101  -0.0135 -0.0170 345 TYR A CB  
285 C CG  . TYR A 36  ? 0.3118 0.2569 0.3333 0.0111  -0.0098 -0.0139 345 TYR A CG  
286 C CD1 . TYR A 36  ? 0.3077 0.2618 0.3257 0.0073  -0.0039 -0.0123 345 TYR A CD1 
287 C CD2 . TYR A 36  ? 0.3183 0.2554 0.3352 0.0149  -0.0123 -0.0119 345 TYR A CD2 
288 C CE1 . TYR A 36  ? 0.3161 0.2714 0.3262 0.0073  -0.0005 -0.0092 345 TYR A CE1 
289 C CE2 . TYR A 36  ? 0.3247 0.2620 0.3332 0.0149  -0.0089 -0.0088 345 TYR A CE2 
290 C CZ  . TYR A 36  ? 0.3258 0.2724 0.3308 0.0110  -0.0029 -0.0075 345 TYR A CZ  
291 O OH  . TYR A 36  ? 0.3387 0.2866 0.3352 0.0101  0.0005  -0.0040 345 TYR A OH  
292 N N   . GLU A 37  ? 0.3077 0.2510 0.3419 0.0122  -0.0262 -0.0214 346 GLU A N   
293 C CA  . GLU A 37  ? 0.3063 0.2511 0.3482 0.0080  -0.0290 -0.0234 346 GLU A CA  
294 C C   . GLU A 37  ? 0.2865 0.2359 0.3251 0.0067  -0.0290 -0.0232 346 GLU A C   
295 O O   . GLU A 37  ? 0.2710 0.2244 0.3163 0.0009  -0.0294 -0.0242 346 GLU A O   
296 C CB  . GLU A 37  ? 0.3358 0.2727 0.3777 0.0111  -0.0372 -0.0243 346 GLU A CB  
297 C CG  . GLU A 37  ? 0.3438 0.2815 0.3916 0.0068  -0.0414 -0.0260 346 GLU A CG  
298 C CD  . GLU A 37  ? 0.3505 0.2834 0.4026 0.0073  -0.0482 -0.0264 346 GLU A CD  
299 O OE1 . GLU A 37  ? 0.3550 0.2861 0.4102 0.0098  -0.0483 -0.0253 346 GLU A OE1 
300 O OE2 . GLU A 37  ? 0.3506 0.2819 0.4035 0.0049  -0.0538 -0.0273 346 GLU A OE2 
301 N N   . TYR A 38  ? 0.2781 0.2278 0.3071 0.0119  -0.0283 -0.0213 347 TYR A N   
302 C CA  . TYR A 38  ? 0.2853 0.2380 0.3113 0.0130  -0.0294 -0.0203 347 TYR A CA  
303 C C   . TYR A 38  ? 0.2742 0.2387 0.3004 0.0111  -0.0231 -0.0175 347 TYR A C   
304 O O   . TYR A 38  ? 0.2750 0.2443 0.3015 0.0108  -0.0236 -0.0158 347 TYR A O   
305 C CB  . TYR A 38  ? 0.2992 0.2419 0.3140 0.0219  -0.0345 -0.0208 347 TYR A CB  
306 C CG  . TYR A 38  ? 0.3039 0.2350 0.3168 0.0229  -0.0416 -0.0230 347 TYR A CG  
307 C CD1 . TYR A 38  ? 0.3039 0.2299 0.3184 0.0204  -0.0475 -0.0244 347 TYR A CD1 
308 C CD2 . TYR A 38  ? 0.3017 0.2275 0.3113 0.0256  -0.0428 -0.0233 347 TYR A CD2 
309 C CE1 . TYR A 38  ? 0.3082 0.2251 0.3212 0.0202  -0.0543 -0.0260 347 TYR A CE1 
310 C CE2 . TYR A 38  ? 0.3090 0.2257 0.3173 0.0258  -0.0498 -0.0246 347 TYR A CE2 
311 C CZ  . TYR A 38  ? 0.3168 0.2296 0.3271 0.0229  -0.0556 -0.0260 347 TYR A CZ  
312 O OH  . TYR A 38  ? 0.3378 0.2430 0.3472 0.0222  -0.0630 -0.0268 347 TYR A OH  
313 N N   . PHE A 39  ? 0.2739 0.2432 0.3000 0.0095  -0.0174 -0.0164 348 PHE A N   
314 C CA  . PHE A 39  ? 0.2676 0.2492 0.2934 0.0066  -0.0117 -0.0130 348 PHE A CA  
315 C C   . PHE A 39  ? 0.2660 0.2562 0.2999 -0.0035 -0.0094 -0.0127 348 PHE A C   
316 O O   . PHE A 39  ? 0.2623 0.2496 0.3022 -0.0097 -0.0092 -0.0155 348 PHE A O   
317 C CB  . PHE A 39  ? 0.2604 0.2440 0.2834 0.0058  -0.0066 -0.0118 348 PHE A CB  
318 C CG  . PHE A 39  ? 0.2542 0.2309 0.2680 0.0146  -0.0082 -0.0115 348 PHE A CG  
319 C CD1 . PHE A 39  ? 0.2651 0.2397 0.2722 0.0230  -0.0112 -0.0113 348 PHE A CD1 
320 C CD2 . PHE A 39  ? 0.2400 0.2117 0.2511 0.0144  -0.0067 -0.0114 348 PHE A CD2 
321 C CE1 . PHE A 39  ? 0.2689 0.2370 0.2660 0.0305  -0.0121 -0.0115 348 PHE A CE1 
322 C CE2 . PHE A 39  ? 0.2349 0.2007 0.2365 0.0215  -0.0084 -0.0108 348 PHE A CE2 
323 C CZ  . PHE A 39  ? 0.2524 0.2167 0.2466 0.0293  -0.0109 -0.0111 348 PHE A CZ  
324 N N   . HIS A 40  ? 0.2635 0.2651 0.2976 -0.0054 -0.0076 -0.0090 349 HIS A N   
325 C CA  . HIS A 40  ? 0.2709 0.2819 0.3108 -0.0161 -0.0053 -0.0078 349 HIS A CA  
326 C C   . HIS A 40  ? 0.2656 0.2800 0.3070 -0.0250 0.0011  -0.0087 349 HIS A C   
327 O O   . HIS A 40  ? 0.2639 0.2779 0.3010 -0.0228 0.0044  -0.0078 349 HIS A O   
328 C CB  . HIS A 40  ? 0.2936 0.3174 0.3334 -0.0154 -0.0052 -0.0023 349 HIS A CB  
329 C CG  . HIS A 40  ? 0.3014 0.3342 0.3464 -0.0260 -0.0053 -0.0004 349 HIS A CG  
330 N ND1 . HIS A 40  ? 0.2983 0.3407 0.3448 -0.0375 -0.0002 0.0008  349 HIS A ND1 
331 C CD2 . HIS A 40  ? 0.3039 0.3370 0.3517 -0.0275 -0.0101 0.0008  349 HIS A CD2 
332 C CE1 . HIS A 40  ? 0.2927 0.3417 0.3427 -0.0460 -0.0017 0.0026  349 HIS A CE1 
333 N NE2 . HIS A 40  ? 0.2981 0.3418 0.3493 -0.0399 -0.0078 0.0029  349 HIS A NE2 
334 N N   . ASN A 41  ? 0.2585 0.2747 0.3046 -0.0354 0.0030  -0.0107 350 ASN A N   
335 C CA  . ASN A 41  ? 0.2557 0.2729 0.3023 -0.0447 0.0096  -0.0124 350 ASN A CA  
336 C C   . ASN A 41  ? 0.2791 0.3057 0.3206 -0.0474 0.0138  -0.0080 350 ASN A C   
337 O O   . ASN A 41  ? 0.2758 0.2987 0.3143 -0.0496 0.0182  -0.0088 350 ASN A O   
338 C CB  . ASN A 41  ? 0.2426 0.2633 0.2933 -0.0565 0.0117  -0.0146 350 ASN A CB  
339 C CG  . ASN A 41  ? 0.2426 0.2543 0.2990 -0.0560 0.0097  -0.0198 350 ASN A CG  
340 O OD1 . ASN A 41  ? 0.2466 0.2487 0.3046 -0.0494 0.0089  -0.0225 350 ASN A OD1 
341 N ND2 . ASN A 41  ? 0.2336 0.2494 0.2932 -0.0636 0.0087  -0.0207 350 ASN A ND2 
342 N N   . GLU A 42  ? 0.2860 0.3251 0.3272 -0.0472 0.0123  -0.0028 351 GLU A N   
343 C CA  . GLU A 42  ? 0.3007 0.3525 0.3387 -0.0513 0.0161  0.0022  351 GLU A CA  
344 C C   . GLU A 42  ? 0.2738 0.3252 0.3071 -0.0414 0.0166  0.0044  351 GLU A C   
345 O O   . GLU A 42  ? 0.2706 0.3315 0.3006 -0.0451 0.0204  0.0082  351 GLU A O   
346 C CB  . GLU A 42  ? 0.3438 0.4109 0.3846 -0.0542 0.0139  0.0080  351 GLU A CB  
347 C CG  . GLU A 42  ? 0.3832 0.4544 0.4266 -0.0675 0.0144  0.0074  351 GLU A CG  
348 C CD  . GLU A 42  ? 0.4155 0.5035 0.4616 -0.0710 0.0119  0.0145  351 GLU A CD  
349 O OE1 . GLU A 42  ? 0.4674 0.5671 0.5112 -0.0735 0.0143  0.0195  351 GLU A OE1 
350 O OE2 . GLU A 42  ? 0.4433 0.5315 0.4929 -0.0702 0.0070  0.0153  351 GLU A OE2 
351 N N   . ASP A 43  ? 0.2473 0.2880 0.2793 -0.0296 0.0128  0.0020  352 ASP A N   
352 C CA  . ASP A 43  ? 0.2520 0.2923 0.2785 -0.0200 0.0131  0.0038  352 ASP A CA  
353 C C   . ASP A 43  ? 0.2369 0.2633 0.2591 -0.0173 0.0137  0.0004  352 ASP A C   
354 O O   . ASP A 43  ? 0.2595 0.2863 0.2757 -0.0122 0.0150  0.0022  352 ASP A O   
355 C CB  . ASP A 43  ? 0.2353 0.2741 0.2610 -0.0081 0.0084  0.0043  352 ASP A CB  
356 C CG  . ASP A 43  ? 0.2346 0.2884 0.2645 -0.0083 0.0078  0.0092  352 ASP A CG  
357 O OD1 . ASP A 43  ? 0.2225 0.2915 0.2529 -0.0118 0.0117  0.0143  352 ASP A OD1 
358 O OD2 . ASP A 43  ? 0.2284 0.2787 0.2612 -0.0051 0.0032  0.0086  352 ASP A OD2 
359 N N   . ILE A 44  ? 0.2452 0.2603 0.2708 -0.0207 0.0128  -0.0041 353 ILE A N   
360 C CA  . ILE A 44  ? 0.2482 0.2495 0.2715 -0.0161 0.0117  -0.0067 353 ILE A CA  
361 C C   . ILE A 44  ? 0.2704 0.2713 0.2885 -0.0196 0.0165  -0.0047 353 ILE A C   
362 O O   . ILE A 44  ? 0.2816 0.2753 0.2943 -0.0137 0.0154  -0.0042 353 ILE A O   
363 C CB  . ILE A 44  ? 0.2398 0.2316 0.2700 -0.0190 0.0101  -0.0114 353 ILE A CB  
364 C CG1 . ILE A 44  ? 0.2451 0.2240 0.2746 -0.0138 0.0084  -0.0132 353 ILE A CG1 
365 C CG2 . ILE A 44  ? 0.2302 0.2255 0.2643 -0.0310 0.0156  -0.0127 353 ILE A CG2 
366 C CD1 . ILE A 44  ? 0.2429 0.2138 0.2798 -0.0124 0.0044  -0.0169 353 ILE A CD1 
367 N N   . ALA A 45  ? 0.2770 0.2850 0.2953 -0.0301 0.0217  -0.0033 354 ALA A N   
368 C CA  . ALA A 45  ? 0.2907 0.2967 0.3032 -0.0350 0.0262  -0.0014 354 ALA A CA  
369 C C   . ALA A 45  ? 0.2897 0.3035 0.2950 -0.0300 0.0264  0.0034  354 ALA A C   
370 O O   . ALA A 45  ? 0.2974 0.3040 0.2969 -0.0273 0.0268  0.0043  354 ALA A O   
371 C CB  . ALA A 45  ? 0.2918 0.3038 0.3047 -0.0486 0.0315  -0.0011 354 ALA A CB  
372 N N   . ALA A 46  ? 0.2806 0.3099 0.2868 -0.0286 0.0264  0.0066  355 ALA A N   
373 C CA  . ALA A 46  ? 0.2770 0.3159 0.2774 -0.0231 0.0275  0.0110  355 ALA A CA  
374 C C   . ALA A 46  ? 0.2772 0.3065 0.2733 -0.0106 0.0237  0.0092  355 ALA A C   
375 O O   . ALA A 46  ? 0.2824 0.3132 0.2710 -0.0069 0.0251  0.0115  355 ALA A O   
376 C CB  . ALA A 46  ? 0.2756 0.3339 0.2799 -0.0232 0.0282  0.0152  355 ALA A CB  
377 N N   . LEU A 47  ? 0.2717 0.2910 0.2712 -0.0050 0.0188  0.0051  356 LEU A N   
378 C CA  . LEU A 47  ? 0.2628 0.2715 0.2570 0.0055  0.0146  0.0031  356 LEU A CA  
379 C C   . LEU A 47  ? 0.2932 0.2885 0.2834 0.0049  0.0138  0.0021  356 LEU A C   
380 O O   . LEU A 47  ? 0.2969 0.2866 0.2789 0.0114  0.0119  0.0025  356 LEU A O   
381 C CB  . LEU A 47  ? 0.2523 0.2545 0.2512 0.0103  0.0092  -0.0006 356 LEU A CB  
382 C CG  . LEU A 47  ? 0.2411 0.2535 0.2419 0.0148  0.0086  0.0008  356 LEU A CG  
383 C CD1 . LEU A 47  ? 0.2359 0.2429 0.2430 0.0144  0.0040  -0.0021 356 LEU A CD1 
384 C CD2 . LEU A 47  ? 0.2557 0.2664 0.2477 0.0259  0.0079  0.0009  356 LEU A CD2 
385 N N   . MET A 48  ? 0.2931 0.2826 0.2882 -0.0027 0.0151  0.0009  357 MET A N   
386 C CA  . MET A 48  ? 0.3262 0.3030 0.3183 -0.0032 0.0145  0.0009  357 MET A CA  
387 C C   . MET A 48  ? 0.3372 0.3175 0.3196 -0.0049 0.0179  0.0053  357 MET A C   
388 O O   . MET A 48  ? 0.3337 0.3054 0.3095 -0.0010 0.0157  0.0065  357 MET A O   
389 C CB  . MET A 48  ? 0.3531 0.3231 0.3528 -0.0107 0.0167  -0.0014 357 MET A CB  
390 C CG  . MET A 48  ? 0.3861 0.3419 0.3845 -0.0100 0.0157  -0.0011 357 MET A CG  
391 S SD  . MET A 48  ? 0.4058 0.3521 0.4134 -0.0172 0.0194  -0.0044 357 MET A SD  
392 C CE  . MET A 48  ? 0.3989 0.3540 0.4018 -0.0294 0.0272  -0.0028 357 MET A CE  
393 N N   . GLU A 49  ? 0.3507 0.3443 0.3322 -0.0114 0.0230  0.0082  358 GLU A N   
394 C CA  . GLU A 49  ? 0.3825 0.3817 0.3551 -0.0142 0.0265  0.0128  358 GLU A CA  
395 C C   . GLU A 49  ? 0.3652 0.3699 0.3305 -0.0050 0.0253  0.0143  358 GLU A C   
396 O O   . GLU A 49  ? 0.3825 0.3846 0.3386 -0.0041 0.0258  0.0170  358 GLU A O   
397 C CB  . GLU A 49  ? 0.4103 0.4241 0.3842 -0.0243 0.0319  0.0159  358 GLU A CB  
398 C CG  . GLU A 49  ? 0.4352 0.4432 0.4149 -0.0342 0.0337  0.0134  358 GLU A CG  
399 C CD  . GLU A 49  ? 0.4571 0.4524 0.4317 -0.0414 0.0363  0.0140  358 GLU A CD  
400 O OE1 . GLU A 49  ? 0.4845 0.4746 0.4618 -0.0502 0.0391  0.0119  358 GLU A OE1 
401 O OE2 . GLU A 49  ? 0.4890 0.4787 0.4560 -0.0382 0.0354  0.0167  358 GLU A OE2 
402 N N   . SER A 50  ? 0.3468 0.3588 0.3154 0.0019  0.0238  0.0128  359 SER A N   
403 C CA  . SER A 50  ? 0.3512 0.3649 0.3123 0.0119  0.0227  0.0127  359 SER A CA  
404 C C   . SER A 50  ? 0.3775 0.3735 0.3322 0.0170  0.0174  0.0103  359 SER A C   
405 O O   . SER A 50  ? 0.3890 0.3831 0.3331 0.0206  0.0175  0.0117  359 SER A O   
406 C CB  . SER A 50  ? 0.3456 0.3664 0.3119 0.0186  0.0215  0.0109  359 SER A CB  
407 O OG  . SER A 50  ? 0.3424 0.3819 0.3142 0.0147  0.0260  0.0145  359 SER A OG  
408 N N   . HIS A 51  ? 0.3897 0.3738 0.3510 0.0170  0.0127  0.0069  360 HIS A N   
409 C CA  . HIS A 51  ? 0.4133 0.3817 0.3702 0.0210  0.0070  0.0054  360 HIS A CA  
410 C C   . HIS A 51  ? 0.4582 0.4209 0.4090 0.0169  0.0080  0.0090  360 HIS A C   
411 O O   . HIS A 51  ? 0.4434 0.3990 0.3844 0.0207  0.0049  0.0101  360 HIS A O   
412 C CB  . HIS A 51  ? 0.4060 0.3654 0.3735 0.0202  0.0026  0.0019  360 HIS A CB  
413 C CG  . HIS A 51  ? 0.4078 0.3532 0.3735 0.0235  -0.0037 0.0012  360 HIS A CG  
414 N ND1 . HIS A 51  ? 0.4024 0.3400 0.3783 0.0217  -0.0070 -0.0005 360 HIS A ND1 
415 C CD2 . HIS A 51  ? 0.4199 0.3584 0.3748 0.0282  -0.0076 0.0023  360 HIS A CD2 
416 C CE1 . HIS A 51  ? 0.4085 0.3359 0.3811 0.0253  -0.0131 0.0002  360 HIS A CE1 
417 N NE2 . HIS A 51  ? 0.4184 0.3456 0.3775 0.0289  -0.0138 0.0019  360 HIS A NE2 
418 N N   . LYS A 52  ? 0.4930 0.4574 0.4482 0.0086  0.0119  0.0109  361 LYS A N   
419 C CA  . LYS A 52  ? 0.5405 0.4981 0.4893 0.0040  0.0129  0.0148  361 LYS A CA  
420 C C   . LYS A 52  ? 0.5582 0.5235 0.4942 0.0050  0.0153  0.0186  361 LYS A C   
421 O O   . LYS A 52  ? 0.5646 0.5216 0.4913 0.0063  0.0127  0.0210  361 LYS A O   
422 C CB  . LYS A 52  ? 0.5497 0.5076 0.5038 -0.0058 0.0177  0.0158  361 LYS A CB  
423 C CG  . LYS A 52  ? 0.5630 0.5117 0.5291 -0.0072 0.0163  0.0120  361 LYS A CG  
424 C CD  . LYS A 52  ? 0.5877 0.5278 0.5549 -0.0156 0.0200  0.0132  361 LYS A CD  
425 C CE  . LYS A 52  ? 0.5928 0.5438 0.5586 -0.0253 0.0265  0.0142  361 LYS A CE  
426 N NZ  . LYS A 52  ? 0.6156 0.5563 0.5845 -0.0337 0.0303  0.0130  361 LYS A NZ  
427 N N   . MET A 53  ? 0.5701 0.5521 0.5054 0.0043  0.0202  0.0194  362 MET A N   
428 C CA  . MET A 53  ? 0.6034 0.5954 0.5276 0.0050  0.0237  0.0231  362 MET A CA  
429 C C   . MET A 53  ? 0.5854 0.5721 0.5001 0.0144  0.0203  0.0213  362 MET A C   
430 O O   . MET A 53  ? 0.5869 0.5727 0.4897 0.0142  0.0209  0.0242  362 MET A O   
431 C CB  . MET A 53  ? 0.6425 0.6554 0.5705 0.0034  0.0296  0.0245  362 MET A CB  
432 C CG  . MET A 53  ? 0.6945 0.7213 0.6128 0.0043  0.0343  0.0284  362 MET A CG  
433 S SD  . MET A 53  ? 0.7625 0.8167 0.6879 0.0011  0.0411  0.0318  362 MET A SD  
434 C CE  . MET A 53  ? 0.7683 0.8205 0.7024 -0.0123 0.0415  0.0332  362 MET A CE  
435 N N   . VAL A 54  ? 0.5688 0.5510 0.4874 0.0218  0.0164  0.0166  363 VAL A N   
436 C CA  . VAL A 54  ? 0.5600 0.5346 0.4682 0.0299  0.0127  0.0142  363 VAL A CA  
437 C C   . VAL A 54  ? 0.5796 0.5391 0.4805 0.0281  0.0073  0.0160  363 VAL A C   
438 O O   . VAL A 54  ? 0.5925 0.5492 0.4797 0.0304  0.0065  0.0171  363 VAL A O   
439 C CB  . VAL A 54  ? 0.5292 0.4988 0.4436 0.0364  0.0087  0.0089  363 VAL A CB  
440 C CG1 . VAL A 54  ? 0.5305 0.4850 0.4352 0.0415  0.0019  0.0063  363 VAL A CG1 
441 C CG2 . VAL A 54  ? 0.5197 0.5026 0.4350 0.0417  0.0133  0.0074  363 VAL A CG2 
442 N N   . MET A 55  ? 0.5851 0.5351 0.4950 0.0240  0.0037  0.0166  364 MET A N   
443 C CA  . MET A 55  ? 0.6289 0.5646 0.5342 0.0228  -0.0020 0.0192  364 MET A CA  
444 C C   . MET A 55  ? 0.6632 0.5998 0.5590 0.0171  0.0008  0.0250  364 MET A C   
445 O O   . MET A 55  ? 0.6667 0.5927 0.5548 0.0166  -0.0039 0.0282  364 MET A O   
446 C CB  . MET A 55  ? 0.6399 0.5664 0.5592 0.0207  -0.0056 0.0185  364 MET A CB  
447 C CG  . MET A 55  ? 0.6536 0.5765 0.5808 0.0258  -0.0105 0.0136  364 MET A CG  
448 S SD  . MET A 55  ? 0.6578 0.5705 0.6011 0.0237  -0.0147 0.0134  364 MET A SD  
449 C CE  . MET A 55  ? 0.6440 0.5650 0.5982 0.0170  -0.0065 0.0121  364 MET A CE  
450 N N   . GLN A 56  ? 0.7001 0.6493 0.5959 0.0121  0.0081  0.0269  365 GLN A N   
451 C CA  . GLN A 56  ? 0.7246 0.6752 0.6106 0.0054  0.0109  0.0328  365 GLN A CA  
452 C C   . GLN A 56  ? 0.7010 0.6621 0.5727 0.0076  0.0142  0.0341  365 GLN A C   
453 O O   . GLN A 56  ? 0.6952 0.6520 0.5546 0.0047  0.0132  0.0384  365 GLN A O   
454 C CB  . GLN A 56  ? 0.7831 0.7414 0.6759 -0.0031 0.0168  0.0348  365 GLN A CB  
455 C CG  . GLN A 56  ? 0.8269 0.7760 0.7332 -0.0059 0.0155  0.0326  365 GLN A CG  
456 C CD  . GLN A 56  ? 0.8799 0.8368 0.7905 -0.0153 0.0217  0.0340  365 GLN A CD  
457 O OE1 . GLN A 56  ? 0.9322 0.8901 0.8351 -0.0229 0.0247  0.0388  365 GLN A OE1 
458 N NE2 . GLN A 56  ? 0.9044 0.8667 0.8266 -0.0158 0.0235  0.0301  365 GLN A NE2 
459 N N   . VAL A 57  ? 0.6670 0.6419 0.5403 0.0128  0.0184  0.0307  366 VAL A N   
460 C CA  . VAL A 57  ? 0.6677 0.6567 0.5298 0.0142  0.0241  0.0322  366 VAL A CA  
461 C C   . VAL A 57  ? 0.6851 0.6690 0.5364 0.0234  0.0219  0.0281  366 VAL A C   
462 O O   . VAL A 57  ? 0.6913 0.6661 0.5471 0.0295  0.0172  0.0232  366 VAL A O   
463 C CB  . VAL A 57  ? 0.6172 0.6267 0.4880 0.0140  0.0314  0.0322  366 VAL A CB  
464 C CG1 . VAL A 57  ? 0.5923 0.6056 0.4720 0.0035  0.0334  0.0359  366 VAL A CG1 
465 C CG2 . VAL A 57  ? 0.6006 0.6118 0.4807 0.0226  0.0305  0.0264  366 VAL A CG2 
466 N N   . PRO A 58  ? 0.7191 0.7082 0.5554 0.0238  0.0251  0.0298  367 PRO A N   
467 C CA  . PRO A 58  ? 0.7400 0.7240 0.5638 0.0321  0.0241  0.0251  367 PRO A CA  
468 C C   . PRO A 58  ? 0.7602 0.7552 0.5886 0.0412  0.0293  0.0198  367 PRO A C   
469 O O   . PRO A 58  ? 0.7730 0.7639 0.5901 0.0484  0.0299  0.0153  367 PRO A O   
470 C CB  . PRO A 58  ? 0.7513 0.7403 0.5578 0.0283  0.0277  0.0290  367 PRO A CB  
471 C CG  . PRO A 58  ? 0.7472 0.7423 0.5573 0.0178  0.0295  0.0362  367 PRO A CG  
472 C CD  . PRO A 58  ? 0.7235 0.7244 0.5525 0.0163  0.0307  0.0358  367 PRO A CD  
473 N N   . GLU A 59  ? 0.7705 0.7783 0.6145 0.0408  0.0330  0.0203  368 GLU A N   
474 C CA  . GLU A 59  ? 0.7868 0.8096 0.6356 0.0486  0.0394  0.0176  368 GLU A CA  
475 C C   . GLU A 59  ? 0.7319 0.7492 0.5938 0.0537  0.0358  0.0134  368 GLU A C   
476 O O   . GLU A 59  ? 0.7323 0.7400 0.6030 0.0491  0.0300  0.0135  368 GLU A O   
477 C CB  . GLU A 59  ? 0.8449 0.8911 0.7005 0.0436  0.0473  0.0231  368 GLU A CB  
478 C CG  . GLU A 59  ? 0.8988 0.9644 0.7607 0.0517  0.0545  0.0219  368 GLU A CG  
479 C CD  . GLU A 59  ? 0.9439 1.0326 0.8175 0.0449  0.0599  0.0281  368 GLU A CD  
480 O OE1 . GLU A 59  ? 0.9754 1.0809 0.8439 0.0426  0.0665  0.0321  368 GLU A OE1 
481 O OE2 . GLU A 59  ? 0.9716 1.0623 0.8592 0.0413  0.0576  0.0291  368 GLU A OE2 
482 N N   . LYS A 60  ? 0.6730 0.6963 0.5356 0.0633  0.0395  0.0096  369 LYS A N   
483 C CA  . LYS A 60  ? 0.6269 0.6499 0.5025 0.0681  0.0376  0.0067  369 LYS A CA  
484 C C   . LYS A 60  ? 0.5527 0.5898 0.4452 0.0610  0.0390  0.0113  369 LYS A C   
485 O O   . LYS A 60  ? 0.5531 0.6077 0.4481 0.0560  0.0447  0.0164  369 LYS A O   
486 C CB  . LYS A 60  ? 0.6530 0.6838 0.5264 0.0797  0.0434  0.0035  369 LYS A CB  
487 C CG  . LYS A 60  ? 0.6710 0.7090 0.5594 0.0845  0.0439  0.0030  369 LYS A CG  
488 C CD  . LYS A 60  ? 0.7053 0.7312 0.5860 0.0966  0.0435  -0.0034 369 LYS A CD  
489 C CE  . LYS A 60  ? 0.7053 0.7416 0.5984 0.1043  0.0464  -0.0033 369 LYS A CE  
490 N NZ  . LYS A 60  ? 0.7274 0.7470 0.6115 0.1157  0.0453  -0.0101 369 LYS A NZ  
491 N N   . VAL A 61  ? 0.4960 0.5253 0.3992 0.0600  0.0338  0.0094  370 VAL A N   
492 C CA  . VAL A 61  ? 0.4312 0.4719 0.3494 0.0531  0.0347  0.0128  370 VAL A CA  
493 C C   . VAL A 61  ? 0.3947 0.4350 0.3228 0.0589  0.0325  0.0100  370 VAL A C   
494 O O   . VAL A 61  ? 0.3923 0.4155 0.3189 0.0623  0.0265  0.0054  370 VAL A O   
495 C CB  . VAL A 61  ? 0.4068 0.4372 0.3284 0.0426  0.0304  0.0141  370 VAL A CB  
496 C CG1 . VAL A 61  ? 0.3781 0.4180 0.3139 0.0355  0.0313  0.0162  370 VAL A CG1 
497 C CG2 . VAL A 61  ? 0.4146 0.4456 0.3268 0.0361  0.0326  0.0180  370 VAL A CG2 
498 N N   . THR A 62  ? 0.3723 0.4317 0.3103 0.0595  0.0370  0.0133  371 THR A N   
499 C CA  . THR A 62  ? 0.3466 0.4077 0.2948 0.0643  0.0350  0.0121  371 THR A CA  
500 C C   . THR A 62  ? 0.3268 0.3919 0.2872 0.0537  0.0326  0.0146  371 THR A C   
501 O O   . THR A 62  ? 0.3154 0.3939 0.2795 0.0446  0.0359  0.0193  371 THR A O   
502 C CB  . THR A 62  ? 0.3529 0.4332 0.3050 0.0725  0.0411  0.0149  371 THR A CB  
503 O OG1 . THR A 62  ? 0.3672 0.4439 0.3068 0.0819  0.0446  0.0120  371 THR A OG1 
504 C CG2 . THR A 62  ? 0.3494 0.4293 0.3112 0.0786  0.0383  0.0139  371 THR A CG2 
505 N N   . THR A 63  ? 0.3107 0.3639 0.2760 0.0542  0.0269  0.0113  372 THR A N   
506 C CA  . THR A 63  ? 0.2841 0.3404 0.2603 0.0443  0.0250  0.0128  372 THR A CA  
507 C C   . THR A 63  ? 0.2871 0.3623 0.2737 0.0443  0.0272  0.0172  372 THR A C   
508 O O   . THR A 63  ? 0.2883 0.3721 0.2754 0.0539  0.0295  0.0185  372 THR A O   
509 C CB  . THR A 63  ? 0.2657 0.3034 0.2434 0.0443  0.0182  0.0078  372 THR A CB  
510 O OG1 . THR A 63  ? 0.2601 0.2946 0.2389 0.0534  0.0157  0.0059  372 THR A OG1 
511 C CG2 . THR A 63  ? 0.2601 0.2798 0.2283 0.0455  0.0150  0.0041  372 THR A CG2 
512 N N   . GLN A 64  ? 0.2780 0.3600 0.2729 0.0333  0.0268  0.0197  373 GLN A N   
513 C CA  . GLN A 64  ? 0.2774 0.3739 0.2828 0.0323  0.0265  0.0236  373 GLN A CA  
514 C C   . GLN A 64  ? 0.2649 0.3488 0.2724 0.0400  0.0212  0.0199  373 GLN A C   
515 O O   . GLN A 64  ? 0.2746 0.3388 0.2763 0.0431  0.0172  0.0142  373 GLN A O   
516 C CB  . GLN A 64  ? 0.2898 0.3930 0.3014 0.0173  0.0266  0.0261  373 GLN A CB  
517 C CG  . GLN A 64  ? 0.3067 0.3916 0.3188 0.0118  0.0222  0.0208  373 GLN A CG  
518 C CD  . GLN A 64  ? 0.3272 0.4165 0.3428 -0.0033 0.0237  0.0221  373 GLN A CD  
519 O OE1 . GLN A 64  ? 0.3322 0.4342 0.3472 -0.0109 0.0279  0.0263  373 GLN A OE1 
520 N NE2 . GLN A 64  ? 0.3309 0.4099 0.3502 -0.0081 0.0205  0.0184  373 GLN A NE2 
521 N N   . VAL A 65  ? 0.2402 0.3356 0.2558 0.0430  0.0205  0.0238  374 VAL A N   
522 C CA  . VAL A 65  ? 0.2254 0.3087 0.2435 0.0477  0.0147  0.0210  374 VAL A CA  
523 C C   . VAL A 65  ? 0.2156 0.2912 0.2370 0.0357  0.0109  0.0190  374 VAL A C   
524 O O   . VAL A 65  ? 0.2238 0.3116 0.2512 0.0245  0.0123  0.0227  374 VAL A O   
525 C CB  . VAL A 65  ? 0.2084 0.3061 0.2349 0.0536  0.0148  0.0267  374 VAL A CB  
526 C CG1 . VAL A 65  ? 0.2031 0.2864 0.2314 0.0572  0.0084  0.0243  374 VAL A CG1 
527 C CG2 . VAL A 65  ? 0.2117 0.3171 0.2355 0.0668  0.0198  0.0281  374 VAL A CG2 
528 N N   . TYR A 66  ? 0.2130 0.2682 0.2298 0.0375  0.0063  0.0131  375 TYR A N   
529 C CA  . TYR A 66  ? 0.2091 0.2564 0.2292 0.0271  0.0033  0.0103  375 TYR A CA  
530 C C   . TYR A 66  ? 0.2256 0.2607 0.2469 0.0300  -0.0031 0.0076  375 TYR A C   
531 O O   . TYR A 66  ? 0.2127 0.2413 0.2304 0.0406  -0.0055 0.0069  375 TYR A O   
532 C CB  . TYR A 66  ? 0.2208 0.2564 0.2350 0.0243  0.0040  0.0061  375 TYR A CB  
533 C CG  . TYR A 66  ? 0.2301 0.2490 0.2356 0.0341  0.0008  0.0017  375 TYR A CG  
534 C CD1 . TYR A 66  ? 0.2429 0.2622 0.2400 0.0421  0.0036  0.0019  375 TYR A CD1 
535 C CD2 . TYR A 66  ? 0.2312 0.2345 0.2362 0.0344  -0.0050 -0.0027 375 TYR A CD2 
536 C CE1 . TYR A 66  ? 0.2504 0.2541 0.2378 0.0498  0.0006  -0.0022 375 TYR A CE1 
537 C CE2 . TYR A 66  ? 0.2404 0.2286 0.2365 0.0419  -0.0085 -0.0065 375 TYR A CE2 
538 C CZ  . TYR A 66  ? 0.2513 0.2392 0.2382 0.0495  -0.0058 -0.0063 375 TYR A CZ  
539 O OH  . TYR A 66  ? 0.2632 0.2357 0.2396 0.0559  -0.0094 -0.0100 375 TYR A OH  
540 N N   . ARG A 67  ? 0.2207 0.2521 0.2465 0.0203  -0.0055 0.0060  376 ARG A N   
541 C CA  . ARG A 67  ? 0.2414 0.2619 0.2687 0.0205  -0.0117 0.0035  376 ARG A CA  
542 C C   . ARG A 67  ? 0.2539 0.2572 0.2768 0.0212  -0.0149 -0.0023 376 ARG A C   
543 O O   . ARG A 67  ? 0.2588 0.2610 0.2828 0.0151  -0.0126 -0.0043 376 ARG A O   
544 C CB  . ARG A 67  ? 0.2300 0.2589 0.2652 0.0088  -0.0125 0.0059  376 ARG A CB  
545 C CG  . ARG A 67  ? 0.2434 0.2847 0.2830 0.0102  -0.0135 0.0122  376 ARG A CG  
546 C CD  . ARG A 67  ? 0.2449 0.2977 0.2912 -0.0033 -0.0134 0.0155  376 ARG A CD  
547 N NE  . ARG A 67  ? 0.2666 0.3305 0.3174 -0.0015 -0.0157 0.0224  376 ARG A NE  
548 C CZ  . ARG A 67  ? 0.2644 0.3459 0.3187 0.0002  -0.0125 0.0287  376 ARG A CZ  
549 N NH1 . ARG A 67  ? 0.2564 0.3457 0.3089 -0.0006 -0.0067 0.0288  376 ARG A NH1 
550 N NH2 . ARG A 67  ? 0.2638 0.3553 0.3236 0.0026  -0.0153 0.0356  376 ARG A NH2 
551 N N   . PHE A 68  ? 0.2646 0.2544 0.2826 0.0286  -0.0202 -0.0048 377 PHE A N   
552 C CA  . PHE A 68  ? 0.2698 0.2438 0.2830 0.0298  -0.0245 -0.0098 377 PHE A CA  
553 C C   . PHE A 68  ? 0.2967 0.2634 0.3135 0.0254  -0.0305 -0.0112 377 PHE A C   
554 O O   . PHE A 68  ? 0.2998 0.2644 0.3156 0.0285  -0.0336 -0.0095 377 PHE A O   
555 C CB  . PHE A 68  ? 0.2647 0.2276 0.2665 0.0413  -0.0257 -0.0116 377 PHE A CB  
556 C CG  . PHE A 68  ? 0.2727 0.2206 0.2685 0.0422  -0.0303 -0.0159 377 PHE A CG  
557 C CD1 . PHE A 68  ? 0.2722 0.2190 0.2643 0.0426  -0.0280 -0.0168 377 PHE A CD1 
558 C CD2 . PHE A 68  ? 0.2730 0.2080 0.2665 0.0420  -0.0373 -0.0185 377 PHE A CD2 
559 C CE1 . PHE A 68  ? 0.2778 0.2119 0.2648 0.0433  -0.0329 -0.0197 377 PHE A CE1 
560 C CE2 . PHE A 68  ? 0.2844 0.2070 0.2727 0.0420  -0.0421 -0.0216 377 PHE A CE2 
561 C CZ  . PHE A 68  ? 0.2844 0.2070 0.2697 0.0428  -0.0400 -0.0221 377 PHE A CZ  
562 N N   . ARG A 69  ? 0.3168 0.2799 0.3376 0.0184  -0.0321 -0.0139 378 ARG A N   
563 C CA  . ARG A 69  ? 0.3360 0.2945 0.3610 0.0124  -0.0373 -0.0151 378 ARG A CA  
564 C C   . ARG A 69  ? 0.3539 0.2962 0.3709 0.0185  -0.0445 -0.0175 378 ARG A C   
565 O O   . ARG A 69  ? 0.3543 0.2880 0.3659 0.0223  -0.0462 -0.0201 378 ARG A O   
566 C CB  . ARG A 69  ? 0.3355 0.2970 0.3685 0.0033  -0.0357 -0.0175 378 ARG A CB  
567 C CG  . ARG A 69  ? 0.3404 0.2998 0.3785 -0.0039 -0.0402 -0.0186 378 ARG A CG  
568 C CD  . ARG A 69  ? 0.3421 0.3047 0.3888 -0.0115 -0.0377 -0.0214 378 ARG A CD  
569 N NE  . ARG A 69  ? 0.3552 0.3113 0.4007 -0.0064 -0.0381 -0.0234 378 ARG A NE  
570 C CZ  . ARG A 69  ? 0.3701 0.3165 0.4132 -0.0032 -0.0445 -0.0249 378 ARG A CZ  
571 N NH1 . ARG A 69  ? 0.3746 0.3157 0.4158 -0.0048 -0.0508 -0.0251 378 ARG A NH1 
572 N NH2 . ARG A 69  ? 0.3809 0.3226 0.4230 0.0009  -0.0450 -0.0259 378 ARG A NH2 
573 N N   . CYS A 70  ? 0.3710 0.3089 0.3864 0.0188  -0.0489 -0.0163 379 CYS A N   
574 C CA  . CYS A 70  ? 0.4058 0.3266 0.4122 0.0236  -0.0560 -0.0185 379 CYS A CA  
575 C C   . CYS A 70  ? 0.4335 0.3496 0.4437 0.0149  -0.0616 -0.0204 379 CYS A C   
576 O O   . CYS A 70  ? 0.3988 0.3251 0.4192 0.0060  -0.0594 -0.0202 379 CYS A O   
577 C CB  . CYS A 70  ? 0.4171 0.3333 0.4189 0.0289  -0.0581 -0.0158 379 CYS A CB  
578 S SG  . CYS A 70  ? 0.4243 0.3453 0.4212 0.0413  -0.0518 -0.0139 379 CYS A SG  
579 N N   . LYS A 71  ? 0.4968 0.3970 0.4983 0.0175  -0.0686 -0.0223 380 LYS A N   
580 C CA  . LYS A 71  ? 0.5492 0.4450 0.5535 0.0094  -0.0746 -0.0238 380 LYS A CA  
581 C C   . LYS A 71  ? 0.5510 0.4553 0.5645 -0.0003 -0.0751 -0.0216 380 LYS A C   
582 O O   . LYS A 71  ? 0.5696 0.4815 0.5923 -0.0090 -0.0749 -0.0224 380 LYS A O   
583 C CB  . LYS A 71  ? 0.5765 0.4529 0.5677 0.0129  -0.0826 -0.0257 380 LYS A CB  
584 C CG  . LYS A 71  ? 0.6009 0.4737 0.5925 0.0078  -0.0878 -0.0274 380 LYS A CG  
585 C CD  . LYS A 71  ? 0.6204 0.5011 0.6195 -0.0021 -0.0899 -0.0250 380 LYS A CD  
586 C CE  . LYS A 71  ? 0.6338 0.5164 0.6340 -0.0057 -0.0928 -0.0246 380 LYS A CE  
587 N NZ  . LYS A 71  ? 0.6479 0.5450 0.6622 -0.0095 -0.0883 -0.0248 380 LYS A NZ  
588 N N   . ASP A 72  ? 0.5638 0.4678 0.5751 0.0010  -0.0755 -0.0185 381 ASP A N   
589 C CA  . ASP A 72  ? 0.5712 0.4833 0.5898 -0.0087 -0.0763 -0.0157 381 ASP A CA  
590 C C   . ASP A 72  ? 0.5621 0.4932 0.5914 -0.0146 -0.0685 -0.0144 381 ASP A C   
591 O O   . ASP A 72  ? 0.5570 0.4965 0.5913 -0.0228 -0.0682 -0.0116 381 ASP A O   
592 C CB  . ASP A 72  ? 0.6234 0.5284 0.6361 -0.0048 -0.0799 -0.0119 381 ASP A CB  
593 C CG  . ASP A 72  ? 0.6589 0.5687 0.6701 0.0054  -0.0746 -0.0094 381 ASP A CG  
594 O OD1 . ASP A 72  ? 0.6683 0.5885 0.6831 0.0076  -0.0680 -0.0103 381 ASP A OD1 
595 O OD2 . ASP A 72  ? 0.6816 0.5847 0.6882 0.0112  -0.0772 -0.0063 381 ASP A OD2 
596 N N   . ASN A 73  ? 0.5445 0.4817 0.5762 -0.0114 -0.0625 -0.0162 382 ASN A N   
597 C CA  . ASN A 73  ? 0.5134 0.4659 0.5534 -0.0170 -0.0548 -0.0157 382 ASN A CA  
598 C C   . ASN A 73  ? 0.4684 0.4309 0.5091 -0.0169 -0.0514 -0.0112 382 ASN A C   
599 O O   . ASN A 73  ? 0.4542 0.4297 0.5007 -0.0242 -0.0457 -0.0102 382 ASN A O   
600 C CB  . ASN A 73  ? 0.5085 0.4678 0.5573 -0.0291 -0.0538 -0.0174 382 ASN A CB  
601 C CG  . ASN A 73  ? 0.5132 0.4683 0.5652 -0.0291 -0.0547 -0.0216 382 ASN A CG  
602 O OD1 . ASN A 73  ? 0.5071 0.4589 0.5571 -0.0221 -0.0529 -0.0230 382 ASN A OD1 
603 N ND2 . ASN A 73  ? 0.5220 0.4802 0.5759 -0.0349 -0.0544 -0.0217 382 ASN A ND2 
604 N N   . SER A 74  ? 0.4385 0.3952 0.4731 -0.0091 -0.0547 -0.0081 383 SER A N   
605 C CA  . SER A 74  ? 0.3966 0.3638 0.4322 -0.0056 -0.0510 -0.0034 383 SER A CA  
606 C C   . SER A 74  ? 0.3710 0.3391 0.4029 0.0040  -0.0461 -0.0045 383 SER A C   
607 O O   . SER A 74  ? 0.3674 0.3264 0.3950 0.0082  -0.0464 -0.0087 383 SER A O   
608 C CB  . SER A 74  ? 0.4013 0.3626 0.4335 -0.0005 -0.0563 0.0009  383 SER A CB  
609 O OG  . SER A 74  ? 0.4088 0.3529 0.4316 0.0106  -0.0600 -0.0018 383 SER A OG  
610 N N   . TYR A 75  ? 0.3431 0.3233 0.3769 0.0069  -0.0418 -0.0001 384 TYR A N   
611 C CA  . TYR A 75  ? 0.3219 0.3058 0.3527 0.0145  -0.0364 -0.0004 384 TYR A CA  
612 C C   . TYR A 75  ? 0.3311 0.3141 0.3578 0.0268  -0.0366 0.0026  384 TYR A C   
613 O O   . TYR A 75  ? 0.3305 0.3182 0.3605 0.0277  -0.0387 0.0074  384 TYR A O   
614 C CB  . TYR A 75  ? 0.3003 0.3016 0.3371 0.0068  -0.0297 0.0018  384 TYR A CB  
615 C CG  . TYR A 75  ? 0.2862 0.2872 0.3261 -0.0031 -0.0275 -0.0021 384 TYR A CG  
616 C CD1 . TYR A 75  ? 0.2831 0.2875 0.3284 -0.0147 -0.0285 -0.0024 384 TYR A CD1 
617 C CD2 . TYR A 75  ? 0.2841 0.2812 0.3214 -0.0007 -0.0241 -0.0055 384 TYR A CD2 
618 C CE1 . TYR A 75  ? 0.2833 0.2872 0.3319 -0.0228 -0.0254 -0.0065 384 TYR A CE1 
619 C CE2 . TYR A 75  ? 0.2808 0.2770 0.3220 -0.0086 -0.0218 -0.0089 384 TYR A CE2 
620 C CZ  . TYR A 75  ? 0.2820 0.2816 0.3290 -0.0192 -0.0221 -0.0097 384 TYR A CZ  
621 O OH  . TYR A 75  ? 0.2861 0.2846 0.3374 -0.0262 -0.0189 -0.0135 384 TYR A OH  
622 N N   . ILE A 76  ? 0.3300 0.3070 0.3496 0.0364  -0.0342 -0.0001 385 ILE A N   
623 C CA  . ILE A 76  ? 0.3414 0.3204 0.3574 0.0486  -0.0317 0.0022  385 ILE A CA  
624 C C   . ILE A 76  ? 0.3206 0.3137 0.3375 0.0495  -0.0243 0.0036  385 ILE A C   
625 O O   . ILE A 76  ? 0.3047 0.2992 0.3216 0.0430  -0.0221 0.0012  385 ILE A O   
626 C CB  . ILE A 76  ? 0.3786 0.3369 0.3827 0.0594  -0.0349 -0.0025 385 ILE A CB  
627 C CG1 . ILE A 76  ? 0.3913 0.3402 0.3884 0.0580  -0.0350 -0.0080 385 ILE A CG1 
628 C CG2 . ILE A 76  ? 0.3920 0.3358 0.3941 0.0589  -0.0424 -0.0029 385 ILE A CG2 
629 C CD1 . ILE A 76  ? 0.4167 0.3465 0.4002 0.0676  -0.0376 -0.0127 385 ILE A CD1 
630 N N   . GLN A 77  ? 0.3124 0.3161 0.3306 0.0575  -0.0205 0.0076  386 GLN A N   
631 C CA  . GLN A 77  ? 0.2876 0.3067 0.3068 0.0582  -0.0133 0.0098  386 GLN A CA  
632 C C   . GLN A 77  ? 0.2973 0.3067 0.3055 0.0693  -0.0109 0.0057  386 GLN A C   
633 O O   . GLN A 77  ? 0.2888 0.2912 0.2924 0.0809  -0.0111 0.0049  386 GLN A O   
634 C CB  . GLN A 77  ? 0.2750 0.3152 0.3032 0.0596  -0.0103 0.0175  386 GLN A CB  
635 C CG  . GLN A 77  ? 0.2468 0.3007 0.2844 0.0457  -0.0113 0.0220  386 GLN A CG  
636 C CD  . GLN A 77  ? 0.2414 0.3184 0.2881 0.0460  -0.0084 0.0305  386 GLN A CD  
637 O OE1 . GLN A 77  ? 0.2257 0.3194 0.2767 0.0359  -0.0050 0.0342  386 GLN A OE1 
638 N NE2 . GLN A 77  ? 0.2441 0.3221 0.2933 0.0574  -0.0099 0.0340  386 GLN A NE2 
639 N N   . LEU A 78  ? 0.2813 0.2894 0.2849 0.0655  -0.0084 0.0030  387 LEU A N   
640 C CA  . LEU A 78  ? 0.3045 0.3054 0.2970 0.0737  -0.0056 -0.0004 387 LEU A CA  
641 C C   . LEU A 78  ? 0.3139 0.3327 0.3078 0.0725  0.0017  0.0033  387 LEU A C   
642 O O   . LEU A 78  ? 0.3089 0.3426 0.3111 0.0631  0.0039  0.0073  387 LEU A O   
643 C CB  . LEU A 78  ? 0.3006 0.2837 0.2851 0.0705  -0.0097 -0.0059 387 LEU A CB  
644 C CG  . LEU A 78  ? 0.3079 0.2720 0.2891 0.0706  -0.0174 -0.0100 387 LEU A CG  
645 C CD1 . LEU A 78  ? 0.2998 0.2502 0.2732 0.0682  -0.0206 -0.0143 387 LEU A CD1 
646 C CD2 . LEU A 78  ? 0.3297 0.2835 0.3038 0.0818  -0.0189 -0.0114 387 LEU A CD2 
647 N N   . GLN A 79  ? 0.3397 0.3565 0.3243 0.0816  0.0054  0.0016  388 GLN A N   
648 C CA  . GLN A 79  ? 0.3488 0.3768 0.3302 0.0795  0.0114  0.0034  388 GLN A CA  
649 C C   . GLN A 79  ? 0.3610 0.3727 0.3279 0.0845  0.0108  -0.0019 388 GLN A C   
650 O O   . GLN A 79  ? 0.3764 0.3773 0.3347 0.0947  0.0104  -0.0054 388 GLN A O   
651 C CB  . GLN A 79  ? 0.3597 0.4089 0.3459 0.0853  0.0181  0.0086  388 GLN A CB  
652 C CG  . GLN A 79  ? 0.3674 0.4306 0.3514 0.0805  0.0241  0.0115  388 GLN A CG  
653 C CD  . GLN A 79  ? 0.3770 0.4653 0.3684 0.0839  0.0306  0.0178  388 GLN A CD  
654 O OE1 . GLN A 79  ? 0.3892 0.4811 0.3818 0.0957  0.0328  0.0183  388 GLN A OE1 
655 N NE2 . GLN A 79  ? 0.3737 0.4792 0.3699 0.0735  0.0338  0.0230  388 GLN A NE2 
656 N N   . SER A 80  ? 0.3620 0.3708 0.3255 0.0769  0.0105  -0.0024 389 SER A N   
657 C CA  . SER A 80  ? 0.3797 0.3730 0.3295 0.0796  0.0086  -0.0066 389 SER A CA  
658 C C   . SER A 80  ? 0.4059 0.4087 0.3487 0.0801  0.0150  -0.0045 389 SER A C   
659 O O   . SER A 80  ? 0.3904 0.4092 0.3395 0.0736  0.0191  0.0003  389 SER A O   
660 C CB  . SER A 80  ? 0.3805 0.3612 0.3314 0.0713  0.0026  -0.0085 389 SER A CB  
661 O OG  . SER A 80  ? 0.3846 0.3560 0.3406 0.0707  -0.0033 -0.0108 389 SER A OG  
662 N N   . GLU A 81  ? 0.4293 0.4221 0.3578 0.0873  0.0156  -0.0079 390 GLU A N   
663 C CA  . GLU A 81  ? 0.4657 0.4647 0.3847 0.0875  0.0208  -0.0065 390 GLU A CA  
664 C C   . GLU A 81  ? 0.4418 0.4234 0.3496 0.0837  0.0155  -0.0090 390 GLU A C   
665 O O   . GLU A 81  ? 0.4581 0.4224 0.3559 0.0883  0.0109  -0.0138 390 GLU A O   
666 C CB  . GLU A 81  ? 0.5194 0.5227 0.4303 0.0990  0.0269  -0.0081 390 GLU A CB  
667 C CG  . GLU A 81  ? 0.5517 0.5769 0.4758 0.1025  0.0328  -0.0037 390 GLU A CG  
668 C CD  . GLU A 81  ? 0.6130 0.6405 0.5321 0.1162  0.0383  -0.0061 390 GLU A CD  
669 O OE1 . GLU A 81  ? 0.6452 0.6595 0.5483 0.1220  0.0394  -0.0111 390 GLU A OE1 
670 O OE2 . GLU A 81  ? 0.6440 0.6869 0.5753 0.1209  0.0417  -0.0025 390 GLU A OE2 
671 N N   . TRP A 82  ? 0.4158 0.4014 0.3252 0.0749  0.0157  -0.0054 391 TRP A N   
672 C CA  . TRP A 82  ? 0.3954 0.3662 0.2989 0.0700  0.0097  -0.0063 391 TRP A CA  
673 C C   . TRP A 82  ? 0.4074 0.3794 0.2979 0.0686  0.0126  -0.0042 391 TRP A C   
674 O O   . TRP A 82  ? 0.3723 0.3593 0.2637 0.0660  0.0190  -0.0001 391 TRP A O   
675 C CB  . TRP A 82  ? 0.3707 0.3425 0.2872 0.0605  0.0070  -0.0036 391 TRP A CB  
676 C CG  . TRP A 82  ? 0.3450 0.3114 0.2726 0.0597  0.0023  -0.0060 391 TRP A CG  
677 C CD1 . TRP A 82  ? 0.3431 0.2993 0.2685 0.0654  -0.0023 -0.0102 391 TRP A CD1 
678 C CD2 . TRP A 82  ? 0.3254 0.2960 0.2671 0.0519  0.0017  -0.0044 391 TRP A CD2 
679 N NE1 . TRP A 82  ? 0.3263 0.2813 0.2641 0.0614  -0.0058 -0.0109 391 TRP A NE1 
680 C CE2 . TRP A 82  ? 0.3204 0.2844 0.2682 0.0533  -0.0032 -0.0076 391 TRP A CE2 
681 C CE3 . TRP A 82  ? 0.3186 0.2969 0.2668 0.0434  0.0050  -0.0009 391 TRP A CE3 
682 C CZ2 . TRP A 82  ? 0.3101 0.2762 0.2708 0.0466  -0.0044 -0.0074 391 TRP A CZ2 
683 C CZ3 . TRP A 82  ? 0.3092 0.2884 0.2696 0.0371  0.0040  -0.0012 391 TRP A CZ3 
684 C CH2 . TRP A 82  ? 0.3098 0.2836 0.2766 0.0387  -0.0005 -0.0045 391 TRP A CH2 
685 N N   . ARG A 83  ? 0.4382 0.3943 0.3161 0.0694  0.0073  -0.0064 392 ARG A N   
686 C CA  . ARG A 83  ? 0.4826 0.4379 0.3476 0.0665  0.0086  -0.0038 392 ARG A CA  
687 C C   . ARG A 83  ? 0.4336 0.3715 0.2928 0.0631  -0.0003 -0.0040 392 ARG A C   
688 O O   . ARG A 83  ? 0.4419 0.3669 0.2971 0.0665  -0.0062 -0.0081 392 ARG A O   
689 C CB  . ARG A 83  ? 0.5586 0.5167 0.4080 0.0736  0.0142  -0.0062 392 ARG A CB  
690 C CG  . ARG A 83  ? 0.6509 0.6076 0.4850 0.0699  0.0152  -0.0036 392 ARG A CG  
691 C CD  . ARG A 83  ? 0.7520 0.7081 0.5686 0.0771  0.0202  -0.0075 392 ARG A CD  
692 N NE  . ARG A 83  ? 0.8197 0.7957 0.6400 0.0813  0.0306  -0.0064 392 ARG A NE  
693 C CZ  . ARG A 83  ? 0.8991 0.8883 0.7127 0.0786  0.0372  -0.0028 392 ARG A CZ  
694 N NH1 . ARG A 83  ? 0.9899 0.9730 0.7919 0.0713  0.0342  0.0003  392 ARG A NH1 
695 N NH2 . ARG A 83  ? 0.9204 0.9297 0.7394 0.0827  0.0465  -0.0015 392 ARG A NH2 
696 N N   . ALA A 84  ? 0.4046 0.3425 0.2639 0.0562  -0.0015 0.0010  393 ALA A N   
697 C CA  . ALA A 84  ? 0.3952 0.3186 0.2516 0.0526  -0.0101 0.0024  393 ALA A CA  
698 C C   . ALA A 84  ? 0.4188 0.3369 0.2560 0.0518  -0.0112 0.0043  393 ALA A C   
699 O O   . ALA A 84  ? 0.4168 0.3444 0.2460 0.0510  -0.0045 0.0064  393 ALA A O   
700 C CB  . ALA A 84  ? 0.3852 0.3099 0.2557 0.0457  -0.0114 0.0070  393 ALA A CB  
701 N N   . PHE A 85  ? 0.4367 0.3407 0.2667 0.0515  -0.0197 0.0038  394 PHE A N   
702 C CA  . PHE A 85  ? 0.4828 0.3797 0.2937 0.0495  -0.0226 0.0061  394 PHE A CA  
703 C C   . PHE A 85  ? 0.5070 0.3950 0.3221 0.0440  -0.0315 0.0116  394 PHE A C   
704 O O   . PHE A 85  ? 0.4942 0.3750 0.3190 0.0442  -0.0388 0.0107  394 PHE A O   
705 C CB  . PHE A 85  ? 0.4906 0.3782 0.2851 0.0544  -0.0249 0.0001  394 PHE A CB  
706 C CG  . PHE A 85  ? 0.4988 0.3929 0.2916 0.0616  -0.0168 -0.0059 394 PHE A CG  
707 C CD1 . PHE A 85  ? 0.5101 0.4157 0.2946 0.0638  -0.0071 -0.0059 394 PHE A CD1 
708 C CD2 . PHE A 85  ? 0.4901 0.3794 0.2903 0.0663  -0.0188 -0.0111 394 PHE A CD2 
709 C CE1 . PHE A 85  ? 0.5110 0.4237 0.2958 0.0714  0.0007  -0.0108 394 PHE A CE1 
710 C CE2 . PHE A 85  ? 0.4942 0.3891 0.2938 0.0735  -0.0115 -0.0159 394 PHE A CE2 
711 C CZ  . PHE A 85  ? 0.5014 0.4080 0.2938 0.0766  -0.0018 -0.0157 394 PHE A CZ  
712 N N   . LYS A 86  ? 0.5559 0.4450 0.3642 0.0390  -0.0310 0.0177  395 LYS A N   
713 C CA  . LYS A 86  ? 0.5864 0.4675 0.3997 0.0341  -0.0387 0.0244  395 LYS A CA  
714 C C   . LYS A 86  ? 0.6197 0.4912 0.4138 0.0320  -0.0459 0.0272  395 LYS A C   
715 O O   . LYS A 86  ? 0.6365 0.5103 0.4121 0.0311  -0.0419 0.0270  395 LYS A O   
716 C CB  . LYS A 86  ? 0.5895 0.4765 0.4089 0.0290  -0.0340 0.0303  395 LYS A CB  
717 C CG  . LYS A 86  ? 0.5721 0.4668 0.4108 0.0291  -0.0284 0.0286  395 LYS A CG  
718 C CD  . LYS A 86  ? 0.5826 0.4815 0.4243 0.0228  -0.0237 0.0344  395 LYS A CD  
719 C CE  . LYS A 86  ? 0.5781 0.4836 0.4373 0.0217  -0.0182 0.0326  395 LYS A CE  
720 N NZ  . LYS A 86  ? 0.5886 0.4962 0.4484 0.0145  -0.0138 0.0379  395 LYS A NZ  
721 N N   . ASN A 87  ? 0.6381 0.5000 0.4370 0.0309  -0.0563 0.0298  396 ASN A N   
722 C CA  . ASN A 87  ? 0.6811 0.5340 0.4645 0.0273  -0.0650 0.0346  396 ASN A CA  
723 C C   . ASN A 87  ? 0.6860 0.5406 0.4611 0.0220  -0.0629 0.0421  396 ASN A C   
724 O O   . ASN A 87  ? 0.6717 0.5268 0.4608 0.0199  -0.0629 0.0476  396 ASN A O   
725 C CB  . ASN A 87  ? 0.7167 0.5624 0.5136 0.0267  -0.0763 0.0382  396 ASN A CB  
726 C CG  . ASN A 87  ? 0.7716 0.6082 0.5535 0.0228  -0.0871 0.0436  396 ASN A CG  
727 O OD1 . ASN A 87  ? 0.7894 0.6217 0.5815 0.0220  -0.0970 0.0476  396 ASN A OD1 
728 N ND2 . ASN A 87  ? 0.8199 0.6550 0.5781 0.0199  -0.0853 0.0441  396 ASN A ND2 
729 N N   . PRO A 88  ? 0.6977 0.5524 0.4498 0.0196  -0.0606 0.0423  397 PRO A N   
730 C CA  . PRO A 88  ? 0.7097 0.5664 0.4533 0.0136  -0.0586 0.0499  397 PRO A CA  
731 C C   . PRO A 88  ? 0.7156 0.5628 0.4615 0.0088  -0.0694 0.0596  397 PRO A C   
732 O O   . PRO A 88  ? 0.7397 0.5870 0.4837 0.0039  -0.0683 0.0670  397 PRO A O   
733 C CB  . PRO A 88  ? 0.7213 0.5798 0.4383 0.0123  -0.0545 0.0470  397 PRO A CB  
734 C CG  . PRO A 88  ? 0.7272 0.5779 0.4365 0.0159  -0.0598 0.0405  397 PRO A CG  
735 C CD  . PRO A 88  ? 0.7112 0.5636 0.4434 0.0218  -0.0593 0.0355  397 PRO A CD  
736 N N   . ALA A 89  ? 0.7091 0.5482 0.4594 0.0101  -0.0800 0.0606  398 ALA A N   
737 C CA  . ALA A 89  ? 0.7199 0.5511 0.4740 0.0064  -0.0910 0.0707  398 ALA A CA  
738 C C   . ALA A 89  ? 0.7209 0.5511 0.5024 0.0090  -0.0927 0.0740  398 ALA A C   
739 O O   . ALA A 89  ? 0.7507 0.5754 0.5379 0.0064  -0.0983 0.0832  398 ALA A O   
740 C CB  . ALA A 89  ? 0.7435 0.5676 0.4880 0.0054  -0.1024 0.0713  398 ALA A CB  
741 N N   . THR A 90  ? 0.6986 0.5337 0.4971 0.0140  -0.0877 0.0667  399 THR A N   
742 C CA  . THR A 90  ? 0.6748 0.5094 0.4988 0.0166  -0.0883 0.0684  399 THR A CA  
743 C C   . THR A 90  ? 0.6425 0.4837 0.4767 0.0176  -0.0765 0.0640  399 THR A C   
744 O O   . THR A 90  ? 0.6457 0.4853 0.4985 0.0184  -0.0755 0.0659  399 THR A O   
745 C CB  . THR A 90  ? 0.6273 0.4614 0.4651 0.0209  -0.0945 0.0647  399 THR A CB  
746 O OG1 . THR A 90  ? 0.6196 0.4593 0.4550 0.0238  -0.0884 0.0547  399 THR A OG1 
747 C CG2 . THR A 90  ? 0.6179 0.4461 0.4452 0.0188  -0.1069 0.0695  399 THR A CG2 
748 N N   . SER A 91  ? 0.6398 0.4888 0.4627 0.0174  -0.0677 0.0583  400 SER A N   
749 C CA  . SER A 91  ? 0.6344 0.4922 0.4648 0.0175  -0.0566 0.0541  400 SER A CA  
750 C C   . SER A 91  ? 0.6477 0.5097 0.4961 0.0221  -0.0544 0.0472  400 SER A C   
751 O O   . SER A 91  ? 0.6151 0.4844 0.4712 0.0219  -0.0460 0.0440  400 SER A O   
752 C CB  . SER A 91  ? 0.6489 0.5046 0.4855 0.0129  -0.0534 0.0604  400 SER A CB  
753 O OG  . SER A 91  ? 0.6496 0.4999 0.5069 0.0147  -0.0560 0.0613  400 SER A OG  
754 N N   . GLU A 92  ? 0.6775 0.5352 0.5323 0.0255  -0.0619 0.0451  401 GLU A N   
755 C CA  . GLU A 92  ? 0.6764 0.5377 0.5476 0.0291  -0.0603 0.0388  401 GLU A CA  
756 C C   . GLU A 92  ? 0.6016 0.4676 0.4635 0.0322  -0.0571 0.0313  401 GLU A C   
757 O O   . GLU A 92  ? 0.6041 0.4675 0.4477 0.0326  -0.0594 0.0303  401 GLU A O   
758 C CB  . GLU A 92  ? 0.7338 0.5891 0.6184 0.0307  -0.0699 0.0409  401 GLU A CB  
759 C CG  . GLU A 92  ? 0.7767 0.6358 0.6785 0.0337  -0.0690 0.0348  401 GLU A CG  
760 C CD  . GLU A 92  ? 0.8361 0.7022 0.7494 0.0333  -0.0590 0.0310  401 GLU A CD  
761 O OE1 . GLU A 92  ? 0.8867 0.7577 0.8071 0.0352  -0.0566 0.0249  401 GLU A OE1 
762 O OE2 . GLU A 92  ? 0.8680 0.7344 0.7829 0.0305  -0.0537 0.0343  401 GLU A OE2 
763 N N   . ILE A 93  ? 0.5353 0.4077 0.4094 0.0343  -0.0517 0.0259  402 ILE A N   
764 C CA  . ILE A 93  ? 0.4872 0.3643 0.3551 0.0380  -0.0478 0.0190  402 ILE A CA  
765 C C   . ILE A 93  ? 0.4898 0.3592 0.3542 0.0405  -0.0562 0.0158  402 ILE A C   
766 O O   . ILE A 93  ? 0.4666 0.3334 0.3452 0.0405  -0.0616 0.0157  402 ILE A O   
767 C CB  . ILE A 93  ? 0.4574 0.3433 0.3403 0.0387  -0.0406 0.0153  402 ILE A CB  
768 C CG1 . ILE A 93  ? 0.4294 0.3236 0.3125 0.0352  -0.0322 0.0183  402 ILE A CG1 
769 C CG2 . ILE A 93  ? 0.4498 0.3389 0.3289 0.0433  -0.0383 0.0087  402 ILE A CG2 
770 C CD1 . ILE A 93  ? 0.4078 0.3087 0.3075 0.0333  -0.0268 0.0169  402 ILE A CD1 
771 N N   . ASP A 94  ? 0.5120 0.3776 0.3568 0.0421  -0.0569 0.0131  403 ASP A N   
772 C CA  . ASP A 94  ? 0.5439 0.4010 0.3822 0.0438  -0.0641 0.0092  403 ASP A CA  
773 C C   . ASP A 94  ? 0.4871 0.3469 0.3349 0.0474  -0.0613 0.0028  403 ASP A C   
774 O O   . ASP A 94  ? 0.4791 0.3352 0.3363 0.0471  -0.0677 0.0015  403 ASP A O   
775 C CB  . ASP A 94  ? 0.6167 0.4679 0.4295 0.0443  -0.0644 0.0073  403 ASP A CB  
776 C CG  . ASP A 94  ? 0.6835 0.5231 0.4861 0.0437  -0.0739 0.0047  403 ASP A CG  
777 O OD1 . ASP A 94  ? 0.6727 0.5103 0.4877 0.0442  -0.0787 0.0028  403 ASP A OD1 
778 O OD2 . ASP A 94  ? 0.7662 0.5985 0.5471 0.0421  -0.0765 0.0045  403 ASP A OD2 
779 N N   . TYR A 95  ? 0.4489 0.3161 0.2950 0.0507  -0.0519 -0.0008 404 TYR A N   
780 C CA  . TYR A 95  ? 0.4174 0.2880 0.2736 0.0540  -0.0489 -0.0058 404 TYR A CA  
781 C C   . TYR A 95  ? 0.4109 0.2940 0.2698 0.0562  -0.0381 -0.0063 404 TYR A C   
782 O O   . TYR A 95  ? 0.4114 0.2994 0.2612 0.0556  -0.0329 -0.0039 404 TYR A O   
783 C CB  . TYR A 95  ? 0.4181 0.2785 0.2618 0.0575  -0.0526 -0.0116 404 TYR A CB  
784 C CG  . TYR A 95  ? 0.4300 0.2865 0.2513 0.0609  -0.0487 -0.0145 404 TYR A CG  
785 C CD1 . TYR A 95  ? 0.4299 0.2914 0.2475 0.0669  -0.0400 -0.0188 404 TYR A CD1 
786 C CD2 . TYR A 95  ? 0.4492 0.2974 0.2530 0.0583  -0.0534 -0.0128 404 TYR A CD2 
787 C CE1 . TYR A 95  ? 0.4464 0.3045 0.2438 0.0708  -0.0353 -0.0219 404 TYR A CE1 
788 C CE2 . TYR A 95  ? 0.4635 0.3078 0.2454 0.0611  -0.0489 -0.0161 404 TYR A CE2 
789 C CZ  . TYR A 95  ? 0.4629 0.3121 0.2419 0.0677  -0.0395 -0.0209 404 TYR A CZ  
790 O OH  . TYR A 95  ? 0.4787 0.3245 0.2365 0.0712  -0.0341 -0.0247 404 TYR A OH  
791 N N   . ILE A 96  ? 0.3991 0.2879 0.2706 0.0579  -0.0350 -0.0090 405 ILE A N   
792 C CA  . ILE A 96  ? 0.3853 0.2866 0.2601 0.0604  -0.0257 -0.0098 405 ILE A CA  
793 C C   . ILE A 96  ? 0.3844 0.2821 0.2534 0.0671  -0.0248 -0.0153 405 ILE A C   
794 O O   . ILE A 96  ? 0.3797 0.2711 0.2548 0.0674  -0.0299 -0.0180 405 ILE A O   
795 C CB  . ILE A 96  ? 0.3614 0.2728 0.2558 0.0563  -0.0228 -0.0076 405 ILE A CB  
796 C CG1 . ILE A 96  ? 0.3636 0.2761 0.2627 0.0502  -0.0230 -0.0025 405 ILE A CG1 
797 C CG2 . ILE A 96  ? 0.3476 0.2730 0.2454 0.0585  -0.0141 -0.0079 405 ILE A CG2 
798 C CD1 . ILE A 96  ? 0.3494 0.2687 0.2664 0.0454  -0.0205 -0.0011 405 ILE A CD1 
799 N N   . ILE A 97  ? 0.3813 0.2829 0.2385 0.0722  -0.0185 -0.0169 406 ILE A N   
800 C CA  . ILE A 97  ? 0.4103 0.3084 0.2626 0.0798  -0.0164 -0.0220 406 ILE A CA  
801 C C   . ILE A 97  ? 0.3695 0.2819 0.2380 0.0812  -0.0110 -0.0209 406 ILE A C   
802 O O   . ILE A 97  ? 0.3699 0.2975 0.2462 0.0786  -0.0050 -0.0168 406 ILE A O   
803 C CB  . ILE A 97  ? 0.4160 0.3120 0.2487 0.0855  -0.0111 -0.0247 406 ILE A CB  
804 C CG1 . ILE A 97  ? 0.4348 0.3234 0.2614 0.0943  -0.0092 -0.0307 406 ILE A CG1 
805 C CG2 . ILE A 97  ? 0.4246 0.3386 0.2591 0.0856  -0.0018 -0.0209 406 ILE A CG2 
806 C CD1 . ILE A 97  ? 0.4427 0.3117 0.2636 0.0936  -0.0185 -0.0348 406 ILE A CD1 
807 N N   . ALA A 98  ? 0.3867 0.2937 0.2601 0.0845  -0.0134 -0.0241 407 ALA A N   
808 C CA  . ALA A 98  ? 0.3615 0.2809 0.2505 0.0853  -0.0098 -0.0225 407 ALA A CA  
809 C C   . ALA A 98  ? 0.4150 0.3306 0.2992 0.0945  -0.0076 -0.0261 407 ALA A C   
810 O O   . ALA A 98  ? 0.4037 0.3025 0.2803 0.0971  -0.0132 -0.0304 407 ALA A O   
811 C CB  . ALA A 98  ? 0.3413 0.2591 0.2449 0.0784  -0.0158 -0.0216 407 ALA A CB  
812 N N   . LYS A 99  ? 0.4373 0.3682 0.3259 0.0994  0.0004  -0.0241 408 LYS A N   
813 C CA  . LYS A 99  ? 0.4887 0.4192 0.3777 0.1088  0.0033  -0.0261 408 LYS A CA  
814 C C   . LYS A 99  ? 0.4275 0.3705 0.3356 0.1056  0.0028  -0.0222 408 LYS A C   
815 O O   . LYS A 99  ? 0.4004 0.3630 0.3192 0.1021  0.0078  -0.0171 408 LYS A O   
816 C CB  . LYS A 99  ? 0.5613 0.5025 0.4438 0.1172  0.0127  -0.0260 408 LYS A CB  
817 C CG  . LYS A 99  ? 0.6359 0.5807 0.5231 0.1277  0.0167  -0.0267 408 LYS A CG  
818 C CD  . LYS A 99  ? 0.7447 0.7027 0.6274 0.1366  0.0270  -0.0262 408 LYS A CD  
819 C CE  . LYS A 99  ? 0.8057 0.7666 0.6942 0.1483  0.0309  -0.0265 408 LYS A CE  
820 N NZ  . LYS A 99  ? 0.8562 0.8451 0.7572 0.1521  0.0397  -0.0206 408 LYS A NZ  
821 N N   . ASN A 100 ? 0.4027 0.3343 0.3142 0.1058  -0.0032 -0.0241 409 ASN A N   
822 C CA  . ASN A 100 ? 0.3781 0.3190 0.3062 0.1007  -0.0051 -0.0205 409 ASN A CA  
823 C C   . ASN A 100 ? 0.3706 0.3137 0.3024 0.1096  -0.0030 -0.0199 409 ASN A C   
824 O O   . ASN A 100 ? 0.3948 0.3209 0.3202 0.1144  -0.0075 -0.0236 409 ASN A O   
825 C CB  . ASN A 100 ? 0.3430 0.2708 0.2736 0.0930  -0.0138 -0.0225 409 ASN A CB  
826 C CG  . ASN A 100 ? 0.3308 0.2555 0.2586 0.0858  -0.0161 -0.0227 409 ASN A CG  
827 O OD1 . ASN A 100 ? 0.3079 0.2452 0.2446 0.0791  -0.0134 -0.0192 409 ASN A OD1 
828 N ND2 . ASN A 100 ? 0.3350 0.2423 0.2505 0.0866  -0.0215 -0.0267 409 ASN A ND2 
829 N N   . SER A 101 ? 0.3704 0.3347 0.3123 0.1114  0.0033  -0.0148 410 SER A N   
830 C CA  . SER A 101 ? 0.3871 0.3570 0.3353 0.1201  0.0054  -0.0125 410 SER A CA  
831 C C   . SER A 101 ? 0.3993 0.3714 0.3604 0.1135  -0.0001 -0.0092 410 SER A C   
832 O O   . SER A 101 ? 0.3749 0.3554 0.3445 0.1020  -0.0020 -0.0067 410 SER A O   
833 C CB  . SER A 101 ? 0.3976 0.3917 0.3526 0.1246  0.0143  -0.0075 410 SER A CB  
834 O OG  . SER A 101 ? 0.4199 0.4117 0.3620 0.1317  0.0200  -0.0108 410 SER A OG  
835 N N   . VAL A 102 ? 0.4179 0.3818 0.3799 0.1208  -0.0026 -0.0094 411 VAL A N   
836 C CA  . VAL A 102 ? 0.4284 0.3908 0.4000 0.1149  -0.0089 -0.0066 411 VAL A CA  
837 C C   . VAL A 102 ? 0.4271 0.4071 0.4113 0.1199  -0.0059 0.0003  411 VAL A C   
838 O O   . VAL A 102 ? 0.4495 0.4322 0.4321 0.1325  -0.0010 0.0008  411 VAL A O   
839 C CB  . VAL A 102 ? 0.4261 0.3616 0.3876 0.1175  -0.0161 -0.0119 411 VAL A CB  
840 C CG1 . VAL A 102 ? 0.4218 0.3563 0.3928 0.1091  -0.0229 -0.0090 411 VAL A CG1 
841 C CG2 . VAL A 102 ? 0.4224 0.3416 0.3707 0.1140  -0.0189 -0.0182 411 VAL A CG2 
842 N N   . PHE A 103 ? 0.4220 0.4145 0.4190 0.1099  -0.0088 0.0057  412 PHE A N   
843 C CA  . PHE A 103 ? 0.4408 0.4507 0.4507 0.1127  -0.0076 0.0134  412 PHE A CA  
844 C C   . PHE A 103 ? 0.4531 0.4559 0.4685 0.1068  -0.0154 0.0158  412 PHE A C   
845 O O   . PHE A 103 ? 0.4585 0.4504 0.4710 0.0967  -0.0205 0.0125  412 PHE A O   
846 C CB  . PHE A 103 ? 0.4441 0.4820 0.4648 0.1048  -0.0026 0.0196  412 PHE A CB  
847 C CG  . PHE A 103 ? 0.4616 0.5076 0.4768 0.1083  0.0048  0.0179  412 PHE A CG  
848 C CD1 . PHE A 103 ? 0.4723 0.5311 0.4895 0.1201  0.0113  0.0208  412 PHE A CD1 
849 C CD2 . PHE A 103 ? 0.4661 0.5073 0.4746 0.0997  0.0054  0.0139  412 PHE A CD2 
850 C CE1 . PHE A 103 ? 0.4804 0.5474 0.4922 0.1225  0.0183  0.0194  412 PHE A CE1 
851 C CE2 . PHE A 103 ? 0.4722 0.5204 0.4748 0.1022  0.0117  0.0129  412 PHE A CE2 
852 C CZ  . PHE A 103 ? 0.4785 0.5398 0.4824 0.1131  0.0182  0.0156  412 PHE A CZ  
853 O O   . HOH B .   ? 0.4076 0.4117 0.4309 0.0728  -0.0246 0.0153  501 HOH A O   
854 O O   . HOH B .   ? 0.3699 0.4181 0.4133 0.0737  -0.0181 0.0307  502 HOH A O   
855 O O   . HOH B .   ? 0.4554 0.3709 0.4721 0.0258  -0.0304 -0.0094 503 HOH A O   
856 O O   . HOH B .   ? 0.5887 0.4987 0.3854 0.0369  -0.0148 0.0201  504 HOH A O   
857 O O   . HOH B .   ? 0.3588 0.3717 0.4120 -0.0387 -0.0061 -0.0128 505 HOH A O   
858 O O   . HOH B .   ? 0.4365 0.4988 0.4210 -0.0147 0.0337  0.0213  506 HOH A O   
859 O O   . HOH B .   ? 0.5327 0.3413 0.4126 0.1178  -0.0415 -0.0412 507 HOH A O   
860 O O   . HOH B .   ? 0.3175 0.3712 0.3362 -0.0450 0.0271  0.0089  508 HOH A O   
861 O O   . HOH B .   ? 0.4680 0.4677 0.4012 0.1162  0.0225  -0.0100 509 HOH A O   
862 O O   . HOH B .   ? 0.4565 0.4216 0.3190 0.0474  0.0117  0.0099  510 HOH A O   
863 O O   . HOH B .   ? 0.4122 0.4993 0.4353 -0.0358 0.0251  0.0199  511 HOH A O   
864 O O   . HOH B .   ? 0.2449 0.3195 0.2887 -0.0122 0.0003  0.0182  512 HOH A O   
865 O O   . HOH B .   ? 0.4019 0.5079 0.4390 -0.0081 0.0144  0.0275  513 HOH A O   
866 O O   . HOH B .   ? 0.2769 0.2109 0.2193 0.0636  -0.0181 -0.0173 514 HOH A O   
867 O O   . HOH B .   ? 0.2836 0.3469 0.2752 0.0135  0.0257  0.0167  515 HOH A O   
868 O O   . HOH B .   ? 0.3489 0.3749 0.3758 -0.0522 0.0261  -0.0037 516 HOH A O   
869 O O   . HOH B .   ? 0.2517 0.2527 0.2951 -0.0567 0.0249  -0.0188 517 HOH A O   
870 O O   . HOH B .   ? 0.6195 0.5590 0.4751 0.0287  -0.0001 0.0233  518 HOH A O   
871 O O   . HOH B .   ? 0.2063 0.1955 0.2608 -0.0475 0.0183  -0.0247 519 HOH A O   
872 O O   . HOH B .   ? 0.5532 0.4262 0.4792 0.0396  -0.0617 0.0147  520 HOH A O   
873 O O   . HOH B .   ? 0.4404 0.3851 0.4097 0.0515  -0.0198 -0.0158 521 HOH A O   
874 O O   . HOH B .   ? 0.7595 0.5950 0.7110 0.0629  -0.0770 -0.0201 522 HOH A O   
875 O O   . HOH B .   ? 0.5760 0.6517 0.5390 0.0158  0.0374  0.0245  523 HOH A O   
876 O O   . HOH B .   ? 0.4373 0.4485 0.4845 -0.0091 -0.0410 0.0129  524 HOH A O   
877 O O   . HOH B .   ? 0.8582 0.6862 0.6641 0.0298  -0.1040 0.0282  525 HOH A O   
878 O O   . HOH B .   ? 0.5477 0.5837 0.5725 -0.0804 0.0310  -0.0054 526 HOH A O   
879 O O   . HOH B .   ? 0.4626 0.5043 0.5163 -0.0159 -0.0305 0.0191  527 HOH A O   
880 O O   . HOH B .   ? 0.4175 0.4325 0.4519 -0.0755 0.0305  -0.0164 528 HOH A O   
881 O O   . HOH B .   ? 0.5747 0.5804 0.6217 0.0017  -0.0507 0.0227  529 HOH A O   
# 
